data_3ENU
# 
_entry.id   3ENU 
# 
_audit_conform.dict_name       mmcif_pdbx.dic 
_audit_conform.dict_version    5.399 
_audit_conform.dict_location   http://mmcif.pdb.org/dictionaries/ascii/mmcif_pdbx.dic 
# 
loop_
_database_2.database_id 
_database_2.database_code 
_database_2.pdbx_database_accession 
_database_2.pdbx_DOI 
PDB   3ENU         pdb_00003enu 10.2210/pdb3enu/pdb 
RCSB  RCSB049553   ?            ?                   
WWPDB D_1000049553 ?            ?                   
# 
loop_
_pdbx_audit_revision_history.ordinal 
_pdbx_audit_revision_history.data_content_type 
_pdbx_audit_revision_history.major_revision 
_pdbx_audit_revision_history.minor_revision 
_pdbx_audit_revision_history.revision_date 
1 'Structure model' 1 0 2009-03-31 
2 'Structure model' 1 1 2011-07-13 
3 'Structure model' 1 2 2017-10-25 
4 'Structure model' 1 3 2024-11-20 
# 
_pdbx_audit_revision_details.ordinal             1 
_pdbx_audit_revision_details.revision_ordinal    1 
_pdbx_audit_revision_details.data_content_type   'Structure model' 
_pdbx_audit_revision_details.provider            repository 
_pdbx_audit_revision_details.type                'Initial release' 
_pdbx_audit_revision_details.description         ? 
_pdbx_audit_revision_details.details             ? 
# 
loop_
_pdbx_audit_revision_group.ordinal 
_pdbx_audit_revision_group.revision_ordinal 
_pdbx_audit_revision_group.data_content_type 
_pdbx_audit_revision_group.group 
1 2 'Structure model' 'Version format compliance' 
2 3 'Structure model' 'Refinement description'    
3 4 'Structure model' 'Data collection'           
4 4 'Structure model' 'Database references'       
5 4 'Structure model' 'Structure summary'         
# 
loop_
_pdbx_audit_revision_category.ordinal 
_pdbx_audit_revision_category.revision_ordinal 
_pdbx_audit_revision_category.data_content_type 
_pdbx_audit_revision_category.category 
1 3 'Structure model' software                  
2 4 'Structure model' chem_comp_atom            
3 4 'Structure model' chem_comp_bond            
4 4 'Structure model' database_2                
5 4 'Structure model' pdbx_entry_details        
6 4 'Structure model' pdbx_modification_feature 
# 
loop_
_pdbx_audit_revision_item.ordinal 
_pdbx_audit_revision_item.revision_ordinal 
_pdbx_audit_revision_item.data_content_type 
_pdbx_audit_revision_item.item 
1 4 'Structure model' '_database_2.pdbx_DOI'                
2 4 'Structure model' '_database_2.pdbx_database_accession' 
# 
_pdbx_database_status.entry_id                        3ENU 
_pdbx_database_status.deposit_site                    RCSB 
_pdbx_database_status.process_site                    PDBJ 
_pdbx_database_status.recvd_initial_deposition_date   2008-09-26 
_pdbx_database_status.status_code                     REL 
_pdbx_database_status.status_code_sf                  REL 
_pdbx_database_status.status_code_mr                  ? 
_pdbx_database_status.SG_entry                        ? 
_pdbx_database_status.pdb_format_compatible           Y 
_pdbx_database_status.status_code_cs                  ? 
_pdbx_database_status.methods_development_category    ? 
_pdbx_database_status.status_code_nmr_data            ? 
# 
_pdbx_database_related.db_name        PDB 
_pdbx_database_related.db_id          3ENT 
_pdbx_database_related.details        'crystal structure of nitrollin in an alternate space group P65' 
_pdbx_database_related.content_type   unspecified 
# 
loop_
_audit_author.name 
_audit_author.pdbx_ordinal 
'Aravind, P.'          1 
'Sankaranarayanan, R.' 2 
# 
_citation.id                        primary 
_citation.title                     
;Three-dimensional domain swapping in nitrollin, a single-domain betagamma-crystallin from Nitrosospira multiformis, controls protein conformation and stability but not dimerization
;
_citation.journal_abbrev            J.Mol.Biol. 
_citation.journal_volume            385 
_citation.page_first                163 
_citation.page_last                 177 
_citation.year                      2009 
_citation.journal_id_ASTM           JMOBAK 
_citation.country                   UK 
_citation.journal_id_ISSN           0022-2836 
_citation.journal_id_CSD            0070 
_citation.book_publisher            ? 
_citation.pdbx_database_id_PubMed   18976659 
_citation.pdbx_database_id_DOI      10.1016/j.jmb.2008.10.035 
# 
loop_
_citation_author.citation_id 
_citation_author.name 
_citation_author.ordinal 
_citation_author.identifier_ORCID 
primary 'Aravind, P.'          1 ? 
primary 'Suman, S.K.'          2 ? 
primary 'Mishra, A.'           3 ? 
primary 'Sharma, Y.'           4 ? 
primary 'Sankaranarayanan, R.' 5 ? 
# 
loop_
_entity.id 
_entity.type 
_entity.src_method 
_entity.pdbx_description 
_entity.formula_weight 
_entity.pdbx_number_of_molecules 
_entity.pdbx_ec 
_entity.pdbx_mutation 
_entity.pdbx_fragment 
_entity.details 
1 polymer man 'Putative uncharacterized protein' 12949.712 1   ? ? 'single domain betagamma-crystallin, residues 27-140' ? 
2 water   nat water                              18.015    125 ? ? ?                                                     ? 
# 
_entity_name_com.entity_id   1 
_entity_name_com.name        Nitrollin 
# 
_entity_poly.entity_id                      1 
_entity_poly.type                           'polypeptide(L)' 
_entity_poly.nstd_linkage                   no 
_entity_poly.nstd_monomer                   no 
_entity_poly.pdbx_seq_one_letter_code       
;TIEVPVLTFVPVQVSAELENRGCWVKFFDKKNFQGDSLFLSGPATLPRLIGPFGYDWENKVRSVKVGPRANLTIFDNHNY
RDEDKFLDAGANVANLSKEMGFFDNFRSMVLNCI
;
_entity_poly.pdbx_seq_one_letter_code_can   
;TIEVPVLTFVPVQVSAELENRGCWVKFFDKKNFQGDSLFLSGPATLPRLIGPFGYDWENKVRSVKVGPRANLTIFDNHNY
RDEDKFLDAGANVANLSKEMGFFDNFRSMVLNCI
;
_entity_poly.pdbx_strand_id                 A 
_entity_poly.pdbx_target_identifier         ? 
# 
_pdbx_entity_nonpoly.entity_id   2 
_pdbx_entity_nonpoly.name        water 
_pdbx_entity_nonpoly.comp_id     HOH 
# 
loop_
_entity_poly_seq.entity_id 
_entity_poly_seq.num 
_entity_poly_seq.mon_id 
_entity_poly_seq.hetero 
1 1   THR n 
1 2   ILE n 
1 3   GLU n 
1 4   VAL n 
1 5   PRO n 
1 6   VAL n 
1 7   LEU n 
1 8   THR n 
1 9   PHE n 
1 10  VAL n 
1 11  PRO n 
1 12  VAL n 
1 13  GLN n 
1 14  VAL n 
1 15  SER n 
1 16  ALA n 
1 17  GLU n 
1 18  LEU n 
1 19  GLU n 
1 20  ASN n 
1 21  ARG n 
1 22  GLY n 
1 23  CYS n 
1 24  TRP n 
1 25  VAL n 
1 26  LYS n 
1 27  PHE n 
1 28  PHE n 
1 29  ASP n 
1 30  LYS n 
1 31  LYS n 
1 32  ASN n 
1 33  PHE n 
1 34  GLN n 
1 35  GLY n 
1 36  ASP n 
1 37  SER n 
1 38  LEU n 
1 39  PHE n 
1 40  LEU n 
1 41  SER n 
1 42  GLY n 
1 43  PRO n 
1 44  ALA n 
1 45  THR n 
1 46  LEU n 
1 47  PRO n 
1 48  ARG n 
1 49  LEU n 
1 50  ILE n 
1 51  GLY n 
1 52  PRO n 
1 53  PHE n 
1 54  GLY n 
1 55  TYR n 
1 56  ASP n 
1 57  TRP n 
1 58  GLU n 
1 59  ASN n 
1 60  LYS n 
1 61  VAL n 
1 62  ARG n 
1 63  SER n 
1 64  VAL n 
1 65  LYS n 
1 66  VAL n 
1 67  GLY n 
1 68  PRO n 
1 69  ARG n 
1 70  ALA n 
1 71  ASN n 
1 72  LEU n 
1 73  THR n 
1 74  ILE n 
1 75  PHE n 
1 76  ASP n 
1 77  ASN n 
1 78  HIS n 
1 79  ASN n 
1 80  TYR n 
1 81  ARG n 
1 82  ASP n 
1 83  GLU n 
1 84  ASP n 
1 85  LYS n 
1 86  PHE n 
1 87  LEU n 
1 88  ASP n 
1 89  ALA n 
1 90  GLY n 
1 91  ALA n 
1 92  ASN n 
1 93  VAL n 
1 94  ALA n 
1 95  ASN n 
1 96  LEU n 
1 97  SER n 
1 98  LYS n 
1 99  GLU n 
1 100 MET n 
1 101 GLY n 
1 102 PHE n 
1 103 PHE n 
1 104 ASP n 
1 105 ASN n 
1 106 PHE n 
1 107 ARG n 
1 108 SER n 
1 109 MET n 
1 110 VAL n 
1 111 LEU n 
1 112 ASN n 
1 113 CYS n 
1 114 ILE n 
# 
_entity_src_gen.entity_id                          1 
_entity_src_gen.pdbx_src_id                        1 
_entity_src_gen.pdbx_alt_source_flag               sample 
_entity_src_gen.pdbx_seq_type                      ? 
_entity_src_gen.pdbx_beg_seq_num                   ? 
_entity_src_gen.pdbx_end_seq_num                   ? 
_entity_src_gen.gene_src_common_name               ? 
_entity_src_gen.gene_src_genus                     ? 
_entity_src_gen.pdbx_gene_src_gene                 3786576 
_entity_src_gen.gene_src_species                   ? 
_entity_src_gen.gene_src_strain                    'ATCC 25196' 
_entity_src_gen.gene_src_tissue                    ? 
_entity_src_gen.gene_src_tissue_fraction           ? 
_entity_src_gen.gene_src_details                   ? 
_entity_src_gen.pdbx_gene_src_fragment             ? 
_entity_src_gen.pdbx_gene_src_scientific_name      'Nitrosospira multiformis' 
_entity_src_gen.pdbx_gene_src_ncbi_taxonomy_id     323848 
_entity_src_gen.pdbx_gene_src_variant              ? 
_entity_src_gen.pdbx_gene_src_cell_line            ? 
_entity_src_gen.pdbx_gene_src_atcc                 ? 
_entity_src_gen.pdbx_gene_src_organ                ? 
_entity_src_gen.pdbx_gene_src_organelle            ? 
_entity_src_gen.pdbx_gene_src_cell                 ? 
_entity_src_gen.pdbx_gene_src_cellular_location    ? 
_entity_src_gen.host_org_common_name               ? 
_entity_src_gen.pdbx_host_org_scientific_name      'Escherichia coli' 
_entity_src_gen.pdbx_host_org_ncbi_taxonomy_id     562 
_entity_src_gen.host_org_genus                     ? 
_entity_src_gen.pdbx_host_org_gene                 ? 
_entity_src_gen.pdbx_host_org_organ                ? 
_entity_src_gen.host_org_species                   ? 
_entity_src_gen.pdbx_host_org_tissue               ? 
_entity_src_gen.pdbx_host_org_tissue_fraction      ? 
_entity_src_gen.pdbx_host_org_strain               'BL21(DE3)' 
_entity_src_gen.pdbx_host_org_variant              ? 
_entity_src_gen.pdbx_host_org_cell_line            ? 
_entity_src_gen.pdbx_host_org_atcc                 ? 
_entity_src_gen.pdbx_host_org_culture_collection   ? 
_entity_src_gen.pdbx_host_org_cell                 ? 
_entity_src_gen.pdbx_host_org_organelle            ? 
_entity_src_gen.pdbx_host_org_cellular_location    ? 
_entity_src_gen.pdbx_host_org_vector_type          plasmid 
_entity_src_gen.pdbx_host_org_vector               ? 
_entity_src_gen.host_org_details                   ? 
_entity_src_gen.expression_system_id               ? 
_entity_src_gen.plasmid_name                       pET21a 
_entity_src_gen.plasmid_details                    ? 
_entity_src_gen.pdbx_description                   ? 
# 
loop_
_chem_comp.id 
_chem_comp.type 
_chem_comp.mon_nstd_flag 
_chem_comp.name 
_chem_comp.pdbx_synonyms 
_chem_comp.formula 
_chem_comp.formula_weight 
ALA 'L-peptide linking' y ALANINE         ? 'C3 H7 N O2'     89.093  
ARG 'L-peptide linking' y ARGININE        ? 'C6 H15 N4 O2 1' 175.209 
ASN 'L-peptide linking' y ASPARAGINE      ? 'C4 H8 N2 O3'    132.118 
ASP 'L-peptide linking' y 'ASPARTIC ACID' ? 'C4 H7 N O4'     133.103 
CYS 'L-peptide linking' y CYSTEINE        ? 'C3 H7 N O2 S'   121.158 
GLN 'L-peptide linking' y GLUTAMINE       ? 'C5 H10 N2 O3'   146.144 
GLU 'L-peptide linking' y 'GLUTAMIC ACID' ? 'C5 H9 N O4'     147.129 
GLY 'peptide linking'   y GLYCINE         ? 'C2 H5 N O2'     75.067  
HIS 'L-peptide linking' y HISTIDINE       ? 'C6 H10 N3 O2 1' 156.162 
HOH non-polymer         . WATER           ? 'H2 O'           18.015  
ILE 'L-peptide linking' y ISOLEUCINE      ? 'C6 H13 N O2'    131.173 
LEU 'L-peptide linking' y LEUCINE         ? 'C6 H13 N O2'    131.173 
LYS 'L-peptide linking' y LYSINE          ? 'C6 H15 N2 O2 1' 147.195 
MET 'L-peptide linking' y METHIONINE      ? 'C5 H11 N O2 S'  149.211 
PHE 'L-peptide linking' y PHENYLALANINE   ? 'C9 H11 N O2'    165.189 
PRO 'L-peptide linking' y PROLINE         ? 'C5 H9 N O2'     115.130 
SER 'L-peptide linking' y SERINE          ? 'C3 H7 N O3'     105.093 
THR 'L-peptide linking' y THREONINE       ? 'C4 H9 N O3'     119.119 
TRP 'L-peptide linking' y TRYPTOPHAN      ? 'C11 H12 N2 O2'  204.225 
TYR 'L-peptide linking' y TYROSINE        ? 'C9 H11 N O3'    181.189 
VAL 'L-peptide linking' y VALINE          ? 'C5 H11 N O2'    117.146 
# 
loop_
_pdbx_poly_seq_scheme.asym_id 
_pdbx_poly_seq_scheme.entity_id 
_pdbx_poly_seq_scheme.seq_id 
_pdbx_poly_seq_scheme.mon_id 
_pdbx_poly_seq_scheme.ndb_seq_num 
_pdbx_poly_seq_scheme.pdb_seq_num 
_pdbx_poly_seq_scheme.auth_seq_num 
_pdbx_poly_seq_scheme.pdb_mon_id 
_pdbx_poly_seq_scheme.auth_mon_id 
_pdbx_poly_seq_scheme.pdb_strand_id 
_pdbx_poly_seq_scheme.pdb_ins_code 
_pdbx_poly_seq_scheme.hetero 
A 1 1   THR 1   27  27  THR THR A . n 
A 1 2   ILE 2   28  28  ILE ILE A . n 
A 1 3   GLU 3   29  29  GLU GLU A . n 
A 1 4   VAL 4   30  30  VAL VAL A . n 
A 1 5   PRO 5   31  31  PRO PRO A . n 
A 1 6   VAL 6   32  32  VAL VAL A . n 
A 1 7   LEU 7   33  33  LEU LEU A . n 
A 1 8   THR 8   34  34  THR THR A . n 
A 1 9   PHE 9   35  35  PHE PHE A . n 
A 1 10  VAL 10  36  36  VAL VAL A . n 
A 1 11  PRO 11  37  37  PRO PRO A . n 
A 1 12  VAL 12  38  38  VAL VAL A . n 
A 1 13  GLN 13  39  39  GLN GLN A . n 
A 1 14  VAL 14  40  40  VAL VAL A . n 
A 1 15  SER 15  41  41  SER SER A . n 
A 1 16  ALA 16  42  42  ALA ALA A . n 
A 1 17  GLU 17  43  43  GLU GLU A . n 
A 1 18  LEU 18  44  44  LEU LEU A . n 
A 1 19  GLU 19  45  45  GLU GLU A . n 
A 1 20  ASN 20  46  46  ASN ASN A . n 
A 1 21  ARG 21  47  47  ARG ARG A . n 
A 1 22  GLY 22  48  48  GLY GLY A . n 
A 1 23  CYS 23  49  49  CYS CYS A . n 
A 1 24  TRP 24  50  50  TRP TRP A . n 
A 1 25  VAL 25  51  51  VAL VAL A . n 
A 1 26  LYS 26  52  52  LYS LYS A . n 
A 1 27  PHE 27  53  53  PHE PHE A . n 
A 1 28  PHE 28  54  54  PHE PHE A . n 
A 1 29  ASP 29  55  55  ASP ASP A . n 
A 1 30  LYS 30  56  56  LYS LYS A . n 
A 1 31  LYS 31  57  57  LYS LYS A . n 
A 1 32  ASN 32  58  58  ASN ASN A . n 
A 1 33  PHE 33  59  59  PHE PHE A . n 
A 1 34  GLN 34  60  60  GLN GLN A . n 
A 1 35  GLY 35  61  61  GLY GLY A . n 
A 1 36  ASP 36  62  62  ASP ASP A . n 
A 1 37  SER 37  63  63  SER SER A . n 
A 1 38  LEU 38  64  64  LEU LEU A . n 
A 1 39  PHE 39  65  65  PHE PHE A . n 
A 1 40  LEU 40  66  66  LEU LEU A . n 
A 1 41  SER 41  67  67  SER SER A . n 
A 1 42  GLY 42  68  68  GLY GLY A . n 
A 1 43  PRO 43  69  69  PRO PRO A . n 
A 1 44  ALA 44  70  70  ALA ALA A . n 
A 1 45  THR 45  71  71  THR THR A . n 
A 1 46  LEU 46  72  72  LEU LEU A . n 
A 1 47  PRO 47  73  73  PRO PRO A . n 
A 1 48  ARG 48  74  74  ARG ARG A . n 
A 1 49  LEU 49  75  75  LEU LEU A . n 
A 1 50  ILE 50  76  76  ILE ILE A . n 
A 1 51  GLY 51  77  77  GLY GLY A . n 
A 1 52  PRO 52  78  78  PRO PRO A . n 
A 1 53  PHE 53  79  79  PHE PHE A . n 
A 1 54  GLY 54  80  80  GLY GLY A . n 
A 1 55  TYR 55  81  81  TYR TYR A . n 
A 1 56  ASP 56  82  82  ASP ASP A . n 
A 1 57  TRP 57  83  83  TRP TRP A . n 
A 1 58  GLU 58  84  84  GLU GLU A . n 
A 1 59  ASN 59  85  85  ASN ASN A . n 
A 1 60  LYS 60  86  86  LYS LYS A . n 
A 1 61  VAL 61  87  87  VAL VAL A . n 
A 1 62  ARG 62  88  88  ARG ARG A . n 
A 1 63  SER 63  89  89  SER SER A . n 
A 1 64  VAL 64  90  90  VAL VAL A . n 
A 1 65  LYS 65  91  91  LYS LYS A . n 
A 1 66  VAL 66  92  92  VAL VAL A . n 
A 1 67  GLY 67  93  93  GLY GLY A . n 
A 1 68  PRO 68  94  94  PRO PRO A . n 
A 1 69  ARG 69  95  95  ARG ARG A . n 
A 1 70  ALA 70  96  96  ALA ALA A . n 
A 1 71  ASN 71  97  97  ASN ASN A . n 
A 1 72  LEU 72  98  98  LEU LEU A . n 
A 1 73  THR 73  99  99  THR THR A . n 
A 1 74  ILE 74  100 100 ILE ILE A . n 
A 1 75  PHE 75  101 101 PHE PHE A . n 
A 1 76  ASP 76  102 102 ASP ASP A . n 
A 1 77  ASN 77  103 103 ASN ASN A . n 
A 1 78  HIS 78  104 104 HIS HIS A . n 
A 1 79  ASN 79  105 105 ASN ASN A . n 
A 1 80  TYR 80  106 106 TYR TYR A . n 
A 1 81  ARG 81  107 107 ARG ARG A . n 
A 1 82  ASP 82  108 108 ASP ASP A . n 
A 1 83  GLU 83  109 109 GLU GLU A . n 
A 1 84  ASP 84  110 110 ASP ASP A . n 
A 1 85  LYS 85  111 111 LYS LYS A . n 
A 1 86  PHE 86  112 112 PHE PHE A . n 
A 1 87  LEU 87  113 113 LEU LEU A . n 
A 1 88  ASP 88  114 114 ASP ASP A . n 
A 1 89  ALA 89  115 115 ALA ALA A . n 
A 1 90  GLY 90  116 116 GLY GLY A . n 
A 1 91  ALA 91  117 117 ALA ALA A . n 
A 1 92  ASN 92  118 118 ASN ASN A . n 
A 1 93  VAL 93  119 119 VAL VAL A . n 
A 1 94  ALA 94  120 120 ALA ALA A . n 
A 1 95  ASN 95  121 121 ASN ASN A . n 
A 1 96  LEU 96  122 122 LEU LEU A . n 
A 1 97  SER 97  123 123 SER SER A . n 
A 1 98  LYS 98  124 124 LYS LYS A . n 
A 1 99  GLU 99  125 125 GLU GLU A . n 
A 1 100 MET 100 126 126 MET MET A . n 
A 1 101 GLY 101 127 127 GLY GLY A . n 
A 1 102 PHE 102 128 128 PHE PHE A . n 
A 1 103 PHE 103 129 129 PHE PHE A . n 
A 1 104 ASP 104 130 130 ASP ASP A . n 
A 1 105 ASN 105 131 131 ASN ASN A . n 
A 1 106 PHE 106 132 132 PHE PHE A . n 
A 1 107 ARG 107 133 133 ARG ARG A . n 
A 1 108 SER 108 134 134 SER SER A . n 
A 1 109 MET 109 135 135 MET MET A . n 
A 1 110 VAL 110 136 136 VAL VAL A . n 
A 1 111 LEU 111 137 137 LEU LEU A . n 
A 1 112 ASN 112 138 138 ASN ASN A . n 
A 1 113 CYS 113 139 139 CYS CYS A . n 
A 1 114 ILE 114 140 140 ILE ILE A . n 
# 
loop_
_pdbx_nonpoly_scheme.asym_id 
_pdbx_nonpoly_scheme.entity_id 
_pdbx_nonpoly_scheme.mon_id 
_pdbx_nonpoly_scheme.ndb_seq_num 
_pdbx_nonpoly_scheme.pdb_seq_num 
_pdbx_nonpoly_scheme.auth_seq_num 
_pdbx_nonpoly_scheme.pdb_mon_id 
_pdbx_nonpoly_scheme.auth_mon_id 
_pdbx_nonpoly_scheme.pdb_strand_id 
_pdbx_nonpoly_scheme.pdb_ins_code 
B 2 HOH 1   141 1   HOH HOH A . 
B 2 HOH 2   142 2   HOH HOH A . 
B 2 HOH 3   143 3   HOH HOH A . 
B 2 HOH 4   144 4   HOH HOH A . 
B 2 HOH 5   145 5   HOH HOH A . 
B 2 HOH 6   146 6   HOH HOH A . 
B 2 HOH 7   147 7   HOH HOH A . 
B 2 HOH 8   148 8   HOH HOH A . 
B 2 HOH 9   149 9   HOH HOH A . 
B 2 HOH 10  150 10  HOH HOH A . 
B 2 HOH 11  151 11  HOH HOH A . 
B 2 HOH 12  152 12  HOH HOH A . 
B 2 HOH 13  153 13  HOH HOH A . 
B 2 HOH 14  154 14  HOH HOH A . 
B 2 HOH 15  155 15  HOH HOH A . 
B 2 HOH 16  156 16  HOH HOH A . 
B 2 HOH 17  157 17  HOH HOH A . 
B 2 HOH 18  158 18  HOH HOH A . 
B 2 HOH 19  159 19  HOH HOH A . 
B 2 HOH 20  160 20  HOH HOH A . 
B 2 HOH 21  161 21  HOH HOH A . 
B 2 HOH 22  162 22  HOH HOH A . 
B 2 HOH 23  163 23  HOH HOH A . 
B 2 HOH 24  164 24  HOH HOH A . 
B 2 HOH 25  165 25  HOH HOH A . 
B 2 HOH 26  166 26  HOH HOH A . 
B 2 HOH 27  167 27  HOH HOH A . 
B 2 HOH 28  168 28  HOH HOH A . 
B 2 HOH 29  169 29  HOH HOH A . 
B 2 HOH 30  170 30  HOH HOH A . 
B 2 HOH 31  171 31  HOH HOH A . 
B 2 HOH 32  172 32  HOH HOH A . 
B 2 HOH 33  173 33  HOH HOH A . 
B 2 HOH 34  174 34  HOH HOH A . 
B 2 HOH 35  175 35  HOH HOH A . 
B 2 HOH 36  176 36  HOH HOH A . 
B 2 HOH 37  177 37  HOH HOH A . 
B 2 HOH 38  178 38  HOH HOH A . 
B 2 HOH 39  179 39  HOH HOH A . 
B 2 HOH 40  180 40  HOH HOH A . 
B 2 HOH 41  181 41  HOH HOH A . 
B 2 HOH 42  182 42  HOH HOH A . 
B 2 HOH 43  183 43  HOH HOH A . 
B 2 HOH 44  184 44  HOH HOH A . 
B 2 HOH 45  185 45  HOH HOH A . 
B 2 HOH 46  186 46  HOH HOH A . 
B 2 HOH 47  187 47  HOH HOH A . 
B 2 HOH 48  188 48  HOH HOH A . 
B 2 HOH 49  189 49  HOH HOH A . 
B 2 HOH 50  190 50  HOH HOH A . 
B 2 HOH 51  191 51  HOH HOH A . 
B 2 HOH 52  192 52  HOH HOH A . 
B 2 HOH 53  193 53  HOH HOH A . 
B 2 HOH 54  194 54  HOH HOH A . 
B 2 HOH 55  195 55  HOH HOH A . 
B 2 HOH 56  196 56  HOH HOH A . 
B 2 HOH 57  197 57  HOH HOH A . 
B 2 HOH 58  198 58  HOH HOH A . 
B 2 HOH 59  199 59  HOH HOH A . 
B 2 HOH 60  200 60  HOH HOH A . 
B 2 HOH 61  201 61  HOH HOH A . 
B 2 HOH 62  202 62  HOH HOH A . 
B 2 HOH 63  203 63  HOH HOH A . 
B 2 HOH 64  204 64  HOH HOH A . 
B 2 HOH 65  205 65  HOH HOH A . 
B 2 HOH 66  206 66  HOH HOH A . 
B 2 HOH 67  207 67  HOH HOH A . 
B 2 HOH 68  208 68  HOH HOH A . 
B 2 HOH 69  209 69  HOH HOH A . 
B 2 HOH 70  210 70  HOH HOH A . 
B 2 HOH 71  211 71  HOH HOH A . 
B 2 HOH 72  212 72  HOH HOH A . 
B 2 HOH 73  213 73  HOH HOH A . 
B 2 HOH 74  214 74  HOH HOH A . 
B 2 HOH 75  215 75  HOH HOH A . 
B 2 HOH 76  216 76  HOH HOH A . 
B 2 HOH 77  217 77  HOH HOH A . 
B 2 HOH 78  218 78  HOH HOH A . 
B 2 HOH 79  219 79  HOH HOH A . 
B 2 HOH 80  220 80  HOH HOH A . 
B 2 HOH 81  221 81  HOH HOH A . 
B 2 HOH 82  222 82  HOH HOH A . 
B 2 HOH 83  223 83  HOH HOH A . 
B 2 HOH 84  224 84  HOH HOH A . 
B 2 HOH 85  225 85  HOH HOH A . 
B 2 HOH 86  226 86  HOH HOH A . 
B 2 HOH 87  227 87  HOH HOH A . 
B 2 HOH 88  228 88  HOH HOH A . 
B 2 HOH 89  229 89  HOH HOH A . 
B 2 HOH 90  230 90  HOH HOH A . 
B 2 HOH 91  231 91  HOH HOH A . 
B 2 HOH 92  232 92  HOH HOH A . 
B 2 HOH 93  233 93  HOH HOH A . 
B 2 HOH 94  234 94  HOH HOH A . 
B 2 HOH 95  235 95  HOH HOH A . 
B 2 HOH 96  236 96  HOH HOH A . 
B 2 HOH 97  237 97  HOH HOH A . 
B 2 HOH 98  238 98  HOH HOH A . 
B 2 HOH 99  239 99  HOH HOH A . 
B 2 HOH 100 240 100 HOH HOH A . 
B 2 HOH 101 241 101 HOH HOH A . 
B 2 HOH 102 242 102 HOH HOH A . 
B 2 HOH 103 243 103 HOH HOH A . 
B 2 HOH 104 244 104 HOH HOH A . 
B 2 HOH 105 245 105 HOH HOH A . 
B 2 HOH 106 246 106 HOH HOH A . 
B 2 HOH 107 247 107 HOH HOH A . 
B 2 HOH 108 248 108 HOH HOH A . 
B 2 HOH 109 249 109 HOH HOH A . 
B 2 HOH 110 250 110 HOH HOH A . 
B 2 HOH 111 251 111 HOH HOH A . 
B 2 HOH 112 252 112 HOH HOH A . 
B 2 HOH 113 253 113 HOH HOH A . 
B 2 HOH 114 254 114 HOH HOH A . 
B 2 HOH 115 255 115 HOH HOH A . 
B 2 HOH 116 256 116 HOH HOH A . 
B 2 HOH 117 257 117 HOH HOH A . 
B 2 HOH 118 258 118 HOH HOH A . 
B 2 HOH 119 259 119 HOH HOH A . 
B 2 HOH 120 260 120 HOH HOH A . 
B 2 HOH 121 261 121 HOH HOH A . 
B 2 HOH 122 262 122 HOH HOH A . 
B 2 HOH 123 263 123 HOH HOH A . 
B 2 HOH 124 264 124 HOH HOH A . 
B 2 HOH 125 265 125 HOH HOH A . 
# 
loop_
_software.name 
_software.version 
_software.date 
_software.type 
_software.contact_author 
_software.contact_author_email 
_software.classification 
_software.location 
_software.language 
_software.citation_id 
_software.pdbx_ordinal 
DENZO       .     ?               package 'Zbyszek Otwinowski' hkl@hkl-xray.com      'data reduction'  http://www.hkl-xray.com/ ? 
? 1 
SCALEPACK   .     ?               package 'Zbyszek Otwinowski' hkl@hkl-xray.com      'data scaling'    http://www.hkl-xray.com/ ? 
? 2 
SOLVE       2.10  8-Jun-2005      program 'Tom Terwilliger'    terwilliger@LANL.gov  phasing           http://www.solve.lanl.gov/ 
?          ? 3 
CNS         .     ?               package 'Axel T. Brunger'    axel.brunger@yale.edu refinement        http://cns-online.org/ 
Fortran_77 ? 4 
PDB_EXTRACT 3.006 'June 11, 2008' package PDB                  help@deposit.rcsb.org 'data extraction' 
http://sw-tools.pdb.org/apps/PDB_EXTRACT/ C++        ? 5 
MAR345dtb   .     ?               ?       ?                    ?                     'data collection' ? ?          ? 6 
# 
_cell.length_a           46.257 
_cell.length_b           80.903 
_cell.length_c           32.137 
_cell.angle_alpha        90.000 
_cell.angle_beta         90.000 
_cell.angle_gamma        90.000 
_cell.entry_id           3ENU 
_cell.pdbx_unique_axis   ? 
_cell.Z_PDB              4 
_cell.length_a_esd       ? 
_cell.length_b_esd       ? 
_cell.length_c_esd       ? 
_cell.angle_alpha_esd    ? 
_cell.angle_beta_esd     ? 
_cell.angle_gamma_esd    ? 
# 
_symmetry.space_group_name_H-M             'P 21 21 2' 
_symmetry.entry_id                         3ENU 
_symmetry.Int_Tables_number                18 
_symmetry.pdbx_full_space_group_name_H-M   ? 
_symmetry.cell_setting                     ? 
_symmetry.space_group_name_Hall            ? 
# 
_exptl.crystals_number   1 
_exptl.entry_id          3ENU 
_exptl.method            'X-RAY DIFFRACTION' 
# 
_exptl_crystal.id                    1 
_exptl_crystal.pdbx_mosaicity        0.486 
_exptl_crystal.pdbx_mosaicity_esd    ? 
_exptl_crystal.density_Matthews      2.32 
_exptl_crystal.density_diffrn        ? 
_exptl_crystal.density_meas          ? 
_exptl_crystal.density_meas_temp     ? 
_exptl_crystal.density_percent_sol   47.02 
_exptl_crystal.size_max              ? 
_exptl_crystal.size_mid              ? 
_exptl_crystal.size_min              ? 
_exptl_crystal.size_rad              ? 
_exptl_crystal.description           ? 
_exptl_crystal.F_000                 ? 
_exptl_crystal.preparation           ? 
# 
_exptl_crystal_grow.crystal_id      1 
_exptl_crystal_grow.method          'VAPOR DIFFUSION, SITTING DROP' 
_exptl_crystal_grow.pH              ? 
_exptl_crystal_grow.temp            277 
_exptl_crystal_grow.pdbx_details    '20% PEG3350, 0.2M Naformate, vapor diffusion, sitting drop, temperature 277K' 
_exptl_crystal_grow.temp_details    ? 
_exptl_crystal_grow.pdbx_pH_range   . 
# 
_diffrn.id                     1 
_diffrn.ambient_temp           100 
_diffrn.ambient_temp_details   ? 
_diffrn.crystal_id             1 
# 
_diffrn_detector.diffrn_id              1 
_diffrn_detector.detector               'IMAGE PLATE' 
_diffrn_detector.type                   'MAR 345dtb' 
_diffrn_detector.pdbx_collection_date   2007-10-04 
_diffrn_detector.details                ? 
# 
_diffrn_radiation.diffrn_id                        1 
_diffrn_radiation.pdbx_diffrn_protocol             'SINGLE WAVELENGTH' 
_diffrn_radiation.monochromator                    ? 
_diffrn_radiation.wavelength_id                    1 
_diffrn_radiation.pdbx_monochromatic_or_laue_m_l   M 
_diffrn_radiation.pdbx_scattering_type             x-ray 
# 
_diffrn_radiation_wavelength.id           1 
_diffrn_radiation_wavelength.wavelength   1.5418 
_diffrn_radiation_wavelength.wt           1.0 
# 
_diffrn_source.diffrn_id                   1 
_diffrn_source.source                      'ROTATING ANODE' 
_diffrn_source.type                        'RIGAKU RUH3R' 
_diffrn_source.pdbx_wavelength_list        1.5418 
_diffrn_source.pdbx_wavelength             ? 
_diffrn_source.pdbx_synchrotron_site       ? 
_diffrn_source.pdbx_synchrotron_beamline   ? 
# 
_reflns.entry_id                     3ENU 
_reflns.d_resolution_high            1.860 
_reflns.d_resolution_low             25.000 
_reflns.number_obs                   10654 
_reflns.pdbx_Rmerge_I_obs            0.046 
_reflns.pdbx_netI_over_sigmaI        40.150 
_reflns.pdbx_chi_squared             1.109 
_reflns.pdbx_redundancy              6.600 
_reflns.percent_possible_obs         99.800 
_reflns.observed_criterion_sigma_F   ? 
_reflns.observed_criterion_sigma_I   ? 
_reflns.number_all                   ? 
_reflns.pdbx_Rsym_value              ? 
_reflns.B_iso_Wilson_estimate        ? 
_reflns.R_free_details               ? 
_reflns.limit_h_max                  ? 
_reflns.limit_h_min                  ? 
_reflns.limit_k_max                  ? 
_reflns.limit_k_min                  ? 
_reflns.limit_l_max                  ? 
_reflns.limit_l_min                  ? 
_reflns.observed_criterion_F_max     ? 
_reflns.observed_criterion_F_min     ? 
_reflns.pdbx_scaling_rejects         ? 
_reflns.pdbx_diffrn_id               1 
_reflns.pdbx_ordinal                 1 
# 
loop_
_reflns_shell.d_res_high 
_reflns_shell.d_res_low 
_reflns_shell.number_measured_obs 
_reflns_shell.number_measured_all 
_reflns_shell.number_unique_obs 
_reflns_shell.Rmerge_I_obs 
_reflns_shell.meanI_over_sigI_obs 
_reflns_shell.pdbx_Rsym_value 
_reflns_shell.pdbx_chi_squared 
_reflns_shell.pdbx_redundancy 
_reflns_shell.percent_possible_obs 
_reflns_shell.number_unique_all 
_reflns_shell.percent_possible_all 
_reflns_shell.pdbx_diffrn_id 
_reflns_shell.pdbx_ordinal 
1.86 1.93  ? ? ? 0.120 ? ? 0.868 6.20 ? 1015 97.80  ? 1  
1.93 2.00  ? ? ? 0.090 ? ? 0.916 6.60 ? 1045 100.00 ? 2  
2.00 2.09  ? ? ? 0.077 ? ? 0.954 6.60 ? 1044 100.00 ? 3  
2.09 2.21  ? ? ? 0.068 ? ? 0.958 6.70 ? 1040 100.00 ? 4  
2.21 2.34  ? ? ? 0.059 ? ? 1.060 6.70 ? 1063 100.00 ? 5  
2.34 2.52  ? ? ? 0.054 ? ? 1.031 6.70 ? 1045 100.00 ? 6  
2.52 2.78  ? ? ? 0.050 ? ? 1.178 6.80 ? 1054 100.00 ? 7  
2.78 3.18  ? ? ? 0.042 ? ? 1.150 6.70 ? 1087 100.00 ? 8  
3.18 4.00  ? ? ? 0.033 ? ? 1.286 6.60 ? 1092 99.80  ? 9  
4.00 25.00 ? ? ? 0.030 ? ? 1.625 6.30 ? 1169 100.00 ? 10 
# 
_refine.entry_id                                 3ENU 
_refine.ls_d_res_high                            1.860 
_refine.ls_d_res_low                             25.000 
_refine.pdbx_ls_sigma_F                          0.00 
_refine.ls_percent_reflns_obs                    99.700 
_refine.ls_number_reflns_obs                     10624 
_refine.ls_R_factor_R_work                       0.181 
_refine.ls_R_factor_R_free                       0.219 
_refine.ls_percent_reflns_R_free                 5.100 
_refine.ls_number_reflns_R_free                  539 
_refine.B_iso_mean                               11.501 
_refine.solvent_model_param_bsol                 42.540 
_refine.aniso_B[1][1]                            -0.403 
_refine.aniso_B[2][2]                            0.100 
_refine.aniso_B[3][3]                            0.304 
_refine.aniso_B[1][2]                            0.000 
_refine.aniso_B[1][3]                            0.000 
_refine.aniso_B[2][3]                            0.000 
_refine.pdbx_method_to_determine_struct          MIRAS 
_refine.overall_FOM_work_R_set                   0.874 
_refine.B_iso_max                                44.65 
_refine.B_iso_min                                3.00 
_refine.occupancy_max                            1.00 
_refine.occupancy_min                            1.00 
_refine.pdbx_ls_sigma_I                          ? 
_refine.ls_number_reflns_all                     ? 
_refine.ls_R_factor_all                          ? 
_refine.ls_R_factor_obs                          ? 
_refine.ls_redundancy_reflns_obs                 ? 
_refine.pdbx_data_cutoff_high_absF               ? 
_refine.pdbx_data_cutoff_low_absF                ? 
_refine.ls_number_parameters                     ? 
_refine.ls_number_restraints                     ? 
_refine.ls_R_factor_R_free_error                 ? 
_refine.ls_R_factor_R_free_error_details         ? 
_refine.pdbx_starting_model                      ? 
_refine.pdbx_ls_cross_valid_method               ? 
_refine.pdbx_R_Free_selection_details            ? 
_refine.pdbx_stereochem_target_val_spec_case     ? 
_refine.pdbx_stereochemistry_target_values       ? 
_refine.solvent_model_details                    ? 
_refine.solvent_model_param_ksol                 ? 
_refine.pdbx_isotropic_thermal_model             ? 
_refine.details                                  ? 
_refine.correlation_coeff_Fo_to_Fc               ? 
_refine.correlation_coeff_Fo_to_Fc_free          ? 
_refine.pdbx_solvent_vdw_probe_radii             ? 
_refine.pdbx_solvent_ion_probe_radii             ? 
_refine.pdbx_solvent_shrinkage_radii             ? 
_refine.overall_SU_R_Cruickshank_DPI             ? 
_refine.overall_SU_R_free                        ? 
_refine.overall_SU_ML                            ? 
_refine.overall_SU_B                             ? 
_refine.pdbx_overall_ESU_R_Free                  ? 
_refine.pdbx_data_cutoff_high_rms_absF           ? 
_refine.pdbx_overall_ESU_R                       ? 
_refine.ls_wR_factor_R_free                      ? 
_refine.ls_wR_factor_R_work                      ? 
_refine.overall_FOM_free_R_set                   ? 
_refine.pdbx_refine_id                           'X-RAY DIFFRACTION' 
_refine.pdbx_overall_phase_error                 ? 
_refine.pdbx_diffrn_id                           1 
_refine.pdbx_TLS_residual_ADP_flag               ? 
_refine.pdbx_overall_SU_R_free_Cruickshank_DPI   ? 
_refine.pdbx_overall_SU_R_Blow_DPI               ? 
_refine.pdbx_overall_SU_R_free_Blow_DPI          ? 
# 
_refine_hist.pdbx_refine_id                   'X-RAY DIFFRACTION' 
_refine_hist.cycle_id                         LAST 
_refine_hist.pdbx_number_atoms_protein        914 
_refine_hist.pdbx_number_atoms_nucleic_acid   0 
_refine_hist.pdbx_number_atoms_ligand         0 
_refine_hist.number_atoms_solvent             125 
_refine_hist.number_atoms_total               1039 
_refine_hist.d_res_high                       1.860 
_refine_hist.d_res_low                        25.000 
# 
loop_
_refine_ls_restr.type 
_refine_ls_restr.number 
_refine_ls_restr.dev_ideal 
_refine_ls_restr.dev_ideal_target 
_refine_ls_restr.weight 
_refine_ls_restr.pdbx_refine_id 
_refine_ls_restr.pdbx_restraint_function 
c_mcbond_it  ? 1.072    1.500 ? 'X-RAY DIFFRACTION' ? 
c_scbond_it  ? 2.179    2.000 ? 'X-RAY DIFFRACTION' ? 
c_mcangle_it ? 1.543    2.000 ? 'X-RAY DIFFRACTION' ? 
c_scangle_it ? 3.251    2.500 ? 'X-RAY DIFFRACTION' ? 
c_bond_d     ? 0.004884 ?     ? 'X-RAY DIFFRACTION' ? 
c_angle_deg  ? 1.34785  ?     ? 'X-RAY DIFFRACTION' ? 
# 
loop_
_pdbx_xplor_file.serial_no 
_pdbx_xplor_file.param_file 
_pdbx_xplor_file.topol_file 
_pdbx_xplor_file.pdbx_refine_id 
1 protein_rep.param ? 'X-RAY DIFFRACTION' 
2 water_rep.param   ? 'X-RAY DIFFRACTION' 
# 
_struct.entry_id                  3ENU 
_struct.title                     'Crystal structure of Nitrollin, a betagamma-crystallin from Nitrosospira multiformis' 
_struct.pdbx_model_details        ? 
_struct.pdbx_CASP_flag            ? 
_struct.pdbx_model_type_details   ? 
# 
_struct_keywords.entry_id        3ENU 
_struct_keywords.text            'betagamma crystallin, STRUCTURAL PROTEIN' 
_struct_keywords.pdbx_keywords   'STRUCTURAL PROTEIN' 
# 
loop_
_struct_asym.id 
_struct_asym.pdbx_blank_PDB_chainid_flag 
_struct_asym.pdbx_modified 
_struct_asym.entity_id 
_struct_asym.details 
A N N 1 ? 
B N N 2 ? 
# 
_struct_ref.id                         1 
_struct_ref.db_name                    UNP 
_struct_ref.db_code                    Q2YAE2_NITMU 
_struct_ref.pdbx_db_accession          Q2YAE2 
_struct_ref.entity_id                  1 
_struct_ref.pdbx_seq_one_letter_code   
;TIEVPVLTFVPVQVSAELENRGCWVKFFDKKNFQGDSLFLSGPATLPRLIGPFGYDWENKVRSVKVGPRANLTIFDNHNY
RDEDKFLDAGANVANLSKEMGFFDNFRSMVLNCI
;
_struct_ref.pdbx_align_begin           59 
_struct_ref.pdbx_db_isoform            ? 
# 
_struct_ref_seq.align_id                      1 
_struct_ref_seq.ref_id                        1 
_struct_ref_seq.pdbx_PDB_id_code              3ENU 
_struct_ref_seq.pdbx_strand_id                A 
_struct_ref_seq.seq_align_beg                 1 
_struct_ref_seq.pdbx_seq_align_beg_ins_code   ? 
_struct_ref_seq.seq_align_end                 114 
_struct_ref_seq.pdbx_seq_align_end_ins_code   ? 
_struct_ref_seq.pdbx_db_accession             Q2YAE2 
_struct_ref_seq.db_align_beg                  59 
_struct_ref_seq.pdbx_db_align_beg_ins_code    ? 
_struct_ref_seq.db_align_end                  172 
_struct_ref_seq.pdbx_db_align_end_ins_code    ? 
_struct_ref_seq.pdbx_auth_seq_align_beg       27 
_struct_ref_seq.pdbx_auth_seq_align_end       140 
# 
_pdbx_struct_assembly.id                   1 
_pdbx_struct_assembly.details              author_and_software_defined_assembly 
_pdbx_struct_assembly.method_details       PISA 
_pdbx_struct_assembly.oligomeric_details   dimeric 
_pdbx_struct_assembly.oligomeric_count     2 
# 
loop_
_pdbx_struct_assembly_prop.biol_id 
_pdbx_struct_assembly_prop.type 
_pdbx_struct_assembly_prop.value 
_pdbx_struct_assembly_prop.details 
1 'ABSA (A^2)' 3070  ? 
1 MORE         -28   ? 
1 'SSA (A^2)'  10430 ? 
# 
_pdbx_struct_assembly_gen.assembly_id       1 
_pdbx_struct_assembly_gen.oper_expression   1,2 
_pdbx_struct_assembly_gen.asym_id_list      A,B 
# 
loop_
_pdbx_struct_oper_list.id 
_pdbx_struct_oper_list.type 
_pdbx_struct_oper_list.name 
_pdbx_struct_oper_list.symmetry_operation 
_pdbx_struct_oper_list.matrix[1][1] 
_pdbx_struct_oper_list.matrix[1][2] 
_pdbx_struct_oper_list.matrix[1][3] 
_pdbx_struct_oper_list.vector[1] 
_pdbx_struct_oper_list.matrix[2][1] 
_pdbx_struct_oper_list.matrix[2][2] 
_pdbx_struct_oper_list.matrix[2][3] 
_pdbx_struct_oper_list.vector[2] 
_pdbx_struct_oper_list.matrix[3][1] 
_pdbx_struct_oper_list.matrix[3][2] 
_pdbx_struct_oper_list.matrix[3][3] 
_pdbx_struct_oper_list.vector[3] 
1 'identity operation'         1_555 x,y,z     1.0000000000 0.0000000000 0.0000000000  0.0000000000  0.0000000000 1.0000000000  0.0000000000  0.0000000000  0.0000000000  0.0000000000  1.0000000000  0.0000000000 
2 'crystal symmetry operation' 2_565 -x,-y+1,z 0.7083924364 0.4045271424 -0.5783925545 -4.6508859281 0.4045271424 -0.9042127526 -0.1369565226 23.8284487993 -0.5783925545 -0.1369565226 -0.8041796838 2.9283156296 
# 
_struct_biol.id        1 
_struct_biol.details   ? 
# 
loop_
_struct_conf.conf_type_id 
_struct_conf.id 
_struct_conf.pdbx_PDB_helix_id 
_struct_conf.beg_label_comp_id 
_struct_conf.beg_label_asym_id 
_struct_conf.beg_label_seq_id 
_struct_conf.pdbx_beg_PDB_ins_code 
_struct_conf.end_label_comp_id 
_struct_conf.end_label_asym_id 
_struct_conf.end_label_seq_id 
_struct_conf.pdbx_end_PDB_ins_code 
_struct_conf.beg_auth_comp_id 
_struct_conf.beg_auth_asym_id 
_struct_conf.beg_auth_seq_id 
_struct_conf.end_auth_comp_id 
_struct_conf.end_auth_asym_id 
_struct_conf.end_auth_seq_id 
_struct_conf.pdbx_PDB_helix_class 
_struct_conf.details 
_struct_conf.pdbx_PDB_helix_length 
HELX_P HELX_P1 1 PRO A 11 ? GLY A 22  ? PRO A 37  GLY A 48  1 ? 12 
HELX_P HELX_P2 2 LYS A 30 ? GLN A 34  ? LYS A 56  GLN A 60  5 ? 5  
HELX_P HELX_P3 3 SER A 97 ? GLY A 101 ? SER A 123 GLY A 127 5 ? 5  
# 
_struct_conf_type.id          HELX_P 
_struct_conf_type.criteria    ? 
_struct_conf_type.reference   ? 
# 
_struct_conn.id                            disulf1 
_struct_conn.conn_type_id                  disulf 
_struct_conn.pdbx_leaving_atom_flag        ? 
_struct_conn.pdbx_PDB_id                   ? 
_struct_conn.ptnr1_label_asym_id           A 
_struct_conn.ptnr1_label_comp_id           CYS 
_struct_conn.ptnr1_label_seq_id            23 
_struct_conn.ptnr1_label_atom_id           SG 
_struct_conn.pdbx_ptnr1_label_alt_id       ? 
_struct_conn.pdbx_ptnr1_PDB_ins_code       ? 
_struct_conn.pdbx_ptnr1_standard_comp_id   ? 
_struct_conn.ptnr1_symmetry                1_555 
_struct_conn.ptnr2_label_asym_id           A 
_struct_conn.ptnr2_label_comp_id           CYS 
_struct_conn.ptnr2_label_seq_id            113 
_struct_conn.ptnr2_label_atom_id           SG 
_struct_conn.pdbx_ptnr2_label_alt_id       ? 
_struct_conn.pdbx_ptnr2_PDB_ins_code       ? 
_struct_conn.ptnr1_auth_asym_id            A 
_struct_conn.ptnr1_auth_comp_id            CYS 
_struct_conn.ptnr1_auth_seq_id             49 
_struct_conn.ptnr2_auth_asym_id            A 
_struct_conn.ptnr2_auth_comp_id            CYS 
_struct_conn.ptnr2_auth_seq_id             139 
_struct_conn.ptnr2_symmetry                1_555 
_struct_conn.pdbx_ptnr3_label_atom_id      ? 
_struct_conn.pdbx_ptnr3_label_seq_id       ? 
_struct_conn.pdbx_ptnr3_label_comp_id      ? 
_struct_conn.pdbx_ptnr3_label_asym_id      ? 
_struct_conn.pdbx_ptnr3_label_alt_id       ? 
_struct_conn.pdbx_ptnr3_PDB_ins_code       ? 
_struct_conn.details                       ? 
_struct_conn.pdbx_dist_value               2.031 
_struct_conn.pdbx_value_order              ? 
_struct_conn.pdbx_role                     ? 
# 
_struct_conn_type.id          disulf 
_struct_conn_type.criteria    ? 
_struct_conn_type.reference   ? 
# 
_pdbx_modification_feature.ordinal                            1 
_pdbx_modification_feature.label_comp_id                      CYS 
_pdbx_modification_feature.label_asym_id                      A 
_pdbx_modification_feature.label_seq_id                       23 
_pdbx_modification_feature.label_alt_id                       ? 
_pdbx_modification_feature.modified_residue_label_comp_id     CYS 
_pdbx_modification_feature.modified_residue_label_asym_id     A 
_pdbx_modification_feature.modified_residue_label_seq_id      113 
_pdbx_modification_feature.modified_residue_label_alt_id      ? 
_pdbx_modification_feature.auth_comp_id                       CYS 
_pdbx_modification_feature.auth_asym_id                       A 
_pdbx_modification_feature.auth_seq_id                        49 
_pdbx_modification_feature.PDB_ins_code                       ? 
_pdbx_modification_feature.symmetry                           1_555 
_pdbx_modification_feature.modified_residue_auth_comp_id      CYS 
_pdbx_modification_feature.modified_residue_auth_asym_id      A 
_pdbx_modification_feature.modified_residue_auth_seq_id       139 
_pdbx_modification_feature.modified_residue_PDB_ins_code      ? 
_pdbx_modification_feature.modified_residue_symmetry          1_555 
_pdbx_modification_feature.comp_id_linking_atom               SG 
_pdbx_modification_feature.modified_residue_id_linking_atom   SG 
_pdbx_modification_feature.modified_residue_id                . 
_pdbx_modification_feature.ref_pcm_id                         . 
_pdbx_modification_feature.ref_comp_id                        . 
_pdbx_modification_feature.type                               None 
_pdbx_modification_feature.category                           'Disulfide bridge' 
# 
_struct_mon_prot_cis.pdbx_id                1 
_struct_mon_prot_cis.label_comp_id          GLY 
_struct_mon_prot_cis.label_seq_id           42 
_struct_mon_prot_cis.label_asym_id          A 
_struct_mon_prot_cis.label_alt_id           . 
_struct_mon_prot_cis.pdbx_PDB_ins_code      ? 
_struct_mon_prot_cis.auth_comp_id           GLY 
_struct_mon_prot_cis.auth_seq_id            68 
_struct_mon_prot_cis.auth_asym_id           A 
_struct_mon_prot_cis.pdbx_label_comp_id_2   PRO 
_struct_mon_prot_cis.pdbx_label_seq_id_2    43 
_struct_mon_prot_cis.pdbx_label_asym_id_2   A 
_struct_mon_prot_cis.pdbx_PDB_ins_code_2    ? 
_struct_mon_prot_cis.pdbx_auth_comp_id_2    PRO 
_struct_mon_prot_cis.pdbx_auth_seq_id_2     69 
_struct_mon_prot_cis.pdbx_auth_asym_id_2    A 
_struct_mon_prot_cis.pdbx_PDB_model_num     1 
_struct_mon_prot_cis.pdbx_omega_angle       -0.06 
# 
loop_
_struct_sheet.id 
_struct_sheet.type 
_struct_sheet.number_strands 
_struct_sheet.details 
A ? 4 ? 
B ? 4 ? 
C ? 2 ? 
# 
loop_
_struct_sheet_order.sheet_id 
_struct_sheet_order.range_id_1 
_struct_sheet_order.range_id_2 
_struct_sheet_order.offset 
_struct_sheet_order.sense 
A 1 2 ? anti-parallel 
A 2 3 ? anti-parallel 
A 3 4 ? anti-parallel 
B 1 2 ? anti-parallel 
B 2 3 ? anti-parallel 
B 3 4 ? anti-parallel 
C 1 2 ? anti-parallel 
# 
loop_
_struct_sheet_range.sheet_id 
_struct_sheet_range.id 
_struct_sheet_range.beg_label_comp_id 
_struct_sheet_range.beg_label_asym_id 
_struct_sheet_range.beg_label_seq_id 
_struct_sheet_range.pdbx_beg_PDB_ins_code 
_struct_sheet_range.end_label_comp_id 
_struct_sheet_range.end_label_asym_id 
_struct_sheet_range.end_label_seq_id 
_struct_sheet_range.pdbx_end_PDB_ins_code 
_struct_sheet_range.beg_auth_comp_id 
_struct_sheet_range.beg_auth_asym_id 
_struct_sheet_range.beg_auth_seq_id 
_struct_sheet_range.end_auth_comp_id 
_struct_sheet_range.end_auth_asym_id 
_struct_sheet_range.end_auth_seq_id 
A 1 SER A 37  ? SER A 41  ? SER A 63  SER A 67  
A 2 TRP A 24  ? PHE A 28  ? TRP A 50  PHE A 54  
A 3 SER A 63  ? VAL A 66  ? SER A 89  VAL A 92  
A 4 ASN A 92  ? VAL A 93  ? ASN A 118 VAL A 119 
B 1 ALA A 44  ? LEU A 46  ? ALA A 70  LEU A 72  
B 2 SER A 108 ? CYS A 113 ? SER A 134 CYS A 139 
B 3 ALA A 70  ? PHE A 75  ? ALA A 96  PHE A 101 
B 4 ASP A 84  ? LEU A 87  ? ASP A 110 LEU A 113 
C 1 ILE A 50  ? GLY A 51  ? ILE A 76  GLY A 77  
C 2 TYR A 55  ? ASP A 56  ? TYR A 81  ASP A 82  
# 
loop_
_pdbx_struct_sheet_hbond.sheet_id 
_pdbx_struct_sheet_hbond.range_id_1 
_pdbx_struct_sheet_hbond.range_id_2 
_pdbx_struct_sheet_hbond.range_1_label_atom_id 
_pdbx_struct_sheet_hbond.range_1_label_comp_id 
_pdbx_struct_sheet_hbond.range_1_label_asym_id 
_pdbx_struct_sheet_hbond.range_1_label_seq_id 
_pdbx_struct_sheet_hbond.range_1_PDB_ins_code 
_pdbx_struct_sheet_hbond.range_1_auth_atom_id 
_pdbx_struct_sheet_hbond.range_1_auth_comp_id 
_pdbx_struct_sheet_hbond.range_1_auth_asym_id 
_pdbx_struct_sheet_hbond.range_1_auth_seq_id 
_pdbx_struct_sheet_hbond.range_2_label_atom_id 
_pdbx_struct_sheet_hbond.range_2_label_comp_id 
_pdbx_struct_sheet_hbond.range_2_label_asym_id 
_pdbx_struct_sheet_hbond.range_2_label_seq_id 
_pdbx_struct_sheet_hbond.range_2_PDB_ins_code 
_pdbx_struct_sheet_hbond.range_2_auth_atom_id 
_pdbx_struct_sheet_hbond.range_2_auth_comp_id 
_pdbx_struct_sheet_hbond.range_2_auth_asym_id 
_pdbx_struct_sheet_hbond.range_2_auth_seq_id 
A 1 2 O LEU A 38  ? O LEU A 64  N PHE A 27  ? N PHE A 53  
A 2 3 N LYS A 26  ? N LYS A 52  O LYS A 65  ? O LYS A 91  
A 3 4 N VAL A 64  ? N VAL A 90  O VAL A 93  ? O VAL A 119 
B 1 2 N ALA A 44  ? N ALA A 70  O LEU A 111 ? O LEU A 137 
B 2 3 O ASN A 112 ? O ASN A 138 N ASN A 71  ? N ASN A 97  
B 3 4 N LEU A 72  ? N LEU A 98  O LEU A 87  ? O LEU A 113 
C 1 2 N GLY A 51  ? N GLY A 77  O TYR A 55  ? O TYR A 81  
# 
_pdbx_entry_details.entry_id                   3ENU 
_pdbx_entry_details.compound_details           ? 
_pdbx_entry_details.source_details             ? 
_pdbx_entry_details.nonpolymer_details         ? 
_pdbx_entry_details.sequence_details           ? 
_pdbx_entry_details.has_ligand_of_interest     ? 
_pdbx_entry_details.has_protein_modification   Y 
# 
loop_
_pdbx_validate_torsion.id 
_pdbx_validate_torsion.PDB_model_num 
_pdbx_validate_torsion.auth_comp_id 
_pdbx_validate_torsion.auth_asym_id 
_pdbx_validate_torsion.auth_seq_id 
_pdbx_validate_torsion.PDB_ins_code 
_pdbx_validate_torsion.label_alt_id 
_pdbx_validate_torsion.phi 
_pdbx_validate_torsion.psi 
1 1 ASP A 108 ? ? 66.61   -143.18 
2 1 PHE A 128 ? ? -116.56 -131.91 
3 1 ASN A 131 ? ? -151.84 83.89   
# 
_phasing.method   MIRAS 
# 
_phasing_MIR.entry_id     3ENU 
_phasing_MIR.d_res_high   2.40 
_phasing_MIR.d_res_low    20.00 
_phasing_MIR.reflns       5062 
_phasing_MIR.FOM          0.510 
# 
loop_
_phasing_MIR_der.id 
_phasing_MIR_der.d_res_high 
_phasing_MIR_der.d_res_low 
_phasing_MIR_der.der_set_id 
_phasing_MIR_der.native_set_id 
1 . . 1 . 
2 . . 1 . 
3 . . 1 . 
# 
loop_
_phasing_MIR_der_site.id 
_phasing_MIR_der_site.der_id 
_phasing_MIR_der_site.atom_type_symbol 
_phasing_MIR_der_site.occupancy 
_phasing_MIR_der_site.fract_x 
_phasing_MIR_der_site.fract_y 
_phasing_MIR_der_site.fract_z 
_phasing_MIR_der_site.B_iso 
_phasing_MIR_der_site.details 
1 1 Au 0.3279 0.6236 0.3361 0.2633 15.4758 ? 
1 2 Au 0.5211 0.1783 0.1376 0.4152 36.5830 ? 
2 1 I  0.2014 0.7202 0.1800 0.3747 5.1919  ? 
2 2 I  0.5365 0.6429 0.3448 0.2774 60.0000 ? 
2 3 I  0.1055 0.7047 0.3093 0.1805 1.0000  ? 
# 
loop_
_phasing_MIR_shell.d_res_low 
_phasing_MIR_shell.d_res_high 
_phasing_MIR_shell.reflns 
_phasing_MIR_shell.FOM 
20.00 8.22 286 0.740 
8.22  5.33 432 0.660 
5.33  4.21 552 0.560 
4.21  3.59 626 0.520 
3.59  3.18 702 0.480 
3.18  2.88 769 0.490 
2.88  2.66 804 0.450 
2.66  2.48 891 0.440 
# 
_phasing_set.id                1 
_phasing_set.pdbx_d_res_high   . 
_phasing_set.pdbx_d_res_low    . 
# 
loop_
_chem_comp_atom.comp_id 
_chem_comp_atom.atom_id 
_chem_comp_atom.type_symbol 
_chem_comp_atom.pdbx_aromatic_flag 
_chem_comp_atom.pdbx_stereo_config 
_chem_comp_atom.pdbx_ordinal 
ALA N    N N N 1   
ALA CA   C N S 2   
ALA C    C N N 3   
ALA O    O N N 4   
ALA CB   C N N 5   
ALA OXT  O N N 6   
ALA H    H N N 7   
ALA H2   H N N 8   
ALA HA   H N N 9   
ALA HB1  H N N 10  
ALA HB2  H N N 11  
ALA HB3  H N N 12  
ALA HXT  H N N 13  
ARG N    N N N 14  
ARG CA   C N S 15  
ARG C    C N N 16  
ARG O    O N N 17  
ARG CB   C N N 18  
ARG CG   C N N 19  
ARG CD   C N N 20  
ARG NE   N N N 21  
ARG CZ   C N N 22  
ARG NH1  N N N 23  
ARG NH2  N N N 24  
ARG OXT  O N N 25  
ARG H    H N N 26  
ARG H2   H N N 27  
ARG HA   H N N 28  
ARG HB2  H N N 29  
ARG HB3  H N N 30  
ARG HG2  H N N 31  
ARG HG3  H N N 32  
ARG HD2  H N N 33  
ARG HD3  H N N 34  
ARG HE   H N N 35  
ARG HH11 H N N 36  
ARG HH12 H N N 37  
ARG HH21 H N N 38  
ARG HH22 H N N 39  
ARG HXT  H N N 40  
ASN N    N N N 41  
ASN CA   C N S 42  
ASN C    C N N 43  
ASN O    O N N 44  
ASN CB   C N N 45  
ASN CG   C N N 46  
ASN OD1  O N N 47  
ASN ND2  N N N 48  
ASN OXT  O N N 49  
ASN H    H N N 50  
ASN H2   H N N 51  
ASN HA   H N N 52  
ASN HB2  H N N 53  
ASN HB3  H N N 54  
ASN HD21 H N N 55  
ASN HD22 H N N 56  
ASN HXT  H N N 57  
ASP N    N N N 58  
ASP CA   C N S 59  
ASP C    C N N 60  
ASP O    O N N 61  
ASP CB   C N N 62  
ASP CG   C N N 63  
ASP OD1  O N N 64  
ASP OD2  O N N 65  
ASP OXT  O N N 66  
ASP H    H N N 67  
ASP H2   H N N 68  
ASP HA   H N N 69  
ASP HB2  H N N 70  
ASP HB3  H N N 71  
ASP HD2  H N N 72  
ASP HXT  H N N 73  
CYS N    N N N 74  
CYS CA   C N R 75  
CYS C    C N N 76  
CYS O    O N N 77  
CYS CB   C N N 78  
CYS SG   S N N 79  
CYS OXT  O N N 80  
CYS H    H N N 81  
CYS H2   H N N 82  
CYS HA   H N N 83  
CYS HB2  H N N 84  
CYS HB3  H N N 85  
CYS HG   H N N 86  
CYS HXT  H N N 87  
GLN N    N N N 88  
GLN CA   C N S 89  
GLN C    C N N 90  
GLN O    O N N 91  
GLN CB   C N N 92  
GLN CG   C N N 93  
GLN CD   C N N 94  
GLN OE1  O N N 95  
GLN NE2  N N N 96  
GLN OXT  O N N 97  
GLN H    H N N 98  
GLN H2   H N N 99  
GLN HA   H N N 100 
GLN HB2  H N N 101 
GLN HB3  H N N 102 
GLN HG2  H N N 103 
GLN HG3  H N N 104 
GLN HE21 H N N 105 
GLN HE22 H N N 106 
GLN HXT  H N N 107 
GLU N    N N N 108 
GLU CA   C N S 109 
GLU C    C N N 110 
GLU O    O N N 111 
GLU CB   C N N 112 
GLU CG   C N N 113 
GLU CD   C N N 114 
GLU OE1  O N N 115 
GLU OE2  O N N 116 
GLU OXT  O N N 117 
GLU H    H N N 118 
GLU H2   H N N 119 
GLU HA   H N N 120 
GLU HB2  H N N 121 
GLU HB3  H N N 122 
GLU HG2  H N N 123 
GLU HG3  H N N 124 
GLU HE2  H N N 125 
GLU HXT  H N N 126 
GLY N    N N N 127 
GLY CA   C N N 128 
GLY C    C N N 129 
GLY O    O N N 130 
GLY OXT  O N N 131 
GLY H    H N N 132 
GLY H2   H N N 133 
GLY HA2  H N N 134 
GLY HA3  H N N 135 
GLY HXT  H N N 136 
HIS N    N N N 137 
HIS CA   C N S 138 
HIS C    C N N 139 
HIS O    O N N 140 
HIS CB   C N N 141 
HIS CG   C Y N 142 
HIS ND1  N Y N 143 
HIS CD2  C Y N 144 
HIS CE1  C Y N 145 
HIS NE2  N Y N 146 
HIS OXT  O N N 147 
HIS H    H N N 148 
HIS H2   H N N 149 
HIS HA   H N N 150 
HIS HB2  H N N 151 
HIS HB3  H N N 152 
HIS HD1  H N N 153 
HIS HD2  H N N 154 
HIS HE1  H N N 155 
HIS HE2  H N N 156 
HIS HXT  H N N 157 
HOH O    O N N 158 
HOH H1   H N N 159 
HOH H2   H N N 160 
ILE N    N N N 161 
ILE CA   C N S 162 
ILE C    C N N 163 
ILE O    O N N 164 
ILE CB   C N S 165 
ILE CG1  C N N 166 
ILE CG2  C N N 167 
ILE CD1  C N N 168 
ILE OXT  O N N 169 
ILE H    H N N 170 
ILE H2   H N N 171 
ILE HA   H N N 172 
ILE HB   H N N 173 
ILE HG12 H N N 174 
ILE HG13 H N N 175 
ILE HG21 H N N 176 
ILE HG22 H N N 177 
ILE HG23 H N N 178 
ILE HD11 H N N 179 
ILE HD12 H N N 180 
ILE HD13 H N N 181 
ILE HXT  H N N 182 
LEU N    N N N 183 
LEU CA   C N S 184 
LEU C    C N N 185 
LEU O    O N N 186 
LEU CB   C N N 187 
LEU CG   C N N 188 
LEU CD1  C N N 189 
LEU CD2  C N N 190 
LEU OXT  O N N 191 
LEU H    H N N 192 
LEU H2   H N N 193 
LEU HA   H N N 194 
LEU HB2  H N N 195 
LEU HB3  H N N 196 
LEU HG   H N N 197 
LEU HD11 H N N 198 
LEU HD12 H N N 199 
LEU HD13 H N N 200 
LEU HD21 H N N 201 
LEU HD22 H N N 202 
LEU HD23 H N N 203 
LEU HXT  H N N 204 
LYS N    N N N 205 
LYS CA   C N S 206 
LYS C    C N N 207 
LYS O    O N N 208 
LYS CB   C N N 209 
LYS CG   C N N 210 
LYS CD   C N N 211 
LYS CE   C N N 212 
LYS NZ   N N N 213 
LYS OXT  O N N 214 
LYS H    H N N 215 
LYS H2   H N N 216 
LYS HA   H N N 217 
LYS HB2  H N N 218 
LYS HB3  H N N 219 
LYS HG2  H N N 220 
LYS HG3  H N N 221 
LYS HD2  H N N 222 
LYS HD3  H N N 223 
LYS HE2  H N N 224 
LYS HE3  H N N 225 
LYS HZ1  H N N 226 
LYS HZ2  H N N 227 
LYS HZ3  H N N 228 
LYS HXT  H N N 229 
MET N    N N N 230 
MET CA   C N S 231 
MET C    C N N 232 
MET O    O N N 233 
MET CB   C N N 234 
MET CG   C N N 235 
MET SD   S N N 236 
MET CE   C N N 237 
MET OXT  O N N 238 
MET H    H N N 239 
MET H2   H N N 240 
MET HA   H N N 241 
MET HB2  H N N 242 
MET HB3  H N N 243 
MET HG2  H N N 244 
MET HG3  H N N 245 
MET HE1  H N N 246 
MET HE2  H N N 247 
MET HE3  H N N 248 
MET HXT  H N N 249 
PHE N    N N N 250 
PHE CA   C N S 251 
PHE C    C N N 252 
PHE O    O N N 253 
PHE CB   C N N 254 
PHE CG   C Y N 255 
PHE CD1  C Y N 256 
PHE CD2  C Y N 257 
PHE CE1  C Y N 258 
PHE CE2  C Y N 259 
PHE CZ   C Y N 260 
PHE OXT  O N N 261 
PHE H    H N N 262 
PHE H2   H N N 263 
PHE HA   H N N 264 
PHE HB2  H N N 265 
PHE HB3  H N N 266 
PHE HD1  H N N 267 
PHE HD2  H N N 268 
PHE HE1  H N N 269 
PHE HE2  H N N 270 
PHE HZ   H N N 271 
PHE HXT  H N N 272 
PRO N    N N N 273 
PRO CA   C N S 274 
PRO C    C N N 275 
PRO O    O N N 276 
PRO CB   C N N 277 
PRO CG   C N N 278 
PRO CD   C N N 279 
PRO OXT  O N N 280 
PRO H    H N N 281 
PRO HA   H N N 282 
PRO HB2  H N N 283 
PRO HB3  H N N 284 
PRO HG2  H N N 285 
PRO HG3  H N N 286 
PRO HD2  H N N 287 
PRO HD3  H N N 288 
PRO HXT  H N N 289 
SER N    N N N 290 
SER CA   C N S 291 
SER C    C N N 292 
SER O    O N N 293 
SER CB   C N N 294 
SER OG   O N N 295 
SER OXT  O N N 296 
SER H    H N N 297 
SER H2   H N N 298 
SER HA   H N N 299 
SER HB2  H N N 300 
SER HB3  H N N 301 
SER HG   H N N 302 
SER HXT  H N N 303 
THR N    N N N 304 
THR CA   C N S 305 
THR C    C N N 306 
THR O    O N N 307 
THR CB   C N R 308 
THR OG1  O N N 309 
THR CG2  C N N 310 
THR OXT  O N N 311 
THR H    H N N 312 
THR H2   H N N 313 
THR HA   H N N 314 
THR HB   H N N 315 
THR HG1  H N N 316 
THR HG21 H N N 317 
THR HG22 H N N 318 
THR HG23 H N N 319 
THR HXT  H N N 320 
TRP N    N N N 321 
TRP CA   C N S 322 
TRP C    C N N 323 
TRP O    O N N 324 
TRP CB   C N N 325 
TRP CG   C Y N 326 
TRP CD1  C Y N 327 
TRP CD2  C Y N 328 
TRP NE1  N Y N 329 
TRP CE2  C Y N 330 
TRP CE3  C Y N 331 
TRP CZ2  C Y N 332 
TRP CZ3  C Y N 333 
TRP CH2  C Y N 334 
TRP OXT  O N N 335 
TRP H    H N N 336 
TRP H2   H N N 337 
TRP HA   H N N 338 
TRP HB2  H N N 339 
TRP HB3  H N N 340 
TRP HD1  H N N 341 
TRP HE1  H N N 342 
TRP HE3  H N N 343 
TRP HZ2  H N N 344 
TRP HZ3  H N N 345 
TRP HH2  H N N 346 
TRP HXT  H N N 347 
TYR N    N N N 348 
TYR CA   C N S 349 
TYR C    C N N 350 
TYR O    O N N 351 
TYR CB   C N N 352 
TYR CG   C Y N 353 
TYR CD1  C Y N 354 
TYR CD2  C Y N 355 
TYR CE1  C Y N 356 
TYR CE2  C Y N 357 
TYR CZ   C Y N 358 
TYR OH   O N N 359 
TYR OXT  O N N 360 
TYR H    H N N 361 
TYR H2   H N N 362 
TYR HA   H N N 363 
TYR HB2  H N N 364 
TYR HB3  H N N 365 
TYR HD1  H N N 366 
TYR HD2  H N N 367 
TYR HE1  H N N 368 
TYR HE2  H N N 369 
TYR HH   H N N 370 
TYR HXT  H N N 371 
VAL N    N N N 372 
VAL CA   C N S 373 
VAL C    C N N 374 
VAL O    O N N 375 
VAL CB   C N N 376 
VAL CG1  C N N 377 
VAL CG2  C N N 378 
VAL OXT  O N N 379 
VAL H    H N N 380 
VAL H2   H N N 381 
VAL HA   H N N 382 
VAL HB   H N N 383 
VAL HG11 H N N 384 
VAL HG12 H N N 385 
VAL HG13 H N N 386 
VAL HG21 H N N 387 
VAL HG22 H N N 388 
VAL HG23 H N N 389 
VAL HXT  H N N 390 
# 
loop_
_chem_comp_bond.comp_id 
_chem_comp_bond.atom_id_1 
_chem_comp_bond.atom_id_2 
_chem_comp_bond.value_order 
_chem_comp_bond.pdbx_aromatic_flag 
_chem_comp_bond.pdbx_stereo_config 
_chem_comp_bond.pdbx_ordinal 
ALA N   CA   sing N N 1   
ALA N   H    sing N N 2   
ALA N   H2   sing N N 3   
ALA CA  C    sing N N 4   
ALA CA  CB   sing N N 5   
ALA CA  HA   sing N N 6   
ALA C   O    doub N N 7   
ALA C   OXT  sing N N 8   
ALA CB  HB1  sing N N 9   
ALA CB  HB2  sing N N 10  
ALA CB  HB3  sing N N 11  
ALA OXT HXT  sing N N 12  
ARG N   CA   sing N N 13  
ARG N   H    sing N N 14  
ARG N   H2   sing N N 15  
ARG CA  C    sing N N 16  
ARG CA  CB   sing N N 17  
ARG CA  HA   sing N N 18  
ARG C   O    doub N N 19  
ARG C   OXT  sing N N 20  
ARG CB  CG   sing N N 21  
ARG CB  HB2  sing N N 22  
ARG CB  HB3  sing N N 23  
ARG CG  CD   sing N N 24  
ARG CG  HG2  sing N N 25  
ARG CG  HG3  sing N N 26  
ARG CD  NE   sing N N 27  
ARG CD  HD2  sing N N 28  
ARG CD  HD3  sing N N 29  
ARG NE  CZ   sing N N 30  
ARG NE  HE   sing N N 31  
ARG CZ  NH1  sing N N 32  
ARG CZ  NH2  doub N N 33  
ARG NH1 HH11 sing N N 34  
ARG NH1 HH12 sing N N 35  
ARG NH2 HH21 sing N N 36  
ARG NH2 HH22 sing N N 37  
ARG OXT HXT  sing N N 38  
ASN N   CA   sing N N 39  
ASN N   H    sing N N 40  
ASN N   H2   sing N N 41  
ASN CA  C    sing N N 42  
ASN CA  CB   sing N N 43  
ASN CA  HA   sing N N 44  
ASN C   O    doub N N 45  
ASN C   OXT  sing N N 46  
ASN CB  CG   sing N N 47  
ASN CB  HB2  sing N N 48  
ASN CB  HB3  sing N N 49  
ASN CG  OD1  doub N N 50  
ASN CG  ND2  sing N N 51  
ASN ND2 HD21 sing N N 52  
ASN ND2 HD22 sing N N 53  
ASN OXT HXT  sing N N 54  
ASP N   CA   sing N N 55  
ASP N   H    sing N N 56  
ASP N   H2   sing N N 57  
ASP CA  C    sing N N 58  
ASP CA  CB   sing N N 59  
ASP CA  HA   sing N N 60  
ASP C   O    doub N N 61  
ASP C   OXT  sing N N 62  
ASP CB  CG   sing N N 63  
ASP CB  HB2  sing N N 64  
ASP CB  HB3  sing N N 65  
ASP CG  OD1  doub N N 66  
ASP CG  OD2  sing N N 67  
ASP OD2 HD2  sing N N 68  
ASP OXT HXT  sing N N 69  
CYS N   CA   sing N N 70  
CYS N   H    sing N N 71  
CYS N   H2   sing N N 72  
CYS CA  C    sing N N 73  
CYS CA  CB   sing N N 74  
CYS CA  HA   sing N N 75  
CYS C   O    doub N N 76  
CYS C   OXT  sing N N 77  
CYS CB  SG   sing N N 78  
CYS CB  HB2  sing N N 79  
CYS CB  HB3  sing N N 80  
CYS SG  HG   sing N N 81  
CYS OXT HXT  sing N N 82  
GLN N   CA   sing N N 83  
GLN N   H    sing N N 84  
GLN N   H2   sing N N 85  
GLN CA  C    sing N N 86  
GLN CA  CB   sing N N 87  
GLN CA  HA   sing N N 88  
GLN C   O    doub N N 89  
GLN C   OXT  sing N N 90  
GLN CB  CG   sing N N 91  
GLN CB  HB2  sing N N 92  
GLN CB  HB3  sing N N 93  
GLN CG  CD   sing N N 94  
GLN CG  HG2  sing N N 95  
GLN CG  HG3  sing N N 96  
GLN CD  OE1  doub N N 97  
GLN CD  NE2  sing N N 98  
GLN NE2 HE21 sing N N 99  
GLN NE2 HE22 sing N N 100 
GLN OXT HXT  sing N N 101 
GLU N   CA   sing N N 102 
GLU N   H    sing N N 103 
GLU N   H2   sing N N 104 
GLU CA  C    sing N N 105 
GLU CA  CB   sing N N 106 
GLU CA  HA   sing N N 107 
GLU C   O    doub N N 108 
GLU C   OXT  sing N N 109 
GLU CB  CG   sing N N 110 
GLU CB  HB2  sing N N 111 
GLU CB  HB3  sing N N 112 
GLU CG  CD   sing N N 113 
GLU CG  HG2  sing N N 114 
GLU CG  HG3  sing N N 115 
GLU CD  OE1  doub N N 116 
GLU CD  OE2  sing N N 117 
GLU OE2 HE2  sing N N 118 
GLU OXT HXT  sing N N 119 
GLY N   CA   sing N N 120 
GLY N   H    sing N N 121 
GLY N   H2   sing N N 122 
GLY CA  C    sing N N 123 
GLY CA  HA2  sing N N 124 
GLY CA  HA3  sing N N 125 
GLY C   O    doub N N 126 
GLY C   OXT  sing N N 127 
GLY OXT HXT  sing N N 128 
HIS N   CA   sing N N 129 
HIS N   H    sing N N 130 
HIS N   H2   sing N N 131 
HIS CA  C    sing N N 132 
HIS CA  CB   sing N N 133 
HIS CA  HA   sing N N 134 
HIS C   O    doub N N 135 
HIS C   OXT  sing N N 136 
HIS CB  CG   sing N N 137 
HIS CB  HB2  sing N N 138 
HIS CB  HB3  sing N N 139 
HIS CG  ND1  sing Y N 140 
HIS CG  CD2  doub Y N 141 
HIS ND1 CE1  doub Y N 142 
HIS ND1 HD1  sing N N 143 
HIS CD2 NE2  sing Y N 144 
HIS CD2 HD2  sing N N 145 
HIS CE1 NE2  sing Y N 146 
HIS CE1 HE1  sing N N 147 
HIS NE2 HE2  sing N N 148 
HIS OXT HXT  sing N N 149 
HOH O   H1   sing N N 150 
HOH O   H2   sing N N 151 
ILE N   CA   sing N N 152 
ILE N   H    sing N N 153 
ILE N   H2   sing N N 154 
ILE CA  C    sing N N 155 
ILE CA  CB   sing N N 156 
ILE CA  HA   sing N N 157 
ILE C   O    doub N N 158 
ILE C   OXT  sing N N 159 
ILE CB  CG1  sing N N 160 
ILE CB  CG2  sing N N 161 
ILE CB  HB   sing N N 162 
ILE CG1 CD1  sing N N 163 
ILE CG1 HG12 sing N N 164 
ILE CG1 HG13 sing N N 165 
ILE CG2 HG21 sing N N 166 
ILE CG2 HG22 sing N N 167 
ILE CG2 HG23 sing N N 168 
ILE CD1 HD11 sing N N 169 
ILE CD1 HD12 sing N N 170 
ILE CD1 HD13 sing N N 171 
ILE OXT HXT  sing N N 172 
LEU N   CA   sing N N 173 
LEU N   H    sing N N 174 
LEU N   H2   sing N N 175 
LEU CA  C    sing N N 176 
LEU CA  CB   sing N N 177 
LEU CA  HA   sing N N 178 
LEU C   O    doub N N 179 
LEU C   OXT  sing N N 180 
LEU CB  CG   sing N N 181 
LEU CB  HB2  sing N N 182 
LEU CB  HB3  sing N N 183 
LEU CG  CD1  sing N N 184 
LEU CG  CD2  sing N N 185 
LEU CG  HG   sing N N 186 
LEU CD1 HD11 sing N N 187 
LEU CD1 HD12 sing N N 188 
LEU CD1 HD13 sing N N 189 
LEU CD2 HD21 sing N N 190 
LEU CD2 HD22 sing N N 191 
LEU CD2 HD23 sing N N 192 
LEU OXT HXT  sing N N 193 
LYS N   CA   sing N N 194 
LYS N   H    sing N N 195 
LYS N   H2   sing N N 196 
LYS CA  C    sing N N 197 
LYS CA  CB   sing N N 198 
LYS CA  HA   sing N N 199 
LYS C   O    doub N N 200 
LYS C   OXT  sing N N 201 
LYS CB  CG   sing N N 202 
LYS CB  HB2  sing N N 203 
LYS CB  HB3  sing N N 204 
LYS CG  CD   sing N N 205 
LYS CG  HG2  sing N N 206 
LYS CG  HG3  sing N N 207 
LYS CD  CE   sing N N 208 
LYS CD  HD2  sing N N 209 
LYS CD  HD3  sing N N 210 
LYS CE  NZ   sing N N 211 
LYS CE  HE2  sing N N 212 
LYS CE  HE3  sing N N 213 
LYS NZ  HZ1  sing N N 214 
LYS NZ  HZ2  sing N N 215 
LYS NZ  HZ3  sing N N 216 
LYS OXT HXT  sing N N 217 
MET N   CA   sing N N 218 
MET N   H    sing N N 219 
MET N   H2   sing N N 220 
MET CA  C    sing N N 221 
MET CA  CB   sing N N 222 
MET CA  HA   sing N N 223 
MET C   O    doub N N 224 
MET C   OXT  sing N N 225 
MET CB  CG   sing N N 226 
MET CB  HB2  sing N N 227 
MET CB  HB3  sing N N 228 
MET CG  SD   sing N N 229 
MET CG  HG2  sing N N 230 
MET CG  HG3  sing N N 231 
MET SD  CE   sing N N 232 
MET CE  HE1  sing N N 233 
MET CE  HE2  sing N N 234 
MET CE  HE3  sing N N 235 
MET OXT HXT  sing N N 236 
PHE N   CA   sing N N 237 
PHE N   H    sing N N 238 
PHE N   H2   sing N N 239 
PHE CA  C    sing N N 240 
PHE CA  CB   sing N N 241 
PHE CA  HA   sing N N 242 
PHE C   O    doub N N 243 
PHE C   OXT  sing N N 244 
PHE CB  CG   sing N N 245 
PHE CB  HB2  sing N N 246 
PHE CB  HB3  sing N N 247 
PHE CG  CD1  doub Y N 248 
PHE CG  CD2  sing Y N 249 
PHE CD1 CE1  sing Y N 250 
PHE CD1 HD1  sing N N 251 
PHE CD2 CE2  doub Y N 252 
PHE CD2 HD2  sing N N 253 
PHE CE1 CZ   doub Y N 254 
PHE CE1 HE1  sing N N 255 
PHE CE2 CZ   sing Y N 256 
PHE CE2 HE2  sing N N 257 
PHE CZ  HZ   sing N N 258 
PHE OXT HXT  sing N N 259 
PRO N   CA   sing N N 260 
PRO N   CD   sing N N 261 
PRO N   H    sing N N 262 
PRO CA  C    sing N N 263 
PRO CA  CB   sing N N 264 
PRO CA  HA   sing N N 265 
PRO C   O    doub N N 266 
PRO C   OXT  sing N N 267 
PRO CB  CG   sing N N 268 
PRO CB  HB2  sing N N 269 
PRO CB  HB3  sing N N 270 
PRO CG  CD   sing N N 271 
PRO CG  HG2  sing N N 272 
PRO CG  HG3  sing N N 273 
PRO CD  HD2  sing N N 274 
PRO CD  HD3  sing N N 275 
PRO OXT HXT  sing N N 276 
SER N   CA   sing N N 277 
SER N   H    sing N N 278 
SER N   H2   sing N N 279 
SER CA  C    sing N N 280 
SER CA  CB   sing N N 281 
SER CA  HA   sing N N 282 
SER C   O    doub N N 283 
SER C   OXT  sing N N 284 
SER CB  OG   sing N N 285 
SER CB  HB2  sing N N 286 
SER CB  HB3  sing N N 287 
SER OG  HG   sing N N 288 
SER OXT HXT  sing N N 289 
THR N   CA   sing N N 290 
THR N   H    sing N N 291 
THR N   H2   sing N N 292 
THR CA  C    sing N N 293 
THR CA  CB   sing N N 294 
THR CA  HA   sing N N 295 
THR C   O    doub N N 296 
THR C   OXT  sing N N 297 
THR CB  OG1  sing N N 298 
THR CB  CG2  sing N N 299 
THR CB  HB   sing N N 300 
THR OG1 HG1  sing N N 301 
THR CG2 HG21 sing N N 302 
THR CG2 HG22 sing N N 303 
THR CG2 HG23 sing N N 304 
THR OXT HXT  sing N N 305 
TRP N   CA   sing N N 306 
TRP N   H    sing N N 307 
TRP N   H2   sing N N 308 
TRP CA  C    sing N N 309 
TRP CA  CB   sing N N 310 
TRP CA  HA   sing N N 311 
TRP C   O    doub N N 312 
TRP C   OXT  sing N N 313 
TRP CB  CG   sing N N 314 
TRP CB  HB2  sing N N 315 
TRP CB  HB3  sing N N 316 
TRP CG  CD1  doub Y N 317 
TRP CG  CD2  sing Y N 318 
TRP CD1 NE1  sing Y N 319 
TRP CD1 HD1  sing N N 320 
TRP CD2 CE2  doub Y N 321 
TRP CD2 CE3  sing Y N 322 
TRP NE1 CE2  sing Y N 323 
TRP NE1 HE1  sing N N 324 
TRP CE2 CZ2  sing Y N 325 
TRP CE3 CZ3  doub Y N 326 
TRP CE3 HE3  sing N N 327 
TRP CZ2 CH2  doub Y N 328 
TRP CZ2 HZ2  sing N N 329 
TRP CZ3 CH2  sing Y N 330 
TRP CZ3 HZ3  sing N N 331 
TRP CH2 HH2  sing N N 332 
TRP OXT HXT  sing N N 333 
TYR N   CA   sing N N 334 
TYR N   H    sing N N 335 
TYR N   H2   sing N N 336 
TYR CA  C    sing N N 337 
TYR CA  CB   sing N N 338 
TYR CA  HA   sing N N 339 
TYR C   O    doub N N 340 
TYR C   OXT  sing N N 341 
TYR CB  CG   sing N N 342 
TYR CB  HB2  sing N N 343 
TYR CB  HB3  sing N N 344 
TYR CG  CD1  doub Y N 345 
TYR CG  CD2  sing Y N 346 
TYR CD1 CE1  sing Y N 347 
TYR CD1 HD1  sing N N 348 
TYR CD2 CE2  doub Y N 349 
TYR CD2 HD2  sing N N 350 
TYR CE1 CZ   doub Y N 351 
TYR CE1 HE1  sing N N 352 
TYR CE2 CZ   sing Y N 353 
TYR CE2 HE2  sing N N 354 
TYR CZ  OH   sing N N 355 
TYR OH  HH   sing N N 356 
TYR OXT HXT  sing N N 357 
VAL N   CA   sing N N 358 
VAL N   H    sing N N 359 
VAL N   H2   sing N N 360 
VAL CA  C    sing N N 361 
VAL CA  CB   sing N N 362 
VAL CA  HA   sing N N 363 
VAL C   O    doub N N 364 
VAL C   OXT  sing N N 365 
VAL CB  CG1  sing N N 366 
VAL CB  CG2  sing N N 367 
VAL CB  HB   sing N N 368 
VAL CG1 HG11 sing N N 369 
VAL CG1 HG12 sing N N 370 
VAL CG1 HG13 sing N N 371 
VAL CG2 HG21 sing N N 372 
VAL CG2 HG22 sing N N 373 
VAL CG2 HG23 sing N N 374 
VAL OXT HXT  sing N N 375 
# 
_atom_sites.entry_id                    3ENU 
_atom_sites.fract_transf_matrix[1][1]   0.00676963 
_atom_sites.fract_transf_matrix[1][2]   0.00074602 
_atom_sites.fract_transf_matrix[1][3]   0.02051715 
_atom_sites.fract_transf_matrix[2][1]   -0.00270066 
_atom_sites.fract_transf_matrix[2][2]   0.01205284 
_atom_sites.fract_transf_matrix[2][3]   0.00045283 
_atom_sites.fract_transf_matrix[3][1]   -0.02875918 
_atom_sites.fract_transf_matrix[3][2]   -0.00680983 
_atom_sites.fract_transf_matrix[3][3]   0.00973670 
_atom_sites.fract_transf_vector[1]      -0.023186 
_atom_sites.fract_transf_vector[2]      0.349437 
_atom_sites.fract_transf_vector[3]      -0.005533 
# 
loop_
_atom_type.symbol 
C 
N 
O 
S 
# 
loop_
_atom_site.group_PDB 
_atom_site.id 
_atom_site.type_symbol 
_atom_site.label_atom_id 
_atom_site.label_alt_id 
_atom_site.label_comp_id 
_atom_site.label_asym_id 
_atom_site.label_entity_id 
_atom_site.label_seq_id 
_atom_site.pdbx_PDB_ins_code 
_atom_site.Cartn_x 
_atom_site.Cartn_y 
_atom_site.Cartn_z 
_atom_site.occupancy 
_atom_site.B_iso_or_equiv 
_atom_site.pdbx_formal_charge 
_atom_site.auth_seq_id 
_atom_site.auth_comp_id 
_atom_site.auth_asym_id 
_atom_site.auth_atom_id 
_atom_site.pdbx_PDB_model_num 
ATOM   1    N N   . THR A 1 1   ? -16.470 -1.330  -8.786  1.00 36.73 ? 27  THR A N   1 
ATOM   2    C CA  . THR A 1 1   ? -15.741 -0.152  -9.340  1.00 36.45 ? 27  THR A CA  1 
ATOM   3    C C   . THR A 1 1   ? -14.499 0.181   -8.516  1.00 34.54 ? 27  THR A C   1 
ATOM   4    O O   . THR A 1 1   ? -14.563 0.297   -7.289  1.00 34.82 ? 27  THR A O   1 
ATOM   5    C CB  . THR A 1 1   ? -16.643 1.103   -9.378  1.00 37.88 ? 27  THR A CB  1 
ATOM   6    O OG1 . THR A 1 1   ? -17.068 1.431   -8.050  1.00 39.89 ? 27  THR A OG1 1 
ATOM   7    C CG2 . THR A 1 1   ? -17.866 0.853   -10.251 1.00 39.45 ? 27  THR A CG2 1 
ATOM   8    N N   . ILE A 1 2   ? -13.371 0.327   -9.201  1.00 31.44 ? 28  ILE A N   1 
ATOM   9    C CA  . ILE A 1 2   ? -12.107 0.659   -8.555  1.00 27.81 ? 28  ILE A CA  1 
ATOM   10   C C   . ILE A 1 2   ? -11.379 1.694   -9.411  1.00 25.60 ? 28  ILE A C   1 
ATOM   11   O O   . ILE A 1 2   ? -11.165 1.488   -10.606 1.00 26.13 ? 28  ILE A O   1 
ATOM   12   C CB  . ILE A 1 2   ? -11.218 -0.594  -8.384  1.00 28.45 ? 28  ILE A CB  1 
ATOM   13   C CG1 . ILE A 1 2   ? -9.940  -0.227  -7.631  1.00 26.87 ? 28  ILE A CG1 1 
ATOM   14   C CG2 . ILE A 1 2   ? -10.877 -1.183  -9.741  1.00 29.50 ? 28  ILE A CG2 1 
ATOM   15   C CD1 . ILE A 1 2   ? -9.029  -1.406  -7.368  1.00 30.36 ? 28  ILE A CD1 1 
ATOM   16   N N   . GLU A 1 3   ? -11.004 2.809   -8.796  1.00 21.48 ? 29  GLU A N   1 
ATOM   17   C CA  . GLU A 1 3   ? -10.325 3.878   -9.517  1.00 18.26 ? 29  GLU A CA  1 
ATOM   18   C C   . GLU A 1 3   ? -9.098  4.377   -8.760  1.00 14.71 ? 29  GLU A C   1 
ATOM   19   O O   . GLU A 1 3   ? -8.802  3.910   -7.662  1.00 12.08 ? 29  GLU A O   1 
ATOM   20   C CB  . GLU A 1 3   ? -11.299 5.038   -9.740  1.00 21.33 ? 29  GLU A CB  1 
ATOM   21   C CG  . GLU A 1 3   ? -12.530 4.656   -10.551 1.00 27.71 ? 29  GLU A CG  1 
ATOM   22   C CD  . GLU A 1 3   ? -13.608 5.729   -10.540 1.00 31.48 ? 29  GLU A CD  1 
ATOM   23   O OE1 . GLU A 1 3   ? -14.245 5.931   -9.484  1.00 33.18 ? 29  GLU A OE1 1 
ATOM   24   O OE2 . GLU A 1 3   ? -13.817 6.372   -11.589 1.00 35.42 ? 29  GLU A OE2 1 
ATOM   25   N N   . VAL A 1 4   ? -8.383  5.323   -9.360  1.00 10.98 ? 30  VAL A N   1 
ATOM   26   C CA  . VAL A 1 4   ? -7.206  5.891   -8.716  1.00 10.05 ? 30  VAL A CA  1 
ATOM   27   C C   . VAL A 1 4   ? -7.714  6.675   -7.510  1.00 8.73  ? 30  VAL A C   1 
ATOM   28   O O   . VAL A 1 4   ? -8.662  7.453   -7.623  1.00 10.18 ? 30  VAL A O   1 
ATOM   29   C CB  . VAL A 1 4   ? -6.448  6.831   -9.678  1.00 9.36  ? 30  VAL A CB  1 
ATOM   30   C CG1 . VAL A 1 4   ? -5.298  7.515   -8.947  1.00 9.61  ? 30  VAL A CG1 1 
ATOM   31   C CG2 . VAL A 1 4   ? -5.923  6.030   -10.864 1.00 10.96 ? 30  VAL A CG2 1 
ATOM   32   N N   . PRO A 1 5   ? -7.100  6.470   -6.335  1.00 8.42  ? 31  PRO A N   1 
ATOM   33   C CA  . PRO A 1 5   ? -7.522  7.173   -5.120  1.00 8.00  ? 31  PRO A CA  1 
ATOM   34   C C   . PRO A 1 5   ? -7.124  8.647   -5.075  1.00 7.58  ? 31  PRO A C   1 
ATOM   35   O O   . PRO A 1 5   ? -6.351  9.119   -5.906  1.00 7.68  ? 31  PRO A O   1 
ATOM   36   C CB  . PRO A 1 5   ? -6.861  6.357   -4.013  1.00 8.11  ? 31  PRO A CB  1 
ATOM   37   C CG  . PRO A 1 5   ? -5.565  5.956   -4.649  1.00 8.17  ? 31  PRO A CG  1 
ATOM   38   C CD  . PRO A 1 5   ? -6.003  5.528   -6.042  1.00 8.06  ? 31  PRO A CD  1 
ATOM   39   N N   . VAL A 1 6   ? -7.664  9.357   -4.090  1.00 4.95  ? 32  VAL A N   1 
ATOM   40   C CA  . VAL A 1 6   ? -7.394  10.782  -3.898  1.00 6.16  ? 32  VAL A CA  1 
ATOM   41   C C   . VAL A 1 6   ? -6.528  10.976  -2.658  1.00 5.47  ? 32  VAL A C   1 
ATOM   42   O O   . VAL A 1 6   ? -6.868  10.482  -1.585  1.00 6.34  ? 32  VAL A O   1 
ATOM   43   C CB  . VAL A 1 6   ? -8.713  11.571  -3.694  1.00 5.33  ? 32  VAL A CB  1 
ATOM   44   C CG1 . VAL A 1 6   ? -8.418  13.041  -3.460  1.00 7.89  ? 32  VAL A CG1 1 
ATOM   45   C CG2 . VAL A 1 6   ? -9.615  11.399  -4.903  1.00 6.60  ? 32  VAL A CG2 1 
ATOM   46   N N   . LEU A 1 7   ? -5.414  11.692  -2.802  1.00 5.08  ? 33  LEU A N   1 
ATOM   47   C CA  . LEU A 1 7   ? -4.527  11.928  -1.664  1.00 5.56  ? 33  LEU A CA  1 
ATOM   48   C C   . LEU A 1 7   ? -5.180  12.965  -0.765  1.00 6.07  ? 33  LEU A C   1 
ATOM   49   O O   . LEU A 1 7   ? -5.555  14.042  -1.223  1.00 3.85  ? 33  LEU A O   1 
ATOM   50   C CB  . LEU A 1 7   ? -3.159  12.429  -2.136  1.00 6.46  ? 33  LEU A CB  1 
ATOM   51   C CG  . LEU A 1 7   ? -2.099  12.595  -1.040  1.00 7.00  ? 33  LEU A CG  1 
ATOM   52   C CD1 . LEU A 1 7   ? -1.767  11.236  -0.430  1.00 8.60  ? 33  LEU A CD1 1 
ATOM   53   C CD2 . LEU A 1 7   ? -0.849  13.233  -1.625  1.00 8.10  ? 33  LEU A CD2 1 
ATOM   54   N N   . THR A 1 8   ? -5.316  12.641  0.517   1.00 6.26  ? 34  THR A N   1 
ATOM   55   C CA  . THR A 1 8   ? -5.964  13.553  1.450   1.00 8.43  ? 34  THR A CA  1 
ATOM   56   C C   . THR A 1 8   ? -5.400  13.482  2.859   1.00 9.35  ? 34  THR A C   1 
ATOM   57   O O   . THR A 1 8   ? -4.889  12.448  3.289   1.00 12.67 ? 34  THR A O   1 
ATOM   58   C CB  . THR A 1 8   ? -7.453  13.219  1.612   1.00 10.37 ? 34  THR A CB  1 
ATOM   59   O OG1 . THR A 1 8   ? -7.576  12.109  2.509   1.00 17.42 ? 34  THR A OG1 1 
ATOM   60   C CG2 . THR A 1 8   ? -8.082  12.834  0.286   1.00 5.97  ? 34  THR A CG2 1 
ATOM   61   N N   . PHE A 1 9   ? -5.508  14.590  3.577   1.00 6.71  ? 35  PHE A N   1 
ATOM   62   C CA  . PHE A 1 9   ? -5.100  14.638  4.973   1.00 6.15  ? 35  PHE A CA  1 
ATOM   63   C C   . PHE A 1 9   ? -6.446  14.638  5.685   1.00 7.57  ? 35  PHE A C   1 
ATOM   64   O O   . PHE A 1 9   ? -7.294  15.478  5.389   1.00 6.94  ? 35  PHE A O   1 
ATOM   65   C CB  . PHE A 1 9   ? -4.363  15.935  5.300   1.00 6.66  ? 35  PHE A CB  1 
ATOM   66   C CG  . PHE A 1 9   ? -2.873  15.823  5.223   1.00 7.79  ? 35  PHE A CG  1 
ATOM   67   C CD1 . PHE A 1 9   ? -2.165  16.494  4.234   1.00 5.99  ? 35  PHE A CD1 1 
ATOM   68   C CD2 . PHE A 1 9   ? -2.172  15.068  6.159   1.00 7.63  ? 35  PHE A CD2 1 
ATOM   69   C CE1 . PHE A 1 9   ? -0.774  16.418  4.177   1.00 7.59  ? 35  PHE A CE1 1 
ATOM   70   C CE2 . PHE A 1 9   ? -0.781  14.984  6.112   1.00 6.82  ? 35  PHE A CE2 1 
ATOM   71   C CZ  . PHE A 1 9   ? -0.083  15.662  5.120   1.00 6.62  ? 35  PHE A CZ  1 
ATOM   72   N N   . VAL A 1 10  ? -6.657  13.694  6.597   1.00 6.30  ? 36  VAL A N   1 
ATOM   73   C CA  . VAL A 1 10  ? -7.925  13.631  7.316   1.00 6.45  ? 36  VAL A CA  1 
ATOM   74   C C   . VAL A 1 10  ? -7.702  13.588  8.820   1.00 5.96  ? 36  VAL A C   1 
ATOM   75   O O   . VAL A 1 10  ? -6.622  13.223  9.287   1.00 6.59  ? 36  VAL A O   1 
ATOM   76   C CB  . VAL A 1 10  ? -8.748  12.386  6.910   1.00 6.95  ? 36  VAL A CB  1 
ATOM   77   C CG1 . VAL A 1 10  ? -9.025  12.405  5.415   1.00 6.29  ? 36  VAL A CG1 1 
ATOM   78   C CG2 . VAL A 1 10  ? -8.001  11.117  7.300   1.00 7.55  ? 36  VAL A CG2 1 
ATOM   79   N N   . PRO A 1 11  ? -8.719  13.979  9.602   1.00 6.64  ? 37  PRO A N   1 
ATOM   80   C CA  . PRO A 1 11  ? -8.576  13.955  11.060  1.00 7.56  ? 37  PRO A CA  1 
ATOM   81   C C   . PRO A 1 11  ? -8.391  12.513  11.515  1.00 7.20  ? 37  PRO A C   1 
ATOM   82   O O   . PRO A 1 11  ? -8.847  11.586  10.845  1.00 7.00  ? 37  PRO A O   1 
ATOM   83   C CB  . PRO A 1 11  ? -9.899  14.539  11.547  1.00 8.25  ? 37  PRO A CB  1 
ATOM   84   C CG  . PRO A 1 11  ? -10.293 15.462  10.425  1.00 7.95  ? 37  PRO A CG  1 
ATOM   85   C CD  . PRO A 1 11  ? -9.979  14.632  9.207   1.00 7.55  ? 37  PRO A CD  1 
ATOM   86   N N   . VAL A 1 12  ? -7.728  12.325  12.649  1.00 6.67  ? 38  VAL A N   1 
ATOM   87   C CA  . VAL A 1 12  ? -7.496  10.984  13.168  1.00 8.45  ? 38  VAL A CA  1 
ATOM   88   C C   . VAL A 1 12  ? -8.798  10.206  13.346  1.00 8.35  ? 38  VAL A C   1 
ATOM   89   O O   . VAL A 1 12  ? -8.811  8.982   13.219  1.00 9.25  ? 38  VAL A O   1 
ATOM   90   C CB  . VAL A 1 12  ? -6.742  11.021  14.521  1.00 9.21  ? 38  VAL A CB  1 
ATOM   91   C CG1 . VAL A 1 12  ? -5.343  11.578  14.320  1.00 10.78 ? 38  VAL A CG1 1 
ATOM   92   C CG2 . VAL A 1 12  ? -7.506  11.870  15.521  1.00 11.44 ? 38  VAL A CG2 1 
ATOM   93   N N   . GLN A 1 13  ? -9.891  10.910  13.633  1.00 9.37  ? 39  GLN A N   1 
ATOM   94   C CA  . GLN A 1 13  ? -11.185 10.251  13.819  1.00 10.23 ? 39  GLN A CA  1 
ATOM   95   C C   . GLN A 1 13  ? -11.638 9.585   12.525  1.00 11.06 ? 39  GLN A C   1 
ATOM   96   O O   . GLN A 1 13  ? -12.228 8.500   12.541  1.00 10.42 ? 39  GLN A O   1 
ATOM   97   C CB  . GLN A 1 13  ? -12.257 11.256  14.260  1.00 13.38 ? 39  GLN A CB  1 
ATOM   98   C CG  . GLN A 1 13  ? -12.106 11.806  15.673  1.00 19.33 ? 39  GLN A CG  1 
ATOM   99   C CD  . GLN A 1 13  ? -10.896 12.706  15.840  1.00 21.09 ? 39  GLN A CD  1 
ATOM   100  O OE1 . GLN A 1 13  ? -10.547 13.475  14.941  1.00 20.87 ? 39  GLN A OE1 1 
ATOM   101  N NE2 . GLN A 1 13  ? -10.259 12.629  17.004  1.00 24.41 ? 39  GLN A NE2 1 
ATOM   102  N N   . VAL A 1 14  ? -11.363 10.243  11.403  1.00 9.32  ? 40  VAL A N   1 
ATOM   103  C CA  . VAL A 1 14  ? -11.742 9.722   10.096  1.00 8.43  ? 40  VAL A CA  1 
ATOM   104  C C   . VAL A 1 14  ? -10.877 8.537   9.675   1.00 8.90  ? 40  VAL A C   1 
ATOM   105  O O   . VAL A 1 14  ? -11.401 7.524   9.211   1.00 9.02  ? 40  VAL A O   1 
ATOM   106  C CB  . VAL A 1 14  ? -11.657 10.824  9.018   1.00 8.32  ? 40  VAL A CB  1 
ATOM   107  C CG1 . VAL A 1 14  ? -11.898 10.229  7.637   1.00 9.08  ? 40  VAL A CG1 1 
ATOM   108  C CG2 . VAL A 1 14  ? -12.689 11.905  9.309   1.00 9.37  ? 40  VAL A CG2 1 
ATOM   109  N N   . SER A 1 15  ? -9.559  8.656   9.830   1.00 8.30  ? 41  SER A N   1 
ATOM   110  C CA  . SER A 1 15  ? -8.677  7.555   9.452   1.00 8.41  ? 41  SER A CA  1 
ATOM   111  C C   . SER A 1 15  ? -8.902  6.362   10.379  1.00 8.04  ? 41  SER A C   1 
ATOM   112  O O   . SER A 1 15  ? -8.799  5.213   9.954   1.00 7.17  ? 41  SER A O   1 
ATOM   113  C CB  . SER A 1 15  ? -7.202  7.990   9.482   1.00 10.85 ? 41  SER A CB  1 
ATOM   114  O OG  . SER A 1 15  ? -6.792  8.412   10.768  1.00 9.64  ? 41  SER A OG  1 
ATOM   115  N N   . ALA A 1 16  ? -9.227  6.633   11.642  1.00 7.68  ? 42  ALA A N   1 
ATOM   116  C CA  . ALA A 1 16  ? -9.480  5.558   12.599  1.00 7.14  ? 42  ALA A CA  1 
ATOM   117  C C   . ALA A 1 16  ? -10.717 4.764   12.176  1.00 7.54  ? 42  ALA A C   1 
ATOM   118  O O   . ALA A 1 16  ? -10.762 3.545   12.332  1.00 8.04  ? 42  ALA A O   1 
ATOM   119  C CB  . ALA A 1 16  ? -9.682  6.126   13.997  1.00 7.62  ? 42  ALA A CB  1 
ATOM   120  N N   . GLU A 1 17  ? -11.721 5.460   11.646  1.00 6.30  ? 43  GLU A N   1 
ATOM   121  C CA  . GLU A 1 17  ? -12.951 4.806   11.205  1.00 7.09  ? 43  GLU A CA  1 
ATOM   122  C C   . GLU A 1 17  ? -12.698 4.013   9.925   1.00 6.66  ? 43  GLU A C   1 
ATOM   123  O O   . GLU A 1 17  ? -13.239 2.919   9.746   1.00 5.85  ? 43  GLU A O   1 
ATOM   124  C CB  . GLU A 1 17  ? -14.056 5.845   10.980  1.00 6.96  ? 43  GLU A CB  1 
ATOM   125  C CG  . GLU A 1 17  ? -15.404 5.277   10.536  1.00 8.45  ? 43  GLU A CG  1 
ATOM   126  C CD  . GLU A 1 17  ? -15.972 4.248   11.507  1.00 10.82 ? 43  GLU A CD  1 
ATOM   127  O OE1 . GLU A 1 17  ? -15.578 4.249   12.691  1.00 8.40  ? 43  GLU A OE1 1 
ATOM   128  O OE2 . GLU A 1 17  ? -16.830 3.443   11.085  1.00 12.18 ? 43  GLU A OE2 1 
ATOM   129  N N   . LEU A 1 18  ? -11.876 4.556   9.030   1.00 6.23  ? 44  LEU A N   1 
ATOM   130  C CA  . LEU A 1 18  ? -11.575 3.832   7.803   1.00 6.90  ? 44  LEU A CA  1 
ATOM   131  C C   . LEU A 1 18  ? -10.786 2.587   8.202   1.00 6.40  ? 44  LEU A C   1 
ATOM   132  O O   . LEU A 1 18  ? -10.916 1.536   7.580   1.00 5.62  ? 44  LEU A O   1 
ATOM   133  C CB  . LEU A 1 18  ? -10.758 4.699   6.831   1.00 6.60  ? 44  LEU A CB  1 
ATOM   134  C CG  . LEU A 1 18  ? -11.458 5.935   6.245   1.00 6.98  ? 44  LEU A CG  1 
ATOM   135  C CD1 . LEU A 1 18  ? -10.476 6.736   5.406   1.00 6.01  ? 44  LEU A CD1 1 
ATOM   136  C CD2 . LEU A 1 18  ? -12.645 5.507   5.392   1.00 7.60  ? 44  LEU A CD2 1 
ATOM   137  N N   . GLU A 1 19  ? -9.976  2.706   9.251   1.00 7.01  ? 45  GLU A N   1 
ATOM   138  C CA  . GLU A 1 19  ? -9.194  1.563   9.717   1.00 8.80  ? 45  GLU A CA  1 
ATOM   139  C C   . GLU A 1 19  ? -10.136 0.508   10.301  1.00 8.33  ? 45  GLU A C   1 
ATOM   140  O O   . GLU A 1 19  ? -9.981  -0.692  10.051  1.00 7.95  ? 45  GLU A O   1 
ATOM   141  C CB  . GLU A 1 19  ? -8.175  2.001   10.776  1.00 11.86 ? 45  GLU A CB  1 
ATOM   142  C CG  . GLU A 1 19  ? -7.202  0.900   11.181  1.00 13.73 ? 45  GLU A CG  1 
ATOM   143  C CD  . GLU A 1 19  ? -6.115  1.386   12.126  1.00 17.83 ? 45  GLU A CD  1 
ATOM   144  O OE1 . GLU A 1 19  ? -5.427  2.374   11.795  1.00 21.03 ? 45  GLU A OE1 1 
ATOM   145  O OE2 . GLU A 1 19  ? -5.942  0.776   13.198  1.00 20.83 ? 45  GLU A OE2 1 
ATOM   146  N N   . ASN A 1 20  ? -11.122 0.961   11.070  1.00 7.44  ? 46  ASN A N   1 
ATOM   147  C CA  . ASN A 1 20  ? -12.085 0.049   11.675  1.00 7.73  ? 46  ASN A CA  1 
ATOM   148  C C   . ASN A 1 20  ? -12.844 -0.734  10.602  1.00 6.67  ? 46  ASN A C   1 
ATOM   149  O O   . ASN A 1 20  ? -13.132 -1.920  10.779  1.00 7.35  ? 46  ASN A O   1 
ATOM   150  C CB  . ASN A 1 20  ? -13.089 0.824   12.533  1.00 10.02 ? 46  ASN A CB  1 
ATOM   151  C CG  . ASN A 1 20  ? -14.099 -0.086  13.203  1.00 13.98 ? 46  ASN A CG  1 
ATOM   152  O OD1 . ASN A 1 20  ? -13.779 -0.791  14.162  1.00 18.06 ? 46  ASN A OD1 1 
ATOM   153  N ND2 . ASN A 1 20  ? -15.321 -0.087  12.693  1.00 14.81 ? 46  ASN A ND2 1 
ATOM   154  N N   . ARG A 1 21  ? -13.165 -0.070  9.492   1.00 5.68  ? 47  ARG A N   1 
ATOM   155  C CA  . ARG A 1 21  ? -13.895 -0.721  8.405   1.00 6.90  ? 47  ARG A CA  1 
ATOM   156  C C   . ARG A 1 21  ? -13.094 -1.888  7.829   1.00 8.09  ? 47  ARG A C   1 
ATOM   157  O O   . ARG A 1 21  ? -13.661 -2.807  7.240   1.00 9.46  ? 47  ARG A O   1 
ATOM   158  C CB  . ARG A 1 21  ? -14.264 0.297   7.319   1.00 7.32  ? 47  ARG A CB  1 
ATOM   159  C CG  . ARG A 1 21  ? -15.311 1.317   7.785   1.00 9.36  ? 47  ARG A CG  1 
ATOM   160  C CD  . ARG A 1 21  ? -15.610 2.359   6.715   1.00 10.12 ? 47  ARG A CD  1 
ATOM   161  N NE  . ARG A 1 21  ? -16.280 1.785   5.552   1.00 9.04  ? 47  ARG A NE  1 
ATOM   162  C CZ  . ARG A 1 21  ? -17.600 1.700   5.406   1.00 10.36 ? 47  ARG A CZ  1 
ATOM   163  N NH1 . ARG A 1 21  ? -18.409 2.159   6.355   1.00 9.49  ? 47  ARG A NH1 1 
ATOM   164  N NH2 . ARG A 1 21  ? -18.110 1.150   4.311   1.00 7.54  ? 47  ARG A NH2 1 
ATOM   165  N N   . GLY A 1 22  ? -11.776 -1.837  7.985   1.00 7.54  ? 48  GLY A N   1 
ATOM   166  C CA  . GLY A 1 22  ? -10.935 -2.943  7.559   1.00 6.70  ? 48  GLY A CA  1 
ATOM   167  C C   . GLY A 1 22  ? -10.338 -3.071  6.173   1.00 7.61  ? 48  GLY A C   1 
ATOM   168  O O   . GLY A 1 22  ? -9.469  -3.925  5.977   1.00 5.60  ? 48  GLY A O   1 
ATOM   169  N N   . CYS A 1 23  ? -10.782 -2.275  5.207   1.00 6.48  ? 49  CYS A N   1 
ATOM   170  C CA  . CYS A 1 23  ? -10.200 -2.387  3.875   1.00 5.82  ? 49  CYS A CA  1 
ATOM   171  C C   . CYS A 1 23  ? -9.113  -1.335  3.725   1.00 7.15  ? 49  CYS A C   1 
ATOM   172  O O   . CYS A 1 23  ? -9.358  -0.237  3.219   1.00 7.72  ? 49  CYS A O   1 
ATOM   173  C CB  . CYS A 1 23  ? -11.255 -2.194  2.785   1.00 9.29  ? 49  CYS A CB  1 
ATOM   174  S SG  . CYS A 1 23  ? -10.563 -2.541  1.137   1.00 11.00 ? 49  CYS A SG  1 
ATOM   175  N N   . TRP A 1 24  ? -7.907  -1.676  4.168   1.00 6.32  ? 50  TRP A N   1 
ATOM   176  C CA  . TRP A 1 24  ? -6.797  -0.736  4.106   1.00 6.66  ? 50  TRP A CA  1 
ATOM   177  C C   . TRP A 1 24  ? -5.438  -1.414  4.065   1.00 6.45  ? 50  TRP A C   1 
ATOM   178  O O   . TRP A 1 24  ? -5.323  -2.630  4.218   1.00 5.13  ? 50  TRP A O   1 
ATOM   179  C CB  . TRP A 1 24  ? -6.829  0.193   5.328   1.00 5.46  ? 50  TRP A CB  1 
ATOM   180  C CG  . TRP A 1 24  ? -6.866  -0.544  6.653   1.00 6.81  ? 50  TRP A CG  1 
ATOM   181  C CD1 . TRP A 1 24  ? -7.975  -0.842  7.395   1.00 5.43  ? 50  TRP A CD1 1 
ATOM   182  C CD2 . TRP A 1 24  ? -5.749  -1.102  7.365   1.00 6.81  ? 50  TRP A CD2 1 
ATOM   183  N NE1 . TRP A 1 24  ? -7.618  -1.548  8.521   1.00 6.71  ? 50  TRP A NE1 1 
ATOM   184  C CE2 . TRP A 1 24  ? -6.259  -1.721  8.527   1.00 7.24  ? 50  TRP A CE2 1 
ATOM   185  C CE3 . TRP A 1 24  ? -4.366  -1.139  7.130   1.00 7.46  ? 50  TRP A CE3 1 
ATOM   186  C CZ2 . TRP A 1 24  ? -5.435  -2.371  9.457   1.00 7.45  ? 50  TRP A CZ2 1 
ATOM   187  C CZ3 . TRP A 1 24  ? -3.545  -1.788  8.057   1.00 7.50  ? 50  TRP A CZ3 1 
ATOM   188  C CH2 . TRP A 1 24  ? -4.085  -2.394  9.204   1.00 7.85  ? 50  TRP A CH2 1 
ATOM   189  N N   . VAL A 1 25  ? -4.414  -0.596  3.849   1.00 6.37  ? 51  VAL A N   1 
ATOM   190  C CA  . VAL A 1 25  ? -3.031  -1.048  3.845   1.00 6.51  ? 51  VAL A CA  1 
ATOM   191  C C   . VAL A 1 25  ? -2.210  0.101   4.402   1.00 6.05  ? 51  VAL A C   1 
ATOM   192  O O   . VAL A 1 25  ? -2.542  1.269   4.196   1.00 7.21  ? 51  VAL A O   1 
ATOM   193  C CB  . VAL A 1 25  ? -2.506  -1.387  2.423   1.00 8.89  ? 51  VAL A CB  1 
ATOM   194  C CG1 . VAL A 1 25  ? -3.249  -2.581  1.867   1.00 11.76 ? 51  VAL A CG1 1 
ATOM   195  C CG2 . VAL A 1 25  ? -2.654  -0.192  1.503   1.00 11.23 ? 51  VAL A CG2 1 
ATOM   196  N N   . LYS A 1 26  ? -1.159  -0.235  5.139   1.00 5.29  ? 52  LYS A N   1 
ATOM   197  C CA  . LYS A 1 26  ? -0.268  0.772   5.694   1.00 4.85  ? 52  LYS A CA  1 
ATOM   198  C C   . LYS A 1 26  ? 1.128   0.480   5.174   1.00 5.51  ? 52  LYS A C   1 
ATOM   199  O O   . LYS A 1 26  ? 1.603   -0.653  5.260   1.00 5.00  ? 52  LYS A O   1 
ATOM   200  C CB  . LYS A 1 26  ? -0.278  0.731   7.222   1.00 6.36  ? 52  LYS A CB  1 
ATOM   201  C CG  . LYS A 1 26  ? -1.568  1.247   7.828   1.00 10.48 ? 52  LYS A CG  1 
ATOM   202  C CD  . LYS A 1 26  ? -1.530  1.220   9.344   1.00 12.94 ? 52  LYS A CD  1 
ATOM   203  C CE  . LYS A 1 26  ? -2.908  1.509   9.918   1.00 15.67 ? 52  LYS A CE  1 
ATOM   204  N NZ  . LYS A 1 26  ? -2.905  1.472   11.405  1.00 18.79 ? 52  LYS A NZ  1 
ATOM   205  N N   . PHE A 1 27  ? 1.768   1.499   4.612   1.00 5.20  ? 53  PHE A N   1 
ATOM   206  C CA  . PHE A 1 27  ? 3.115   1.359   4.076   1.00 5.06  ? 53  PHE A CA  1 
ATOM   207  C C   . PHE A 1 27  ? 4.058   2.108   5.008   1.00 5.26  ? 53  PHE A C   1 
ATOM   208  O O   . PHE A 1 27  ? 3.898   3.307   5.225   1.00 6.09  ? 53  PHE A O   1 
ATOM   209  C CB  . PHE A 1 27  ? 3.182   1.953   2.669   1.00 4.23  ? 53  PHE A CB  1 
ATOM   210  C CG  . PHE A 1 27  ? 2.458   1.150   1.623   1.00 6.46  ? 53  PHE A CG  1 
ATOM   211  C CD1 . PHE A 1 27  ? 1.820   1.787   0.564   1.00 7.21  ? 53  PHE A CD1 1 
ATOM   212  C CD2 . PHE A 1 27  ? 2.438   -0.242  1.677   1.00 9.13  ? 53  PHE A CD2 1 
ATOM   213  C CE1 . PHE A 1 27  ? 1.172   1.052   -0.431  1.00 8.15  ? 53  PHE A CE1 1 
ATOM   214  C CE2 . PHE A 1 27  ? 1.792   -0.990  0.685   1.00 9.32  ? 53  PHE A CE2 1 
ATOM   215  C CZ  . PHE A 1 27  ? 1.158   -0.342  -0.369  1.00 7.61  ? 53  PHE A CZ  1 
ATOM   216  N N   . PHE A 1 28  ? 5.032   1.399   5.566   1.00 7.16  ? 54  PHE A N   1 
ATOM   217  C CA  . PHE A 1 28  ? 5.973   2.013   6.490   1.00 6.02  ? 54  PHE A CA  1 
ATOM   218  C C   . PHE A 1 28  ? 7.308   2.354   5.863   1.00 7.60  ? 54  PHE A C   1 
ATOM   219  O O   . PHE A 1 28  ? 7.806   1.644   4.989   1.00 6.53  ? 54  PHE A O   1 
ATOM   220  C CB  . PHE A 1 28  ? 6.200   1.105   7.695   1.00 7.81  ? 54  PHE A CB  1 
ATOM   221  C CG  . PHE A 1 28  ? 4.968   0.877   8.513   1.00 8.60  ? 54  PHE A CG  1 
ATOM   222  C CD1 . PHE A 1 28  ? 3.999   -0.032  8.100   1.00 9.83  ? 54  PHE A CD1 1 
ATOM   223  C CD2 . PHE A 1 28  ? 4.760   1.595   9.686   1.00 8.34  ? 54  PHE A CD2 1 
ATOM   224  C CE1 . PHE A 1 28  ? 2.834   -0.222  8.848   1.00 9.69  ? 54  PHE A CE1 1 
ATOM   225  C CE2 . PHE A 1 28  ? 3.604   1.413   10.437  1.00 8.60  ? 54  PHE A CE2 1 
ATOM   226  C CZ  . PHE A 1 28  ? 2.640   0.502   10.015  1.00 8.52  ? 54  PHE A CZ  1 
ATOM   227  N N   . ASP A 1 29  ? 7.884   3.445   6.349   1.00 8.12  ? 55  ASP A N   1 
ATOM   228  C CA  . ASP A 1 29  ? 9.157   3.958   5.877   1.00 9.93  ? 55  ASP A CA  1 
ATOM   229  C C   . ASP A 1 29  ? 10.343  3.098   6.315   1.00 9.91  ? 55  ASP A C   1 
ATOM   230  O O   . ASP A 1 29  ? 11.378  3.081   5.657   1.00 9.95  ? 55  ASP A O   1 
ATOM   231  C CB  . ASP A 1 29  ? 9.313   5.397   6.384   1.00 13.88 ? 55  ASP A CB  1 
ATOM   232  C CG  . ASP A 1 29  ? 10.578  6.055   5.898   1.00 16.49 ? 55  ASP A CG  1 
ATOM   233  O OD1 . ASP A 1 29  ? 10.937  5.858   4.718   1.00 16.78 ? 55  ASP A OD1 1 
ATOM   234  O OD2 . ASP A 1 29  ? 11.201  6.788   6.699   1.00 16.41 ? 55  ASP A OD2 1 
ATOM   235  N N   . LYS A 1 30  ? 10.192  2.377   7.422   1.00 8.44  ? 56  LYS A N   1 
ATOM   236  C CA  . LYS A 1 30  ? 11.273  1.533   7.920   1.00 9.60  ? 56  LYS A CA  1 
ATOM   237  C C   . LYS A 1 30  ? 10.819  0.088   8.052   1.00 8.80  ? 56  LYS A C   1 
ATOM   238  O O   . LYS A 1 30  ? 9.625   -0.202  8.019   1.00 7.98  ? 56  LYS A O   1 
ATOM   239  C CB  . LYS A 1 30  ? 11.753  2.045   9.283   1.00 10.68 ? 56  LYS A CB  1 
ATOM   240  C CG  . LYS A 1 30  ? 12.197  3.507   9.270   1.00 15.20 ? 56  LYS A CG  1 
ATOM   241  C CD  . LYS A 1 30  ? 12.629  3.990   10.649  1.00 18.17 ? 56  LYS A CD  1 
ATOM   242  C CE  . LYS A 1 30  ? 14.030  3.516   11.010  1.00 23.36 ? 56  LYS A CE  1 
ATOM   243  N NZ  . LYS A 1 30  ? 14.156  2.031   11.043  1.00 26.32 ? 56  LYS A NZ  1 
ATOM   244  N N   . LYS A 1 31  ? 11.775  -0.823  8.192   1.00 7.42  ? 57  LYS A N   1 
ATOM   245  C CA  . LYS A 1 31  ? 11.444  -2.234  8.344   1.00 8.31  ? 57  LYS A CA  1 
ATOM   246  C C   . LYS A 1 31  ? 10.731  -2.472  9.673   1.00 7.66  ? 57  LYS A C   1 
ATOM   247  O O   . LYS A 1 31  ? 10.777  -1.636  10.580  1.00 7.42  ? 57  LYS A O   1 
ATOM   248  C CB  . LYS A 1 31  ? 12.720  -3.081  8.263   1.00 10.46 ? 57  LYS A CB  1 
ATOM   249  C CG  . LYS A 1 31  ? 13.272  -3.205  6.842   1.00 12.34 ? 57  LYS A CG  1 
ATOM   250  C CD  . LYS A 1 31  ? 14.771  -3.477  6.811   1.00 18.05 ? 57  LYS A CD  1 
ATOM   251  C CE  . LYS A 1 31  ? 15.136  -4.781  7.482   1.00 21.93 ? 57  LYS A CE  1 
ATOM   252  N NZ  . LYS A 1 31  ? 16.614  -5.011  7.449   1.00 20.93 ? 57  LYS A NZ  1 
ATOM   253  N N   . ASN A 1 32  ? 10.060  -3.612  9.773   1.00 7.36  ? 58  ASN A N   1 
ATOM   254  C CA  . ASN A 1 32  ? 9.339   -3.991  10.981  1.00 8.48  ? 58  ASN A CA  1 
ATOM   255  C C   . ASN A 1 32  ? 8.261   -3.018  11.440  1.00 6.78  ? 58  ASN A C   1 
ATOM   256  O O   . ASN A 1 32  ? 8.023   -2.853  12.638  1.00 7.54  ? 58  ASN A O   1 
ATOM   257  C CB  . ASN A 1 32  ? 10.330  -4.263  12.113  1.00 9.68  ? 58  ASN A CB  1 
ATOM   258  C CG  . ASN A 1 32  ? 11.155  -5.501  11.857  1.00 13.08 ? 58  ASN A CG  1 
ATOM   259  O OD1 . ASN A 1 32  ? 12.000  -5.518  10.973  1.00 15.11 ? 58  ASN A OD1 1 
ATOM   260  N ND2 . ASN A 1 32  ? 10.892  -6.561  12.618  1.00 17.98 ? 58  ASN A ND2 1 
ATOM   261  N N   . PHE A 1 33  ? 7.610   -2.381  10.475  1.00 6.90  ? 59  PHE A N   1 
ATOM   262  C CA  . PHE A 1 33  ? 6.512   -1.463  10.754  1.00 6.40  ? 59  PHE A CA  1 
ATOM   263  C C   . PHE A 1 33  ? 6.871   -0.284  11.646  1.00 7.88  ? 59  PHE A C   1 
ATOM   264  O O   . PHE A 1 33  ? 6.042   0.205   12.418  1.00 8.44  ? 59  PHE A O   1 
ATOM   265  C CB  . PHE A 1 33  ? 5.361   -2.273  11.349  1.00 7.71  ? 59  PHE A CB  1 
ATOM   266  C CG  . PHE A 1 33  ? 5.247   -3.639  10.746  1.00 5.54  ? 59  PHE A CG  1 
ATOM   267  C CD1 . PHE A 1 33  ? 5.621   -4.767  11.469  1.00 6.72  ? 59  PHE A CD1 1 
ATOM   268  C CD2 . PHE A 1 33  ? 4.881   -3.787  9.413   1.00 5.83  ? 59  PHE A CD2 1 
ATOM   269  C CE1 . PHE A 1 33  ? 5.640   -6.022  10.872  1.00 6.45  ? 59  PHE A CE1 1 
ATOM   270  C CE2 . PHE A 1 33  ? 4.897   -5.039  8.801   1.00 6.12  ? 59  PHE A CE2 1 
ATOM   271  C CZ  . PHE A 1 33  ? 5.281   -6.161  9.534   1.00 7.61  ? 59  PHE A CZ  1 
ATOM   272  N N   . GLN A 1 34  ? 8.112   0.174   11.525  1.00 7.53  ? 60  GLN A N   1 
ATOM   273  C CA  . GLN A 1 34  ? 8.586   1.311   12.298  1.00 10.10 ? 60  GLN A CA  1 
ATOM   274  C C   . GLN A 1 34  ? 8.603   2.545   11.405  1.00 11.08 ? 60  GLN A C   1 
ATOM   275  O O   . GLN A 1 34  ? 8.419   2.443   10.192  1.00 11.10 ? 60  GLN A O   1 
ATOM   276  C CB  . GLN A 1 34  ? 9.991   1.042   12.842  1.00 10.62 ? 60  GLN A CB  1 
ATOM   277  C CG  . GLN A 1 34  ? 10.054  -0.104  13.843  1.00 11.25 ? 60  GLN A CG  1 
ATOM   278  C CD  . GLN A 1 34  ? 8.965   -0.007  14.895  1.00 12.04 ? 60  GLN A CD  1 
ATOM   279  O OE1 . GLN A 1 34  ? 7.932   -0.674  14.803  1.00 14.77 ? 60  GLN A OE1 1 
ATOM   280  N NE2 . GLN A 1 34  ? 9.184   0.838   15.894  1.00 11.00 ? 60  GLN A NE2 1 
ATOM   281  N N   . GLY A 1 35  ? 8.821   3.709   12.005  1.00 11.80 ? 61  GLY A N   1 
ATOM   282  C CA  . GLY A 1 35  ? 8.853   4.939   11.234  1.00 13.10 ? 61  GLY A CA  1 
ATOM   283  C C   . GLY A 1 35  ? 7.453   5.405   10.891  1.00 13.31 ? 61  GLY A C   1 
ATOM   284  O O   . GLY A 1 35  ? 6.476   4.850   11.391  1.00 13.43 ? 61  GLY A O   1 
ATOM   285  N N   . ASP A 1 36  ? 7.345   6.422   10.040  1.00 13.35 ? 62  ASP A N   1 
ATOM   286  C CA  . ASP A 1 36  ? 6.037   6.940   9.654   1.00 13.58 ? 62  ASP A CA  1 
ATOM   287  C C   . ASP A 1 36  ? 5.408   6.049   8.592   1.00 10.82 ? 62  ASP A C   1 
ATOM   288  O O   . ASP A 1 36  ? 6.087   5.217   7.996   1.00 11.97 ? 62  ASP A O   1 
ATOM   289  C CB  . ASP A 1 36  ? 6.153   8.397   9.165   1.00 13.18 ? 62  ASP A CB  1 
ATOM   290  C CG  . ASP A 1 36  ? 7.062   8.557   7.947   1.00 16.58 ? 62  ASP A CG  1 
ATOM   291  O OD1 . ASP A 1 36  ? 7.642   9.656   7.789   1.00 16.85 ? 62  ASP A OD1 1 
ATOM   292  O OD2 . ASP A 1 36  ? 7.191   7.615   7.140   1.00 15.85 ? 62  ASP A OD2 1 
ATOM   293  N N   . SER A 1 37  ? 4.110   6.208   8.360   1.00 11.08 ? 63  SER A N   1 
ATOM   294  C CA  . SER A 1 37  ? 3.439   5.374   7.371   1.00 8.05  ? 63  SER A CA  1 
ATOM   295  C C   . SER A 1 37  ? 2.367   6.096   6.573   1.00 7.79  ? 63  SER A C   1 
ATOM   296  O O   . SER A 1 37  ? 1.751   7.051   7.054   1.00 8.06  ? 63  SER A O   1 
ATOM   297  C CB  . SER A 1 37  ? 2.810   4.155   8.058   1.00 9.26  ? 63  SER A CB  1 
ATOM   298  O OG  . SER A 1 37  ? 1.839   4.551   9.014   1.00 8.98  ? 63  SER A OG  1 
ATOM   299  N N   . LEU A 1 38  ? 2.167   5.632   5.343   1.00 6.21  ? 64  LEU A N   1 
ATOM   300  C CA  . LEU A 1 38  ? 1.145   6.169   4.452   1.00 5.98  ? 64  LEU A CA  1 
ATOM   301  C C   . LEU A 1 38  ? -0.028  5.212   4.595   1.00 6.58  ? 64  LEU A C   1 
ATOM   302  O O   . LEU A 1 38  ? 0.156   3.990   4.573   1.00 5.97  ? 64  LEU A O   1 
ATOM   303  C CB  . LEU A 1 38  ? 1.631   6.168   3.000   1.00 6.70  ? 64  LEU A CB  1 
ATOM   304  C CG  . LEU A 1 38  ? 0.619   6.613   1.934   1.00 6.71  ? 64  LEU A CG  1 
ATOM   305  C CD1 . LEU A 1 38  ? 0.181   8.048   2.193   1.00 5.41  ? 64  LEU A CD1 1 
ATOM   306  C CD2 . LEU A 1 38  ? 1.251   6.496   0.552   1.00 7.29  ? 64  LEU A CD2 1 
ATOM   307  N N   . PHE A 1 39  ? -1.225  5.764   4.745   1.00 5.88  ? 65  PHE A N   1 
ATOM   308  C CA  . PHE A 1 39  ? -2.429  4.962   4.918   1.00 7.27  ? 65  PHE A CA  1 
ATOM   309  C C   . PHE A 1 39  ? -3.287  5.028   3.666   1.00 6.35  ? 65  PHE A C   1 
ATOM   310  O O   . PHE A 1 39  ? -3.510  6.109   3.115   1.00 6.63  ? 65  PHE A O   1 
ATOM   311  C CB  . PHE A 1 39  ? -3.212  5.486   6.130   1.00 6.63  ? 65  PHE A CB  1 
ATOM   312  C CG  . PHE A 1 39  ? -4.443  4.689   6.464   1.00 10.90 ? 65  PHE A CG  1 
ATOM   313  C CD1 . PHE A 1 39  ? -5.701  5.129   6.070   1.00 13.72 ? 65  PHE A CD1 1 
ATOM   314  C CD2 . PHE A 1 39  ? -4.347  3.519   7.207   1.00 12.86 ? 65  PHE A CD2 1 
ATOM   315  C CE1 . PHE A 1 39  ? -6.852  4.413   6.418   1.00 16.39 ? 65  PHE A CE1 1 
ATOM   316  C CE2 . PHE A 1 39  ? -5.488  2.797   7.560   1.00 13.98 ? 65  PHE A CE2 1 
ATOM   317  C CZ  . PHE A 1 39  ? -6.742  3.245   7.166   1.00 12.98 ? 65  PHE A CZ  1 
ATOM   318  N N   . LEU A 1 40  ? -3.745  3.868   3.202   1.00 5.97  ? 66  LEU A N   1 
ATOM   319  C CA  . LEU A 1 40  ? -4.597  3.809   2.023   1.00 5.74  ? 66  LEU A CA  1 
ATOM   320  C C   . LEU A 1 40  ? -5.824  2.965   2.326   1.00 6.77  ? 66  LEU A C   1 
ATOM   321  O O   . LEU A 1 40  ? -5.709  1.863   2.861   1.00 8.00  ? 66  LEU A O   1 
ATOM   322  C CB  . LEU A 1 40  ? -3.853  3.203   0.826   1.00 6.87  ? 66  LEU A CB  1 
ATOM   323  C CG  . LEU A 1 40  ? -2.571  3.897   0.359   1.00 7.91  ? 66  LEU A CG  1 
ATOM   324  C CD1 . LEU A 1 40  ? -1.395  3.385   1.177   1.00 8.54  ? 66  LEU A CD1 1 
ATOM   325  C CD2 . LEU A 1 40  ? -2.342  3.617   -1.124  1.00 8.98  ? 66  LEU A CD2 1 
ATOM   326  N N   . SER A 1 41  ? -6.997  3.494   1.993   1.00 6.46  ? 67  SER A N   1 
ATOM   327  C CA  . SER A 1 41  ? -8.250  2.784   2.211   1.00 6.57  ? 67  SER A CA  1 
ATOM   328  C C   . SER A 1 41  ? -8.777  2.416   0.826   1.00 6.74  ? 67  SER A C   1 
ATOM   329  O O   . SER A 1 41  ? -8.654  3.203   -0.116  1.00 5.67  ? 67  SER A O   1 
ATOM   330  C CB  . SER A 1 41  ? -9.252  3.679   2.951   1.00 8.22  ? 67  SER A CB  1 
ATOM   331  O OG  . SER A 1 41  ? -10.351 2.917   3.427   1.00 8.03  ? 67  SER A OG  1 
ATOM   332  N N   . GLY A 1 42  ? -9.369  1.232   0.698   1.00 6.86  ? 68  GLY A N   1 
ATOM   333  C CA  . GLY A 1 42  ? -9.836  0.803   -0.606  1.00 8.09  ? 68  GLY A CA  1 
ATOM   334  C C   . GLY A 1 42  ? -11.326 0.707   -0.866  1.00 8.92  ? 68  GLY A C   1 
ATOM   335  O O   . GLY A 1 42  ? -12.146 1.084   -0.027  1.00 7.59  ? 68  GLY A O   1 
ATOM   336  N N   . PRO A 1 43  ? -11.703 0.176   -2.041  1.00 8.72  ? 69  PRO A N   1 
ATOM   337  C CA  . PRO A 1 43  ? -10.759 -0.301  -3.058  1.00 8.99  ? 69  PRO A CA  1 
ATOM   338  C C   . PRO A 1 43  ? -10.065 0.844   -3.783  1.00 9.57  ? 69  PRO A C   1 
ATOM   339  O O   . PRO A 1 43  ? -10.599 1.949   -3.866  1.00 9.87  ? 69  PRO A O   1 
ATOM   340  C CB  . PRO A 1 43  ? -11.648 -1.124  -3.985  1.00 9.77  ? 69  PRO A CB  1 
ATOM   341  C CG  . PRO A 1 43  ? -12.936 -0.359  -3.948  1.00 11.66 ? 69  PRO A CG  1 
ATOM   342  C CD  . PRO A 1 43  ? -13.095 -0.053  -2.470  1.00 10.37 ? 69  PRO A CD  1 
ATOM   343  N N   . ALA A 1 44  ? -8.874  0.580   -4.310  1.00 8.54  ? 70  ALA A N   1 
ATOM   344  C CA  . ALA A 1 44  ? -8.128  1.606   -5.022  1.00 8.78  ? 70  ALA A CA  1 
ATOM   345  C C   . ALA A 1 44  ? -7.047  0.997   -5.897  1.00 8.39  ? 70  ALA A C   1 
ATOM   346  O O   . ALA A 1 44  ? -6.519  -0.073  -5.600  1.00 9.61  ? 70  ALA A O   1 
ATOM   347  C CB  . ALA A 1 44  ? -7.500  2.579   -4.031  1.00 9.35  ? 70  ALA A CB  1 
ATOM   348  N N   . THR A 1 45  ? -6.716  1.689   -6.980  1.00 8.18  ? 71  THR A N   1 
ATOM   349  C CA  . THR A 1 45  ? -5.686  1.207   -7.882  1.00 8.47  ? 71  THR A CA  1 
ATOM   350  C C   . THR A 1 45  ? -4.741  2.363   -8.205  1.00 8.30  ? 71  THR A C   1 
ATOM   351  O O   . THR A 1 45  ? -5.185  3.472   -8.498  1.00 7.58  ? 71  THR A O   1 
ATOM   352  C CB  . THR A 1 45  ? -6.317  0.627   -9.173  1.00 9.16  ? 71  THR A CB  1 
ATOM   353  O OG1 . THR A 1 45  ? -5.301  -0.005  -9.960  1.00 11.94 ? 71  THR A OG1 1 
ATOM   354  C CG2 . THR A 1 45  ? -6.994  1.724   -9.989  1.00 7.89  ? 71  THR A CG2 1 
ATOM   355  N N   . LEU A 1 46  ? -3.439  2.100   -8.118  1.00 7.09  ? 72  LEU A N   1 
ATOM   356  C CA  . LEU A 1 46  ? -2.416  3.109   -8.384  1.00 6.92  ? 72  LEU A CA  1 
ATOM   357  C C   . LEU A 1 46  ? -1.408  2.630   -9.424  1.00 6.84  ? 72  LEU A C   1 
ATOM   358  O O   . LEU A 1 46  ? -0.629  1.711   -9.166  1.00 5.79  ? 72  LEU A O   1 
ATOM   359  C CB  . LEU A 1 46  ? -1.671  3.459   -7.091  1.00 6.53  ? 72  LEU A CB  1 
ATOM   360  C CG  . LEU A 1 46  ? -2.406  4.337   -6.073  1.00 9.93  ? 72  LEU A CG  1 
ATOM   361  C CD1 . LEU A 1 46  ? -1.707  4.290   -4.721  1.00 10.58 ? 72  LEU A CD1 1 
ATOM   362  C CD2 . LEU A 1 46  ? -2.459  5.761   -6.599  1.00 11.80 ? 72  LEU A CD2 1 
ATOM   363  N N   . PRO A 1 47  ? -1.410  3.253   -10.615 1.00 7.39  ? 73  PRO A N   1 
ATOM   364  C CA  . PRO A 1 47  ? -0.496  2.899   -11.706 1.00 7.91  ? 73  PRO A CA  1 
ATOM   365  C C   . PRO A 1 47  ? 0.924   3.415   -11.470 1.00 7.41  ? 73  PRO A C   1 
ATOM   366  O O   . PRO A 1 47  ? 1.873   2.971   -12.118 1.00 6.68  ? 73  PRO A O   1 
ATOM   367  C CB  . PRO A 1 47  ? -1.158  3.539   -12.923 1.00 7.31  ? 73  PRO A CB  1 
ATOM   368  C CG  . PRO A 1 47  ? -1.771  4.775   -12.339 1.00 9.24  ? 73  PRO A CG  1 
ATOM   369  C CD  . PRO A 1 47  ? -2.397  4.253   -11.062 1.00 7.48  ? 73  PRO A CD  1 
ATOM   370  N N   . ARG A 1 48  ? 1.048   4.366   -10.546 1.00 8.68  ? 74  ARG A N   1 
ATOM   371  C CA  . ARG A 1 48  ? 2.333   4.956   -10.172 1.00 8.53  ? 74  ARG A CA  1 
ATOM   372  C C   . ARG A 1 48  ? 2.261   5.385   -8.712  1.00 8.00  ? 74  ARG A C   1 
ATOM   373  O O   . ARG A 1 48  ? 1.214   5.826   -8.238  1.00 6.41  ? 74  ARG A O   1 
ATOM   374  C CB  . ARG A 1 48  ? 2.655   6.182   -11.032 1.00 12.60 ? 74  ARG A CB  1 
ATOM   375  C CG  . ARG A 1 48  ? 3.054   5.881   -12.465 1.00 16.18 ? 74  ARG A CG  1 
ATOM   376  C CD  . ARG A 1 48  ? 3.282   7.181   -13.226 1.00 21.71 ? 74  ARG A CD  1 
ATOM   377  N NE  . ARG A 1 48  ? 3.461   6.970   -14.658 1.00 25.32 ? 74  ARG A NE  1 
ATOM   378  C CZ  . ARG A 1 48  ? 4.587   6.546   -15.224 1.00 26.62 ? 74  ARG A CZ  1 
ATOM   379  N NH1 . ARG A 1 48  ? 5.653   6.285   -14.478 1.00 27.57 ? 74  ARG A NH1 1 
ATOM   380  N NH2 . ARG A 1 48  ? 4.643   6.378   -16.539 1.00 26.66 ? 74  ARG A NH2 1 
ATOM   381  N N   . LEU A 1 49  ? 3.377   5.254   -8.004  1.00 6.17  ? 75  LEU A N   1 
ATOM   382  C CA  . LEU A 1 49  ? 3.440   5.629   -6.598  1.00 6.26  ? 75  LEU A CA  1 
ATOM   383  C C   . LEU A 1 49  ? 3.730   7.122   -6.466  1.00 6.57  ? 75  LEU A C   1 
ATOM   384  O O   . LEU A 1 49  ? 4.809   7.523   -6.030  1.00 6.23  ? 75  LEU A O   1 
ATOM   385  C CB  . LEU A 1 49  ? 4.530   4.814   -5.896  1.00 7.72  ? 75  LEU A CB  1 
ATOM   386  C CG  . LEU A 1 49  ? 4.166   3.436   -5.324  1.00 12.46 ? 75  LEU A CG  1 
ATOM   387  C CD1 . LEU A 1 49  ? 3.090   2.759   -6.150  1.00 8.56  ? 75  LEU A CD1 1 
ATOM   388  C CD2 . LEU A 1 49  ? 5.423   2.586   -5.239  1.00 7.28  ? 75  LEU A CD2 1 
ATOM   389  N N   . ILE A 1 50  ? 2.755   7.943   -6.845  1.00 6.09  ? 76  ILE A N   1 
ATOM   390  C CA  . ILE A 1 50  ? 2.914   9.388   -6.787  1.00 5.72  ? 76  ILE A CA  1 
ATOM   391  C C   . ILE A 1 50  ? 1.673   10.050  -6.206  1.00 6.31  ? 76  ILE A C   1 
ATOM   392  O O   . ILE A 1 50  ? 0.680   9.385   -5.910  1.00 7.34  ? 76  ILE A O   1 
ATOM   393  C CB  . ILE A 1 50  ? 3.167   9.973   -8.193  1.00 6.87  ? 76  ILE A CB  1 
ATOM   394  C CG1 . ILE A 1 50  ? 1.959   9.702   -9.094  1.00 9.19  ? 76  ILE A CG1 1 
ATOM   395  C CG2 . ILE A 1 50  ? 4.415   9.345   -8.800  1.00 7.38  ? 76  ILE A CG2 1 
ATOM   396  C CD1 . ILE A 1 50  ? 2.073   10.312  -10.478 1.00 13.04 ? 76  ILE A CD1 1 
ATOM   397  N N   . GLY A 1 51  ? 1.739   11.367  -6.051  1.00 4.60  ? 77  GLY A N   1 
ATOM   398  C CA  . GLY A 1 51  ? 0.618   12.109  -5.514  1.00 5.33  ? 77  GLY A CA  1 
ATOM   399  C C   . GLY A 1 51  ? 0.746   13.578  -5.857  1.00 5.81  ? 77  GLY A C   1 
ATOM   400  O O   . GLY A 1 51  ? 1.781   14.003  -6.365  1.00 3.57  ? 77  GLY A O   1 
ATOM   401  N N   . PRO A 1 52  ? -0.289  14.388  -5.591  1.00 6.80  ? 78  PRO A N   1 
ATOM   402  C CA  . PRO A 1 52  ? -0.215  15.817  -5.906  1.00 6.65  ? 78  PRO A CA  1 
ATOM   403  C C   . PRO A 1 52  ? 0.886   16.553  -5.146  1.00 8.01  ? 78  PRO A C   1 
ATOM   404  O O   . PRO A 1 52  ? 1.405   16.063  -4.140  1.00 5.99  ? 78  PRO A O   1 
ATOM   405  C CB  . PRO A 1 52  ? -1.614  16.324  -5.550  1.00 7.47  ? 78  PRO A CB  1 
ATOM   406  C CG  . PRO A 1 52  ? -2.046  15.394  -4.446  1.00 10.77 ? 78  PRO A CG  1 
ATOM   407  C CD  . PRO A 1 52  ? -1.575  14.045  -4.960  1.00 8.45  ? 78  PRO A CD  1 
ATOM   408  N N   . PHE A 1 53  ? 1.240   17.734  -5.638  1.00 7.41  ? 79  PHE A N   1 
ATOM   409  C CA  . PHE A 1 53  ? 2.277   18.537  -5.006  1.00 8.77  ? 79  PHE A CA  1 
ATOM   410  C C   . PHE A 1 53  ? 3.650   17.892  -5.006  1.00 7.98  ? 79  PHE A C   1 
ATOM   411  O O   . PHE A 1 53  ? 4.415   18.070  -4.057  1.00 8.97  ? 79  PHE A O   1 
ATOM   412  C CB  . PHE A 1 53  ? 1.884   18.862  -3.570  1.00 9.28  ? 79  PHE A CB  1 
ATOM   413  C CG  . PHE A 1 53  ? 0.845   19.918  -3.461  1.00 14.43 ? 79  PHE A CG  1 
ATOM   414  C CD1 . PHE A 1 53  ? 0.347   20.279  -2.219  1.00 14.00 ? 79  PHE A CD1 1 
ATOM   415  C CD2 . PHE A 1 53  ? 0.405   20.597  -4.595  1.00 14.86 ? 79  PHE A CD2 1 
ATOM   416  C CE1 . PHE A 1 53  ? -0.567  21.300  -2.104  1.00 21.69 ? 79  PHE A CE1 1 
ATOM   417  C CE2 . PHE A 1 53  ? -0.507  21.619  -4.495  1.00 21.16 ? 79  PHE A CE2 1 
ATOM   418  C CZ  . PHE A 1 53  ? -0.995  21.976  -3.248  1.00 22.57 ? 79  PHE A CZ  1 
ATOM   419  N N   . GLY A 1 54  ? 3.950   17.137  -6.058  1.00 7.16  ? 80  GLY A N   1 
ATOM   420  C CA  . GLY A 1 54  ? 5.255   16.506  -6.179  1.00 6.86  ? 80  GLY A CA  1 
ATOM   421  C C   . GLY A 1 54  ? 5.548   15.288  -5.324  1.00 6.74  ? 80  GLY A C   1 
ATOM   422  O O   . GLY A 1 54  ? 6.709   14.935  -5.127  1.00 6.87  ? 80  GLY A O   1 
ATOM   423  N N   . TYR A 1 55  ? 4.509   14.638  -4.817  1.00 6.09  ? 81  TYR A N   1 
ATOM   424  C CA  . TYR A 1 55  ? 4.695   13.455  -3.987  1.00 4.49  ? 81  TYR A CA  1 
ATOM   425  C C   . TYR A 1 55  ? 5.167   12.311  -4.869  1.00 5.39  ? 81  TYR A C   1 
ATOM   426  O O   . TYR A 1 55  ? 4.521   11.981  -5.865  1.00 6.06  ? 81  TYR A O   1 
ATOM   427  C CB  . TYR A 1 55  ? 3.370   13.061  -3.334  1.00 4.19  ? 81  TYR A CB  1 
ATOM   428  C CG  . TYR A 1 55  ? 3.461   12.069  -2.187  1.00 5.72  ? 81  TYR A CG  1 
ATOM   429  C CD1 . TYR A 1 55  ? 2.326   11.374  -1.766  1.00 7.32  ? 81  TYR A CD1 1 
ATOM   430  C CD2 . TYR A 1 55  ? 4.646   11.879  -1.474  1.00 4.77  ? 81  TYR A CD2 1 
ATOM   431  C CE1 . TYR A 1 55  ? 2.362   10.526  -0.666  1.00 7.19  ? 81  TYR A CE1 1 
ATOM   432  C CE2 . TYR A 1 55  ? 4.694   11.024  -0.362  1.00 5.19  ? 81  TYR A CE2 1 
ATOM   433  C CZ  . TYR A 1 55  ? 3.545   10.358  0.033   1.00 6.81  ? 81  TYR A CZ  1 
ATOM   434  O OH  . TYR A 1 55  ? 3.549   9.547   1.142   1.00 5.68  ? 81  TYR A OH  1 
ATOM   435  N N   . ASP A 1 56  ? 6.303   11.723  -4.511  1.00 6.81  ? 82  ASP A N   1 
ATOM   436  C CA  . ASP A 1 56  ? 6.850   10.584  -5.238  1.00 6.98  ? 82  ASP A CA  1 
ATOM   437  C C   . ASP A 1 56  ? 7.323   9.642   -4.143  1.00 6.38  ? 82  ASP A C   1 
ATOM   438  O O   . ASP A 1 56  ? 8.340   9.901   -3.496  1.00 7.26  ? 82  ASP A O   1 
ATOM   439  C CB  . ASP A 1 56  ? 8.037   10.997  -6.111  1.00 8.74  ? 82  ASP A CB  1 
ATOM   440  C CG  . ASP A 1 56  ? 8.620   9.827   -6.890  1.00 11.74 ? 82  ASP A CG  1 
ATOM   441  O OD1 . ASP A 1 56  ? 8.837   8.758   -6.284  1.00 8.26  ? 82  ASP A OD1 1 
ATOM   442  O OD2 . ASP A 1 56  ? 8.868   9.978   -8.104  1.00 13.73 ? 82  ASP A OD2 1 
ATOM   443  N N   . TRP A 1 57  ? 6.578   8.566   -3.917  1.00 6.03  ? 83  TRP A N   1 
ATOM   444  C CA  . TRP A 1 57  ? 6.956   7.637   -2.869  1.00 5.30  ? 83  TRP A CA  1 
ATOM   445  C C   . TRP A 1 57  ? 7.474   6.278   -3.320  1.00 6.98  ? 83  TRP A C   1 
ATOM   446  O O   . TRP A 1 57  ? 7.246   5.265   -2.657  1.00 6.79  ? 83  TRP A O   1 
ATOM   447  C CB  . TRP A 1 57  ? 5.820   7.473   -1.851  1.00 4.45  ? 83  TRP A CB  1 
ATOM   448  C CG  . TRP A 1 57  ? 4.448   7.298   -2.429  1.00 5.25  ? 83  TRP A CG  1 
ATOM   449  C CD1 . TRP A 1 57  ? 3.682   8.254   -3.036  1.00 3.00  ? 83  TRP A CD1 1 
ATOM   450  C CD2 . TRP A 1 57  ? 3.662   6.101   -2.418  1.00 5.12  ? 83  TRP A CD2 1 
ATOM   451  N NE1 . TRP A 1 57  ? 2.464   7.726   -3.400  1.00 5.78  ? 83  TRP A NE1 1 
ATOM   452  C CE2 . TRP A 1 57  ? 2.425   6.407   -3.032  1.00 5.37  ? 83  TRP A CE2 1 
ATOM   453  C CE3 . TRP A 1 57  ? 3.880   4.799   -1.946  1.00 5.97  ? 83  TRP A CE3 1 
ATOM   454  C CZ2 . TRP A 1 57  ? 1.411   5.458   -3.188  1.00 5.39  ? 83  TRP A CZ2 1 
ATOM   455  C CZ3 . TRP A 1 57  ? 2.870   3.854   -2.101  1.00 5.94  ? 83  TRP A CZ3 1 
ATOM   456  C CH2 . TRP A 1 57  ? 1.649   4.192   -2.718  1.00 4.68  ? 83  TRP A CH2 1 
ATOM   457  N N   . GLU A 1 58  ? 8.164   6.256   -4.456  1.00 7.32  ? 84  GLU A N   1 
ATOM   458  C CA  . GLU A 1 58  ? 8.797   5.027   -4.914  1.00 6.71  ? 84  GLU A CA  1 
ATOM   459  C C   . GLU A 1 58  ? 10.052  4.996   -4.044  1.00 6.93  ? 84  GLU A C   1 
ATOM   460  O O   . GLU A 1 58  ? 10.434  6.026   -3.486  1.00 8.40  ? 84  GLU A O   1 
ATOM   461  C CB  . GLU A 1 58  ? 9.217   5.126   -6.383  1.00 7.26  ? 84  GLU A CB  1 
ATOM   462  C CG  . GLU A 1 58  ? 8.215   4.581   -7.383  1.00 8.41  ? 84  GLU A CG  1 
ATOM   463  C CD  . GLU A 1 58  ? 8.802   4.483   -8.777  1.00 12.08 ? 84  GLU A CD  1 
ATOM   464  O OE1 . GLU A 1 58  ? 9.980   4.083   -8.897  1.00 10.58 ? 84  GLU A OE1 1 
ATOM   465  O OE2 . GLU A 1 58  ? 8.088   4.792   -9.753  1.00 12.15 ? 84  GLU A OE2 1 
ATOM   466  N N   . ASN A 1 59  ? 10.685  3.833   -3.917  1.00 6.78  ? 85  ASN A N   1 
ATOM   467  C CA  . ASN A 1 59  ? 11.910  3.703   -3.124  1.00 7.16  ? 85  ASN A CA  1 
ATOM   468  C C   . ASN A 1 59  ? 11.779  4.127   -1.660  1.00 7.65  ? 85  ASN A C   1 
ATOM   469  O O   . ASN A 1 59  ? 12.767  4.525   -1.034  1.00 6.15  ? 85  ASN A O   1 
ATOM   470  C CB  . ASN A 1 59  ? 13.042  4.507   -3.782  1.00 7.58  ? 85  ASN A CB  1 
ATOM   471  C CG  . ASN A 1 59  ? 13.470  3.926   -5.118  1.00 11.68 ? 85  ASN A CG  1 
ATOM   472  O OD1 . ASN A 1 59  ? 13.940  2.794   -5.186  1.00 10.73 ? 85  ASN A OD1 1 
ATOM   473  N ND2 . ASN A 1 59  ? 13.302  4.698   -6.187  1.00 12.09 ? 85  ASN A ND2 1 
ATOM   474  N N   . LYS A 1 60  ? 10.576  4.031   -1.101  1.00 6.63  ? 86  LYS A N   1 
ATOM   475  C CA  . LYS A 1 60  ? 10.372  4.423   0.289   1.00 6.63  ? 86  LYS A CA  1 
ATOM   476  C C   . LYS A 1 60  ? 9.823   3.318   1.191   1.00 7.50  ? 86  LYS A C   1 
ATOM   477  O O   . LYS A 1 60  ? 10.247  3.181   2.335   1.00 7.57  ? 86  LYS A O   1 
ATOM   478  C CB  . LYS A 1 60  ? 9.426   5.630   0.364   1.00 7.42  ? 86  LYS A CB  1 
ATOM   479  C CG  . LYS A 1 60  ? 9.954   6.904   -0.294  1.00 7.94  ? 86  LYS A CG  1 
ATOM   480  C CD  . LYS A 1 60  ? 11.208  7.422   0.398   1.00 8.08  ? 86  LYS A CD  1 
ATOM   481  C CE  . LYS A 1 60  ? 10.939  7.774   1.852   1.00 6.96  ? 86  LYS A CE  1 
ATOM   482  N NZ  . LYS A 1 60  ? 12.164  8.279   2.528   1.00 8.10  ? 86  LYS A NZ  1 
ATOM   483  N N   . VAL A 1 61  ? 8.883   2.530   0.679   1.00 6.52  ? 87  VAL A N   1 
ATOM   484  C CA  . VAL A 1 61  ? 8.261   1.475   1.478   1.00 4.94  ? 87  VAL A CA  1 
ATOM   485  C C   . VAL A 1 61  ? 9.186   0.311   1.839   1.00 5.99  ? 87  VAL A C   1 
ATOM   486  O O   . VAL A 1 61  ? 9.729   -0.359  0.962   1.00 7.86  ? 87  VAL A O   1 
ATOM   487  C CB  . VAL A 1 61  ? 7.021   0.916   0.758   1.00 5.29  ? 87  VAL A CB  1 
ATOM   488  C CG1 . VAL A 1 61  ? 6.284   -0.057  1.673   1.00 4.16  ? 87  VAL A CG1 1 
ATOM   489  C CG2 . VAL A 1 61  ? 6.104   2.063   0.348   1.00 6.89  ? 87  VAL A CG2 1 
ATOM   490  N N   . ARG A 1 62  ? 9.344   0.068   3.139   1.00 6.84  ? 88  ARG A N   1 
ATOM   491  C CA  . ARG A 1 62  ? 10.203  -1.010  3.624   1.00 7.81  ? 88  ARG A CA  1 
ATOM   492  C C   . ARG A 1 62  ? 9.436   -2.126  4.345   1.00 6.26  ? 88  ARG A C   1 
ATOM   493  O O   . ARG A 1 62  ? 9.956   -3.226  4.512   1.00 6.19  ? 88  ARG A O   1 
ATOM   494  C CB  . ARG A 1 62  ? 11.288  -0.431  4.536   1.00 9.90  ? 88  ARG A CB  1 
ATOM   495  C CG  . ARG A 1 62  ? 12.295  0.461   3.810   1.00 12.56 ? 88  ARG A CG  1 
ATOM   496  C CD  . ARG A 1 62  ? 13.430  -0.357  3.187   1.00 16.72 ? 88  ARG A CD  1 
ATOM   497  N NE  . ARG A 1 62  ? 12.993  -1.260  2.121   1.00 17.68 ? 88  ARG A NE  1 
ATOM   498  C CZ  . ARG A 1 62  ? 12.776  -0.889  0.860   1.00 18.91 ? 88  ARG A CZ  1 
ATOM   499  N NH1 . ARG A 1 62  ? 12.952  0.378   0.495   1.00 18.46 ? 88  ARG A NH1 1 
ATOM   500  N NH2 . ARG A 1 62  ? 12.400  -1.790  -0.043  1.00 17.02 ? 88  ARG A NH2 1 
ATOM   501  N N   . SER A 1 63  ? 8.212   -1.838  4.786   1.00 6.79  ? 89  SER A N   1 
ATOM   502  C CA  . SER A 1 63  ? 7.381   -2.846  5.447   1.00 5.51  ? 89  SER A CA  1 
ATOM   503  C C   . SER A 1 63  ? 5.909   -2.552  5.155   1.00 5.91  ? 89  SER A C   1 
ATOM   504  O O   . SER A 1 63  ? 5.534   -1.404  4.924   1.00 6.79  ? 89  SER A O   1 
ATOM   505  C CB  . SER A 1 63  ? 7.657   -2.898  6.961   1.00 5.50  ? 89  SER A CB  1 
ATOM   506  O OG  . SER A 1 63  ? 7.425   -1.660  7.604   1.00 8.34  ? 89  SER A OG  1 
ATOM   507  N N   . VAL A 1 64  ? 5.078   -3.589  5.157   1.00 5.54  ? 90  VAL A N   1 
ATOM   508  C CA  . VAL A 1 64  ? 3.664   -3.425  4.820   1.00 6.09  ? 90  VAL A CA  1 
ATOM   509  C C   . VAL A 1 64  ? 2.702   -4.164  5.743   1.00 5.73  ? 90  VAL A C   1 
ATOM   510  O O   . VAL A 1 64  ? 2.975   -5.283  6.169   1.00 4.84  ? 90  VAL A O   1 
ATOM   511  C CB  . VAL A 1 64  ? 3.392   -3.938  3.376   1.00 7.87  ? 90  VAL A CB  1 
ATOM   512  C CG1 . VAL A 1 64  ? 1.924   -3.755  3.011   1.00 6.52  ? 90  VAL A CG1 1 
ATOM   513  C CG2 . VAL A 1 64  ? 4.291   -3.214  2.381   1.00 8.36  ? 90  VAL A CG2 1 
ATOM   514  N N   . LYS A 1 65  ? 1.575   -3.527  6.045   1.00 4.35  ? 91  LYS A N   1 
ATOM   515  C CA  . LYS A 1 65  ? 0.532   -4.135  6.863   1.00 6.70  ? 91  LYS A CA  1 
ATOM   516  C C   . LYS A 1 65  ? -0.759  -4.056  6.050   1.00 7.13  ? 91  LYS A C   1 
ATOM   517  O O   . LYS A 1 65  ? -1.109  -2.991  5.542   1.00 8.22  ? 91  LYS A O   1 
ATOM   518  C CB  . LYS A 1 65  ? 0.341   -3.379  8.185   1.00 8.10  ? 91  LYS A CB  1 
ATOM   519  C CG  . LYS A 1 65  ? 1.501   -3.487  9.163   1.00 9.58  ? 91  LYS A CG  1 
ATOM   520  C CD  . LYS A 1 65  ? 1.184   -2.779  10.481  1.00 10.54 ? 91  LYS A CD  1 
ATOM   521  C CE  . LYS A 1 65  ? 0.091   -3.496  11.263  1.00 9.18  ? 91  LYS A CE  1 
ATOM   522  N NZ  . LYS A 1 65  ? 0.565   -4.811  11.780  1.00 7.17  ? 91  LYS A NZ  1 
ATOM   523  N N   . VAL A 1 66  ? -1.453  -5.183  5.917   1.00 7.33  ? 92  VAL A N   1 
ATOM   524  C CA  . VAL A 1 66  ? -2.711  -5.226  5.174   1.00 7.46  ? 92  VAL A CA  1 
ATOM   525  C C   . VAL A 1 66  ? -3.871  -5.405  6.153   1.00 8.07  ? 92  VAL A C   1 
ATOM   526  O O   . VAL A 1 66  ? -3.778  -6.190  7.098   1.00 8.04  ? 92  VAL A O   1 
ATOM   527  C CB  . VAL A 1 66  ? -2.723  -6.389  4.153   1.00 6.44  ? 92  VAL A CB  1 
ATOM   528  C CG1 . VAL A 1 66  ? -4.039  -6.393  3.383   1.00 6.70  ? 92  VAL A CG1 1 
ATOM   529  C CG2 . VAL A 1 66  ? -1.540  -6.252  3.196   1.00 8.06  ? 92  VAL A CG2 1 
ATOM   530  N N   . GLY A 1 67  ? -4.953  -4.664  5.922   1.00 6.04  ? 93  GLY A N   1 
ATOM   531  C CA  . GLY A 1 67  ? -6.117  -4.735  6.788   1.00 6.90  ? 93  GLY A CA  1 
ATOM   532  C C   . GLY A 1 67  ? -6.832  -6.073  6.752   1.00 6.59  ? 93  GLY A C   1 
ATOM   533  O O   . GLY A 1 67  ? -6.642  -6.849  5.822   1.00 5.83  ? 93  GLY A O   1 
ATOM   534  N N   . PRO A 1 68  ? -7.681  -6.358  7.752   1.00 6.57  ? 94  PRO A N   1 
ATOM   535  C CA  . PRO A 1 68  ? -8.436  -7.609  7.863   1.00 7.64  ? 94  PRO A CA  1 
ATOM   536  C C   . PRO A 1 68  ? -9.437  -7.883  6.742   1.00 7.84  ? 94  PRO A C   1 
ATOM   537  O O   . PRO A 1 68  ? -9.874  -9.022  6.564   1.00 7.67  ? 94  PRO A O   1 
ATOM   538  C CB  . PRO A 1 68  ? -9.111  -7.475  9.225   1.00 8.10  ? 94  PRO A CB  1 
ATOM   539  C CG  . PRO A 1 68  ? -9.377  -6.005  9.304   1.00 9.94  ? 94  PRO A CG  1 
ATOM   540  C CD  . PRO A 1 68  ? -8.061  -5.424  8.829   1.00 7.46  ? 94  PRO A CD  1 
ATOM   541  N N   . ARG A 1 69  ? -9.814  -6.851  5.996   1.00 6.42  ? 95  ARG A N   1 
ATOM   542  C CA  . ARG A 1 69  ? -10.755 -7.040  4.901   1.00 7.60  ? 95  ARG A CA  1 
ATOM   543  C C   . ARG A 1 69  ? -10.246 -6.496  3.573   1.00 7.19  ? 95  ARG A C   1 
ATOM   544  O O   . ARG A 1 69  ? -11.013 -5.988  2.752   1.00 8.18  ? 95  ARG A O   1 
ATOM   545  C CB  . ARG A 1 69  ? -12.113 -6.427  5.258   1.00 8.62  ? 95  ARG A CB  1 
ATOM   546  C CG  . ARG A 1 69  ? -12.923 -7.317  6.201   1.00 12.91 ? 95  ARG A CG  1 
ATOM   547  C CD  . ARG A 1 69  ? -14.319 -6.772  6.451   1.00 15.35 ? 95  ARG A CD  1 
ATOM   548  N NE  . ARG A 1 69  ? -14.326 -5.690  7.430   1.00 17.17 ? 95  ARG A NE  1 
ATOM   549  C CZ  . ARG A 1 69  ? -14.047 -5.849  8.720   1.00 19.23 ? 95  ARG A CZ  1 
ATOM   550  N NH1 . ARG A 1 69  ? -13.734 -7.049  9.194   1.00 18.93 ? 95  ARG A NH1 1 
ATOM   551  N NH2 . ARG A 1 69  ? -14.083 -4.807  9.541   1.00 19.71 ? 95  ARG A NH2 1 
ATOM   552  N N   . ALA A 1 70  ? -8.942  -6.622  3.362   1.00 7.80  ? 96  ALA A N   1 
ATOM   553  C CA  . ALA A 1 70  ? -8.328  -6.163  2.129   1.00 7.84  ? 96  ALA A CA  1 
ATOM   554  C C   . ALA A 1 70  ? -7.358  -7.202  1.577   1.00 8.91  ? 96  ALA A C   1 
ATOM   555  O O   . ALA A 1 70  ? -6.913  -8.101  2.290   1.00 7.28  ? 96  ALA A O   1 
ATOM   556  C CB  . ALA A 1 70  ? -7.590  -4.846  2.371   1.00 9.26  ? 96  ALA A CB  1 
ATOM   557  N N   . ASN A 1 71  ? -7.061  -7.067  0.290   1.00 9.48  ? 97  ASN A N   1 
ATOM   558  C CA  . ASN A 1 71  ? -6.114  -7.915  -0.417  1.00 10.95 ? 97  ASN A CA  1 
ATOM   559  C C   . ASN A 1 71  ? -5.250  -6.924  -1.173  1.00 9.93  ? 97  ASN A C   1 
ATOM   560  O O   . ASN A 1 71  ? -5.767  -5.970  -1.754  1.00 11.54 ? 97  ASN A O   1 
ATOM   561  C CB  . ASN A 1 71  ? -6.818  -8.823  -1.427  1.00 13.90 ? 97  ASN A CB  1 
ATOM   562  C CG  . ASN A 1 71  ? -7.395  -10.066 -0.795  1.00 17.47 ? 97  ASN A CG  1 
ATOM   563  O OD1 . ASN A 1 71  ? -7.999  -10.891 -1.481  1.00 18.17 ? 97  ASN A OD1 1 
ATOM   564  N ND2 . ASN A 1 71  ? -7.212  -10.216 0.516   1.00 17.43 ? 97  ASN A ND2 1 
ATOM   565  N N   . LEU A 1 72  ? -3.941  -7.142  -1.168  1.00 8.81  ? 98  LEU A N   1 
ATOM   566  C CA  . LEU A 1 72  ? -3.027  -6.243  -1.860  1.00 7.75  ? 98  LEU A CA  1 
ATOM   567  C C   . LEU A 1 72  ? -2.145  -6.963  -2.865  1.00 6.17  ? 98  LEU A C   1 
ATOM   568  O O   . LEU A 1 72  ? -1.543  -7.989  -2.549  1.00 5.60  ? 98  LEU A O   1 
ATOM   569  C CB  . LEU A 1 72  ? -2.117  -5.526  -0.854  1.00 6.07  ? 98  LEU A CB  1 
ATOM   570  C CG  . LEU A 1 72  ? -0.996  -4.681  -1.472  1.00 8.31  ? 98  LEU A CG  1 
ATOM   571  C CD1 . LEU A 1 72  ? -1.605  -3.488  -2.205  1.00 8.39  ? 98  LEU A CD1 1 
ATOM   572  C CD2 . LEU A 1 72  ? -0.041  -4.204  -0.388  1.00 8.64  ? 98  LEU A CD2 1 
ATOM   573  N N   . THR A 1 73  ? -2.085  -6.425  -4.079  1.00 6.85  ? 99  THR A N   1 
ATOM   574  C CA  . THR A 1 73  ? -1.215  -6.973  -5.108  1.00 5.80  ? 99  THR A CA  1 
ATOM   575  C C   . THR A 1 73  ? -0.279  -5.846  -5.528  1.00 5.80  ? 99  THR A C   1 
ATOM   576  O O   . THR A 1 73  ? -0.729  -4.758  -5.892  1.00 6.52  ? 99  THR A O   1 
ATOM   577  C CB  . THR A 1 73  ? -1.985  -7.445  -6.361  1.00 7.22  ? 99  THR A CB  1 
ATOM   578  O OG1 . THR A 1 73  ? -2.804  -8.571  -6.030  1.00 8.96  ? 99  THR A OG1 1 
ATOM   579  C CG2 . THR A 1 73  ? -1.002  -7.856  -7.458  1.00 7.17  ? 99  THR A CG2 1 
ATOM   580  N N   . ILE A 1 74  ? 1.022   -6.092  -5.453  1.00 5.94  ? 100 ILE A N   1 
ATOM   581  C CA  . ILE A 1 74  ? 1.985   -5.084  -5.864  1.00 5.20  ? 100 ILE A CA  1 
ATOM   582  C C   . ILE A 1 74  ? 2.672   -5.584  -7.126  1.00 6.03  ? 100 ILE A C   1 
ATOM   583  O O   . ILE A 1 74  ? 2.836   -6.793  -7.314  1.00 5.56  ? 100 ILE A O   1 
ATOM   584  C CB  . ILE A 1 74  ? 3.041   -4.809  -4.764  1.00 4.95  ? 100 ILE A CB  1 
ATOM   585  C CG1 . ILE A 1 74  ? 3.742   -6.108  -4.366  1.00 5.64  ? 100 ILE A CG1 1 
ATOM   586  C CG2 . ILE A 1 74  ? 2.376   -4.166  -3.554  1.00 5.73  ? 100 ILE A CG2 1 
ATOM   587  C CD1 . ILE A 1 74  ? 4.836   -5.914  -3.325  1.00 8.10  ? 100 ILE A CD1 1 
ATOM   588  N N   . PHE A 1 75  ? 3.043   -4.657  -8.005  1.00 6.29  ? 101 PHE A N   1 
ATOM   589  C CA  . PHE A 1 75  ? 3.711   -5.019  -9.247  1.00 6.21  ? 101 PHE A CA  1 
ATOM   590  C C   . PHE A 1 75  ? 5.106   -4.422  -9.294  1.00 6.36  ? 101 PHE A C   1 
ATOM   591  O O   . PHE A 1 75  ? 5.350   -3.344  -8.757  1.00 7.05  ? 101 PHE A O   1 
ATOM   592  C CB  . PHE A 1 75  ? 2.906   -4.541  -10.455 1.00 5.72  ? 101 PHE A CB  1 
ATOM   593  C CG  . PHE A 1 75  ? 1.490   -5.032  -10.464 1.00 7.38  ? 101 PHE A CG  1 
ATOM   594  C CD1 . PHE A 1 75  ? 0.478   -4.279  -9.878  1.00 7.35  ? 101 PHE A CD1 1 
ATOM   595  C CD2 . PHE A 1 75  ? 1.170   -6.260  -11.028 1.00 8.24  ? 101 PHE A CD2 1 
ATOM   596  C CE1 . PHE A 1 75  ? -0.835  -4.744  -9.855  1.00 8.53  ? 101 PHE A CE1 1 
ATOM   597  C CE2 . PHE A 1 75  ? -0.145  -6.736  -11.009 1.00 7.45  ? 101 PHE A CE2 1 
ATOM   598  C CZ  . PHE A 1 75  ? -1.146  -5.974  -10.420 1.00 6.89  ? 101 PHE A CZ  1 
ATOM   599  N N   . ASP A 1 76  ? 6.014   -5.134  -9.951  1.00 7.10  ? 102 ASP A N   1 
ATOM   600  C CA  . ASP A 1 76  ? 7.405   -4.715  -10.062 1.00 9.00  ? 102 ASP A CA  1 
ATOM   601  C C   . ASP A 1 76  ? 7.586   -3.452  -10.905 1.00 9.94  ? 102 ASP A C   1 
ATOM   602  O O   . ASP A 1 76  ? 8.428   -2.607  -10.596 1.00 10.34 ? 102 ASP A O   1 
ATOM   603  C CB  . ASP A 1 76  ? 8.218   -5.866  -10.664 1.00 8.42  ? 102 ASP A CB  1 
ATOM   604  C CG  . ASP A 1 76  ? 9.696   -5.772  -10.356 1.00 11.88 ? 102 ASP A CG  1 
ATOM   605  O OD1 . ASP A 1 76  ? 10.457  -6.601  -10.898 1.00 13.80 ? 102 ASP A OD1 1 
ATOM   606  O OD2 . ASP A 1 76  ? 10.100  -4.891  -9.570  1.00 12.29 ? 102 ASP A OD2 1 
ATOM   607  N N   . ASN A 1 77  ? 6.792   -3.327  -11.965 1.00 9.48  ? 103 ASN A N   1 
ATOM   608  C CA  . ASN A 1 77  ? 6.874   -2.187  -12.877 1.00 10.58 ? 103 ASN A CA  1 
ATOM   609  C C   . ASN A 1 77  ? 5.640   -1.295  -12.711 1.00 10.08 ? 103 ASN A C   1 
ATOM   610  O O   . ASN A 1 77  ? 4.695   -1.667  -12.021 1.00 10.11 ? 103 ASN A O   1 
ATOM   611  C CB  . ASN A 1 77  ? 6.957   -2.716  -14.316 1.00 11.92 ? 103 ASN A CB  1 
ATOM   612  C CG  . ASN A 1 77  ? 7.499   -1.693  -15.305 1.00 15.92 ? 103 ASN A CG  1 
ATOM   613  O OD1 . ASN A 1 77  ? 7.679   -2.005  -16.486 1.00 19.51 ? 103 ASN A OD1 1 
ATOM   614  N ND2 . ASN A 1 77  ? 7.764   -0.481  -14.837 1.00 15.63 ? 103 ASN A ND2 1 
ATOM   615  N N   . HIS A 1 78  ? 5.645   -0.118  -13.333 1.00 9.53  ? 104 HIS A N   1 
ATOM   616  C CA  . HIS A 1 78  ? 4.493   0.776   -13.221 1.00 10.36 ? 104 HIS A CA  1 
ATOM   617  C C   . HIS A 1 78  ? 3.394   0.333   -14.185 1.00 9.67  ? 104 HIS A C   1 
ATOM   618  O O   . HIS A 1 78  ? 3.613   -0.530  -15.035 1.00 10.07 ? 104 HIS A O   1 
ATOM   619  C CB  . HIS A 1 78  ? 4.903   2.227   -13.496 1.00 13.61 ? 104 HIS A CB  1 
ATOM   620  C CG  . HIS A 1 78  ? 5.366   2.474   -14.896 1.00 17.83 ? 104 HIS A CG  1 
ATOM   621  N ND1 . HIS A 1 78  ? 4.497   2.738   -15.934 1.00 22.11 ? 104 HIS A ND1 1 
ATOM   622  C CD2 . HIS A 1 78  ? 6.610   2.491   -15.433 1.00 19.69 ? 104 HIS A CD2 1 
ATOM   623  C CE1 . HIS A 1 78  ? 5.185   2.908   -17.049 1.00 21.95 ? 104 HIS A CE1 1 
ATOM   624  N NE2 . HIS A 1 78  ? 6.468   2.763   -16.772 1.00 21.68 ? 104 HIS A NE2 1 
ATOM   625  N N   . ASN A 1 79  ? 2.212   0.920   -14.034 1.00 8.43  ? 105 ASN A N   1 
ATOM   626  C CA  . ASN A 1 79  ? 1.056   0.588   -14.864 1.00 8.96  ? 105 ASN A CA  1 
ATOM   627  C C   . ASN A 1 79  ? 0.678   -0.893  -14.788 1.00 8.07  ? 105 ASN A C   1 
ATOM   628  O O   . ASN A 1 79  ? 0.254   -1.493  -15.778 1.00 5.62  ? 105 ASN A O   1 
ATOM   629  C CB  . ASN A 1 79  ? 1.294   1.000   -16.322 1.00 11.30 ? 105 ASN A CB  1 
ATOM   630  C CG  . ASN A 1 79  ? 1.342   2.508   -16.500 1.00 15.98 ? 105 ASN A CG  1 
ATOM   631  O OD1 . ASN A 1 79  ? 0.604   3.241   -15.842 1.00 16.97 ? 105 ASN A OD1 1 
ATOM   632  N ND2 . ASN A 1 79  ? 2.199   2.976   -17.401 1.00 18.99 ? 105 ASN A ND2 1 
ATOM   633  N N   . TYR A 1 80  ? 0.833   -1.466  -13.597 1.00 7.77  ? 106 TYR A N   1 
ATOM   634  C CA  . TYR A 1 80  ? 0.483   -2.861  -13.330 1.00 7.67  ? 106 TYR A CA  1 
ATOM   635  C C   . TYR A 1 80  ? 1.188   -3.842  -14.247 1.00 8.66  ? 106 TYR A C   1 
ATOM   636  O O   . TYR A 1 80  ? 0.588   -4.818  -14.701 1.00 9.03  ? 106 TYR A O   1 
ATOM   637  C CB  . TYR A 1 80  ? -1.030  -3.040  -13.465 1.00 7.89  ? 106 TYR A CB  1 
ATOM   638  C CG  . TYR A 1 80  ? -1.808  -1.848  -12.968 1.00 9.42  ? 106 TYR A CG  1 
ATOM   639  C CD1 . TYR A 1 80  ? -2.495  -1.021  -13.856 1.00 9.64  ? 106 TYR A CD1 1 
ATOM   640  C CD2 . TYR A 1 80  ? -1.823  -1.518  -11.612 1.00 9.59  ? 106 TYR A CD2 1 
ATOM   641  C CE1 . TYR A 1 80  ? -3.179  0.108   -13.403 1.00 9.17  ? 106 TYR A CE1 1 
ATOM   642  C CE2 . TYR A 1 80  ? -2.503  -0.392  -11.151 1.00 9.49  ? 106 TYR A CE2 1 
ATOM   643  C CZ  . TYR A 1 80  ? -3.177  0.415   -12.050 1.00 8.74  ? 106 TYR A CZ  1 
ATOM   644  O OH  . TYR A 1 80  ? -3.847  1.532   -11.593 1.00 7.70  ? 106 TYR A OH  1 
ATOM   645  N N   . ARG A 1 81  ? 2.468   -3.601  -14.503 1.00 9.41  ? 107 ARG A N   1 
ATOM   646  C CA  . ARG A 1 81  ? 3.218   -4.465  -15.396 1.00 10.28 ? 107 ARG A CA  1 
ATOM   647  C C   . ARG A 1 81  ? 4.224   -5.410  -14.752 1.00 10.57 ? 107 ARG A C   1 
ATOM   648  O O   . ARG A 1 81  ? 4.750   -5.155  -13.665 1.00 9.04  ? 107 ARG A O   1 
ATOM   649  C CB  . ARG A 1 81  ? 3.933   -3.615  -16.447 1.00 12.67 ? 107 ARG A CB  1 
ATOM   650  C CG  . ARG A 1 81  ? 2.991   -2.905  -17.409 1.00 16.76 ? 107 ARG A CG  1 
ATOM   651  C CD  . ARG A 1 81  ? 3.716   -1.803  -18.157 1.00 21.09 ? 107 ARG A CD  1 
ATOM   652  N NE  . ARG A 1 81  ? 4.970   -2.278  -18.733 1.00 25.61 ? 107 ARG A NE  1 
ATOM   653  C CZ  . ARG A 1 81  ? 5.877   -1.490  -19.299 1.00 28.51 ? 107 ARG A CZ  1 
ATOM   654  N NH1 . ARG A 1 81  ? 6.992   -2.009  -19.797 1.00 31.29 ? 107 ARG A NH1 1 
ATOM   655  N NH2 . ARG A 1 81  ? 5.670   -0.181  -19.367 1.00 29.87 ? 107 ARG A NH2 1 
ATOM   656  N N   . ASP A 1 82  ? 4.468   -6.509  -15.459 1.00 9.00  ? 108 ASP A N   1 
ATOM   657  C CA  . ASP A 1 82  ? 5.420   -7.538  -15.074 1.00 9.28  ? 108 ASP A CA  1 
ATOM   658  C C   . ASP A 1 82  ? 5.109   -8.362  -13.822 1.00 8.51  ? 108 ASP A C   1 
ATOM   659  O O   . ASP A 1 82  ? 3.953   -8.696  -13.566 1.00 9.40  ? 108 ASP A O   1 
ATOM   660  C CB  . ASP A 1 82  ? 6.820   -6.918  -15.007 1.00 10.35 ? 108 ASP A CB  1 
ATOM   661  C CG  . ASP A 1 82  ? 7.209   -6.235  -16.317 1.00 11.61 ? 108 ASP A CG  1 
ATOM   662  O OD1 . ASP A 1 82  ? 6.775   -6.712  -17.389 1.00 10.19 ? 108 ASP A OD1 1 
ATOM   663  O OD2 . ASP A 1 82  ? 7.948   -5.229  -16.282 1.00 12.18 ? 108 ASP A OD2 1 
ATOM   664  N N   . GLU A 1 83  ? 6.137   -8.707  -13.050 1.00 8.49  ? 109 GLU A N   1 
ATOM   665  C CA  . GLU A 1 83  ? 5.950   -9.537  -11.860 1.00 7.94  ? 109 GLU A CA  1 
ATOM   666  C C   . GLU A 1 83  ? 5.045   -8.959  -10.779 1.00 7.83  ? 109 GLU A C   1 
ATOM   667  O O   . GLU A 1 83  ? 4.976   -7.748  -10.591 1.00 6.67  ? 109 GLU A O   1 
ATOM   668  C CB  . GLU A 1 83  ? 7.307   -9.888  -11.251 1.00 11.75 ? 109 GLU A CB  1 
ATOM   669  C CG  . GLU A 1 83  ? 8.136   -10.813 -12.121 1.00 14.95 ? 109 GLU A CG  1 
ATOM   670  C CD  . GLU A 1 83  ? 9.487   -11.122 -11.512 1.00 19.48 ? 109 GLU A CD  1 
ATOM   671  O OE1 . GLU A 1 83  ? 9.524   -11.625 -10.368 1.00 19.25 ? 109 GLU A OE1 1 
ATOM   672  O OE2 . GLU A 1 83  ? 10.511  -10.863 -12.176 1.00 21.85 ? 109 GLU A OE2 1 
ATOM   673  N N   . ASP A 1 84  ? 4.356   -9.845  -10.064 1.00 6.24  ? 110 ASP A N   1 
ATOM   674  C CA  . ASP A 1 84  ? 3.454   -9.422  -8.999  1.00 6.43  ? 110 ASP A CA  1 
ATOM   675  C C   . ASP A 1 84  ? 3.693   -10.202 -7.714  1.00 7.67  ? 110 ASP A C   1 
ATOM   676  O O   . ASP A 1 84  ? 4.316   -11.265 -7.719  1.00 6.49  ? 110 ASP A O   1 
ATOM   677  C CB  . ASP A 1 84  ? 2.002   -9.652  -9.406  1.00 8.56  ? 110 ASP A CB  1 
ATOM   678  C CG  . ASP A 1 84  ? 1.625   -11.123 -9.373  1.00 9.00  ? 110 ASP A CG  1 
ATOM   679  O OD1 . ASP A 1 84  ? 1.942   -11.844 -10.340 1.00 10.52 ? 110 ASP A OD1 1 
ATOM   680  O OD2 . ASP A 1 84  ? 1.032   -11.562 -8.367  1.00 10.41 ? 110 ASP A OD2 1 
ATOM   681  N N   . LYS A 1 85  ? 3.179   -9.659  -6.615  1.00 5.92  ? 111 LYS A N   1 
ATOM   682  C CA  . LYS A 1 85  ? 3.260   -10.290 -5.302  1.00 7.37  ? 111 LYS A CA  1 
ATOM   683  C C   . LYS A 1 85  ? 1.905   -10.040 -4.658  1.00 6.91  ? 111 LYS A C   1 
ATOM   684  O O   . LYS A 1 85  ? 1.352   -8.943  -4.759  1.00 6.17  ? 111 LYS A O   1 
ATOM   685  C CB  . LYS A 1 85  ? 4.372   -9.676  -4.447  1.00 8.12  ? 111 LYS A CB  1 
ATOM   686  C CG  . LYS A 1 85  ? 5.776   -9.943  -4.972  1.00 9.70  ? 111 LYS A CG  1 
ATOM   687  C CD  . LYS A 1 85  ? 6.095   -11.433 -5.021  1.00 11.81 ? 111 LYS A CD  1 
ATOM   688  C CE  . LYS A 1 85  ? 7.406   -11.671 -5.758  1.00 14.38 ? 111 LYS A CE  1 
ATOM   689  N NZ  . LYS A 1 85  ? 7.762   -13.113 -5.832  1.00 16.98 ? 111 LYS A NZ  1 
ATOM   690  N N   . PHE A 1 86  ? 1.372   -11.064 -4.002  1.00 7.31  ? 112 PHE A N   1 
ATOM   691  C CA  . PHE A 1 86  ? 0.064   -10.970 -3.366  1.00 8.03  ? 112 PHE A CA  1 
ATOM   692  C C   . PHE A 1 86  ? 0.167   -11.032 -1.844  1.00 8.26  ? 112 PHE A C   1 
ATOM   693  O O   . PHE A 1 86  ? 0.834   -11.908 -1.296  1.00 7.89  ? 112 PHE A O   1 
ATOM   694  C CB  . PHE A 1 86  ? -0.818  -12.114 -3.886  1.00 7.68  ? 112 PHE A CB  1 
ATOM   695  C CG  . PHE A 1 86  ? -2.203  -12.147 -3.302  1.00 8.36  ? 112 PHE A CG  1 
ATOM   696  C CD1 . PHE A 1 86  ? -3.141  -11.175 -3.634  1.00 9.58  ? 112 PHE A CD1 1 
ATOM   697  C CD2 . PHE A 1 86  ? -2.580  -13.175 -2.443  1.00 9.23  ? 112 PHE A CD2 1 
ATOM   698  C CE1 . PHE A 1 86  ? -4.440  -11.230 -3.120  1.00 11.31 ? 112 PHE A CE1 1 
ATOM   699  C CE2 . PHE A 1 86  ? -3.870  -13.241 -1.926  1.00 9.99  ? 112 PHE A CE2 1 
ATOM   700  C CZ  . PHE A 1 86  ? -4.805  -12.265 -2.265  1.00 10.32 ? 112 PHE A CZ  1 
ATOM   701  N N   . LEU A 1 87  ? -0.476  -10.082 -1.170  1.00 9.02  ? 113 LEU A N   1 
ATOM   702  C CA  . LEU A 1 87  ? -0.491  -10.043 0.290   1.00 8.89  ? 113 LEU A CA  1 
ATOM   703  C C   . LEU A 1 87  ? -1.955  -10.151 0.699   1.00 8.69  ? 113 LEU A C   1 
ATOM   704  O O   . LEU A 1 87  ? -2.746  -9.249  0.421   1.00 9.97  ? 113 LEU A O   1 
ATOM   705  C CB  . LEU A 1 87  ? 0.120   -8.735  0.816   1.00 7.33  ? 113 LEU A CB  1 
ATOM   706  C CG  . LEU A 1 87  ? 1.639   -8.562  0.675   1.00 10.53 ? 113 LEU A CG  1 
ATOM   707  C CD1 . LEU A 1 87  ? 2.005   -8.370  -0.793  1.00 11.26 ? 113 LEU A CD1 1 
ATOM   708  C CD2 . LEU A 1 87  ? 2.104   -7.360  1.494   1.00 11.04 ? 113 LEU A CD2 1 
ATOM   709  N N   . ASP A 1 88  ? -2.311  -11.258 1.347   1.00 7.42  ? 114 ASP A N   1 
ATOM   710  C CA  . ASP A 1 88  ? -3.692  -11.507 1.758   1.00 9.54  ? 114 ASP A CA  1 
ATOM   711  C C   . ASP A 1 88  ? -4.133  -10.690 2.972   1.00 8.26  ? 114 ASP A C   1 
ATOM   712  O O   . ASP A 1 88  ? -3.347  -9.949  3.557   1.00 8.40  ? 114 ASP A O   1 
ATOM   713  C CB  . ASP A 1 88  ? -3.893  -12.998 2.055   1.00 11.08 ? 114 ASP A CB  1 
ATOM   714  C CG  . ASP A 1 88  ? -5.239  -13.519 1.561   1.00 15.46 ? 114 ASP A CG  1 
ATOM   715  O OD1 . ASP A 1 88  ? -6.244  -12.781 1.642   1.00 16.07 ? 114 ASP A OD1 1 
ATOM   716  O OD2 . ASP A 1 88  ? -5.291  -14.680 1.102   1.00 16.97 ? 114 ASP A OD2 1 
ATOM   717  N N   . ALA A 1 89  ? -5.399  -10.841 3.347   1.00 8.03  ? 115 ALA A N   1 
ATOM   718  C CA  . ALA A 1 89  ? -5.968  -10.109 4.476   1.00 7.60  ? 115 ALA A CA  1 
ATOM   719  C C   . ALA A 1 89  ? -5.167  -10.265 5.763   1.00 6.75  ? 115 ALA A C   1 
ATOM   720  O O   . ALA A 1 89  ? -4.773  -11.373 6.133   1.00 7.19  ? 115 ALA A O   1 
ATOM   721  C CB  . ALA A 1 89  ? -7.412  -10.551 4.712   1.00 6.65  ? 115 ALA A CB  1 
ATOM   722  N N   . GLY A 1 90  ? -4.936  -9.139  6.435   1.00 6.28  ? 116 GLY A N   1 
ATOM   723  C CA  . GLY A 1 90  ? -4.203  -9.132  7.692   1.00 5.95  ? 116 GLY A CA  1 
ATOM   724  C C   . GLY A 1 90  ? -2.711  -9.355  7.578   1.00 6.80  ? 116 GLY A C   1 
ATOM   725  O O   . GLY A 1 90  ? -1.990  -9.287  8.577   1.00 7.59  ? 116 GLY A O   1 
ATOM   726  N N   . ALA A 1 91  ? -2.231  -9.602  6.364   1.00 5.77  ? 117 ALA A N   1 
ATOM   727  C CA  . ALA A 1 91  ? -0.813  -9.865  6.150   1.00 7.18  ? 117 ALA A CA  1 
ATOM   728  C C   . ALA A 1 91  ? 0.139   -8.770  6.620   1.00 7.87  ? 117 ALA A C   1 
ATOM   729  O O   . ALA A 1 91  ? -0.163  -7.577  6.556   1.00 7.09  ? 117 ALA A O   1 
ATOM   730  C CB  . ALA A 1 91  ? -0.556  -10.164 4.677   1.00 7.46  ? 117 ALA A CB  1 
ATOM   731  N N   . ASN A 1 92  ? 1.304   -9.208  7.084   1.00 7.92  ? 118 ASN A N   1 
ATOM   732  C CA  . ASN A 1 92  ? 2.361   -8.325  7.554   1.00 8.57  ? 118 ASN A CA  1 
ATOM   733  C C   . ASN A 1 92  ? 3.667   -8.759  6.903   1.00 9.10  ? 118 ASN A C   1 
ATOM   734  O O   . ASN A 1 92  ? 4.058   -9.924  7.003   1.00 9.22  ? 118 ASN A O   1 
ATOM   735  C CB  . ASN A 1 92  ? 2.516   -8.431  9.070   1.00 8.01  ? 118 ASN A CB  1 
ATOM   736  C CG  . ASN A 1 92  ? 1.457   -7.659  9.822   1.00 11.53 ? 118 ASN A CG  1 
ATOM   737  O OD1 . ASN A 1 92  ? 1.485   -6.430  9.864   1.00 17.27 ? 118 ASN A OD1 1 
ATOM   738  N ND2 . ASN A 1 92  ? 0.509   -8.375  10.413  1.00 6.41  ? 118 ASN A ND2 1 
ATOM   739  N N   . VAL A 1 93  ? 4.330   -7.826  6.229   1.00 9.04  ? 119 VAL A N   1 
ATOM   740  C CA  . VAL A 1 93  ? 5.614   -8.106  5.595   1.00 8.72  ? 119 VAL A CA  1 
ATOM   741  C C   . VAL A 1 93  ? 6.609   -7.155  6.252   1.00 7.70  ? 119 VAL A C   1 
ATOM   742  O O   . VAL A 1 93  ? 6.609   -5.953  5.985   1.00 5.69  ? 119 VAL A O   1 
ATOM   743  C CB  . VAL A 1 93  ? 5.554   -7.871  4.070   1.00 7.49  ? 119 VAL A CB  1 
ATOM   744  C CG1 . VAL A 1 93  ? 6.938   -8.067  3.454   1.00 9.19  ? 119 VAL A CG1 1 
ATOM   745  C CG2 . VAL A 1 93  ? 4.574   -8.848  3.446   1.00 8.57  ? 119 VAL A CG2 1 
ATOM   746  N N   . ALA A 1 94  ? 7.446   -7.707  7.128   1.00 7.44  ? 120 ALA A N   1 
ATOM   747  C CA  . ALA A 1 94  ? 8.426   -6.929  7.884   1.00 7.13  ? 120 ALA A CA  1 
ATOM   748  C C   . ALA A 1 94  ? 9.595   -6.365  7.085   1.00 7.63  ? 120 ALA A C   1 
ATOM   749  O O   . ALA A 1 94  ? 10.202  -5.371  7.489   1.00 5.66  ? 120 ALA A O   1 
ATOM   750  C CB  . ALA A 1 94  ? 8.952   -7.769  9.039   1.00 8.32  ? 120 ALA A CB  1 
ATOM   751  N N   . ASN A 1 95  ? 9.922   -7.005  5.969   1.00 7.30  ? 121 ASN A N   1 
ATOM   752  C CA  . ASN A 1 95  ? 11.028  -6.557  5.130   1.00 9.08  ? 121 ASN A CA  1 
ATOM   753  C C   . ASN A 1 95  ? 10.629  -6.721  3.670   1.00 9.37  ? 121 ASN A C   1 
ATOM   754  O O   . ASN A 1 95  ? 10.736  -7.810  3.105   1.00 9.86  ? 121 ASN A O   1 
ATOM   755  C CB  . ASN A 1 95  ? 12.283  -7.387  5.414   1.00 11.50 ? 121 ASN A CB  1 
ATOM   756  C CG  . ASN A 1 95  ? 13.490  -6.917  4.618   1.00 14.01 ? 121 ASN A CG  1 
ATOM   757  O OD1 . ASN A 1 95  ? 13.355  -6.222  3.611   1.00 13.32 ? 121 ASN A OD1 1 
ATOM   758  N ND2 . ASN A 1 95  ? 14.682  -7.311  5.062   1.00 14.56 ? 121 ASN A ND2 1 
ATOM   759  N N   . LEU A 1 96  ? 10.161  -5.635  3.066   1.00 9.00  ? 122 LEU A N   1 
ATOM   760  C CA  . LEU A 1 96  ? 9.733   -5.666  1.676   1.00 7.60  ? 122 LEU A CA  1 
ATOM   761  C C   . LEU A 1 96  ? 10.934  -5.446  0.768   1.00 8.81  ? 122 LEU A C   1 
ATOM   762  O O   . LEU A 1 96  ? 11.334  -4.309  0.516   1.00 9.00  ? 122 LEU A O   1 
ATOM   763  C CB  . LEU A 1 96  ? 8.684   -4.580  1.424   1.00 6.24  ? 122 LEU A CB  1 
ATOM   764  C CG  . LEU A 1 96  ? 7.965   -4.646  0.072   1.00 5.90  ? 122 LEU A CG  1 
ATOM   765  C CD1 . LEU A 1 96  ? 7.018   -5.834  0.067   1.00 7.57  ? 122 LEU A CD1 1 
ATOM   766  C CD2 . LEU A 1 96  ? 7.194   -3.355  -0.173  1.00 7.69  ? 122 LEU A CD2 1 
ATOM   767  N N   . SER A 1 97  ? 11.505  -6.542  0.284   1.00 8.51  ? 123 SER A N   1 
ATOM   768  C CA  . SER A 1 97  ? 12.668  -6.479  -0.592  1.00 9.79  ? 123 SER A CA  1 
ATOM   769  C C   . SER A 1 97  ? 12.734  -7.735  -1.449  1.00 8.86  ? 123 SER A C   1 
ATOM   770  O O   . SER A 1 97  ? 12.081  -8.738  -1.152  1.00 7.05  ? 123 SER A O   1 
ATOM   771  C CB  . SER A 1 97  ? 13.945  -6.370  0.242   1.00 9.59  ? 123 SER A CB  1 
ATOM   772  O OG  . SER A 1 97  ? 14.126  -7.534  1.026   1.00 10.81 ? 123 SER A OG  1 
ATOM   773  N N   . LYS A 1 98  ? 13.527  -7.683  -2.509  1.00 10.22 ? 124 LYS A N   1 
ATOM   774  C CA  . LYS A 1 98  ? 13.665  -8.828  -3.393  1.00 11.38 ? 124 LYS A CA  1 
ATOM   775  C C   . LYS A 1 98  ? 14.281  -10.007 -2.644  1.00 12.66 ? 124 LYS A C   1 
ATOM   776  O O   . LYS A 1 98  ? 13.865  -11.152 -2.829  1.00 11.04 ? 124 LYS A O   1 
ATOM   777  C CB  . LYS A 1 98  ? 14.525  -8.463  -4.608  1.00 12.92 ? 124 LYS A CB  1 
ATOM   778  C CG  . LYS A 1 98  ? 14.593  -9.564  -5.663  1.00 16.85 ? 124 LYS A CG  1 
ATOM   779  C CD  . LYS A 1 98  ? 15.262  -9.083  -6.945  1.00 21.60 ? 124 LYS A CD  1 
ATOM   780  C CE  . LYS A 1 98  ? 16.691  -8.627  -6.695  1.00 25.76 ? 124 LYS A CE  1 
ATOM   781  N NZ  . LYS A 1 98  ? 17.538  -9.719  -6.130  1.00 31.18 ? 124 LYS A NZ  1 
ATOM   782  N N   . GLU A 1 99  ? 15.258  -9.725  -1.787  1.00 13.57 ? 125 GLU A N   1 
ATOM   783  C CA  . GLU A 1 99  ? 15.928  -10.779 -1.027  1.00 15.43 ? 125 GLU A CA  1 
ATOM   784  C C   . GLU A 1 99  ? 14.956  -11.567 -0.164  1.00 15.43 ? 125 GLU A C   1 
ATOM   785  O O   . GLU A 1 99  ? 15.177  -12.745 0.114   1.00 14.84 ? 125 GLU A O   1 
ATOM   786  C CB  . GLU A 1 99  ? 17.024  -10.194 -0.129  1.00 19.50 ? 125 GLU A CB  1 
ATOM   787  C CG  . GLU A 1 99  ? 18.142  -9.494  -0.880  1.00 27.72 ? 125 GLU A CG  1 
ATOM   788  C CD  . GLU A 1 99  ? 19.281  -9.068  0.031   1.00 31.92 ? 125 GLU A CD  1 
ATOM   789  O OE1 . GLU A 1 99  ? 19.000  -8.492  1.107   1.00 34.77 ? 125 GLU A OE1 1 
ATOM   790  O OE2 . GLU A 1 99  ? 20.454  -9.303  -0.333  1.00 34.70 ? 125 GLU A OE2 1 
ATOM   791  N N   . MET A 1 100 ? 13.876  -10.916 0.255   1.00 13.24 ? 126 MET A N   1 
ATOM   792  C CA  . MET A 1 100 ? 12.885  -11.569 1.096   1.00 13.80 ? 126 MET A CA  1 
ATOM   793  C C   . MET A 1 100 ? 11.725  -12.162 0.304   1.00 11.76 ? 126 MET A C   1 
ATOM   794  O O   . MET A 1 100 ? 10.733  -12.598 0.881   1.00 11.46 ? 126 MET A O   1 
ATOM   795  C CB  . MET A 1 100 ? 12.361  -10.586 2.146   1.00 14.38 ? 126 MET A CB  1 
ATOM   796  C CG  . MET A 1 100 ? 13.430  -10.108 3.119   1.00 17.13 ? 126 MET A CG  1 
ATOM   797  S SD  . MET A 1 100 ? 14.287  -11.482 3.935   1.00 21.55 ? 126 MET A SD  1 
ATOM   798  C CE  . MET A 1 100 ? 13.098  -11.910 5.190   1.00 22.05 ? 126 MET A CE  1 
ATOM   799  N N   . GLY A 1 101 ? 11.851  -12.173 -1.020  1.00 10.85 ? 127 GLY A N   1 
ATOM   800  C CA  . GLY A 1 101 ? 10.810  -12.749 -1.853  1.00 11.27 ? 127 GLY A CA  1 
ATOM   801  C C   . GLY A 1 101 ? 9.847   -11.781 -2.513  1.00 10.54 ? 127 GLY A C   1 
ATOM   802  O O   . GLY A 1 101 ? 8.885   -12.206 -3.149  1.00 11.18 ? 127 GLY A O   1 
ATOM   803  N N   . PHE A 1 102 ? 10.092  -10.483 -2.372  1.00 9.81  ? 128 PHE A N   1 
ATOM   804  C CA  . PHE A 1 102 ? 9.218   -9.491  -2.982  1.00 7.99  ? 128 PHE A CA  1 
ATOM   805  C C   . PHE A 1 102 ? 9.980   -8.679  -4.027  1.00 7.09  ? 128 PHE A C   1 
ATOM   806  O O   . PHE A 1 102 ? 10.665  -9.249  -4.877  1.00 7.89  ? 128 PHE A O   1 
ATOM   807  C CB  . PHE A 1 102 ? 8.625   -8.586  -1.898  1.00 8.01  ? 128 PHE A CB  1 
ATOM   808  C CG  . PHE A 1 102 ? 7.827   -9.335  -0.866  1.00 8.76  ? 128 PHE A CG  1 
ATOM   809  C CD1 . PHE A 1 102 ? 8.457   -9.937  0.221   1.00 9.32  ? 128 PHE A CD1 1 
ATOM   810  C CD2 . PHE A 1 102 ? 6.453   -9.492  -1.015  1.00 10.62 ? 128 PHE A CD2 1 
ATOM   811  C CE1 . PHE A 1 102 ? 7.726   -10.690 1.143   1.00 11.59 ? 128 PHE A CE1 1 
ATOM   812  C CE2 . PHE A 1 102 ? 5.713   -10.246 -0.097  1.00 10.91 ? 128 PHE A CE2 1 
ATOM   813  C CZ  . PHE A 1 102 ? 6.353   -10.844 0.981   1.00 9.77  ? 128 PHE A CZ  1 
ATOM   814  N N   . PHE A 1 103 ? 9.858   -7.358  -3.975  1.00 5.62  ? 129 PHE A N   1 
ATOM   815  C CA  . PHE A 1 103 ? 10.555  -6.500  -4.925  1.00 5.33  ? 129 PHE A CA  1 
ATOM   816  C C   . PHE A 1 103 ? 11.318  -5.442  -4.150  1.00 5.91  ? 129 PHE A C   1 
ATOM   817  O O   . PHE A 1 103 ? 10.925  -5.077  -3.042  1.00 6.12  ? 129 PHE A O   1 
ATOM   818  C CB  . PHE A 1 103 ? 9.563   -5.808  -5.865  1.00 5.53  ? 129 PHE A CB  1 
ATOM   819  C CG  . PHE A 1 103 ? 8.665   -6.752  -6.610  1.00 6.05  ? 129 PHE A CG  1 
ATOM   820  C CD1 . PHE A 1 103 ? 7.287   -6.548  -6.625  1.00 5.71  ? 129 PHE A CD1 1 
ATOM   821  C CD2 . PHE A 1 103 ? 9.192   -7.847  -7.291  1.00 5.09  ? 129 PHE A CD2 1 
ATOM   822  C CE1 . PHE A 1 103 ? 6.447   -7.421  -7.305  1.00 3.95  ? 129 PHE A CE1 1 
ATOM   823  C CE2 . PHE A 1 103 ? 8.356   -8.727  -7.977  1.00 5.98  ? 129 PHE A CE2 1 
ATOM   824  C CZ  . PHE A 1 103 ? 6.981   -8.513  -7.983  1.00 6.12  ? 129 PHE A CZ  1 
ATOM   825  N N   . ASP A 1 104 ? 12.409  -4.954  -4.728  1.00 6.08  ? 130 ASP A N   1 
ATOM   826  C CA  . ASP A 1 104 ? 13.199  -3.917  -4.077  1.00 5.60  ? 130 ASP A CA  1 
ATOM   827  C C   . ASP A 1 104 ? 12.466  -2.586  -4.176  1.00 6.96  ? 130 ASP A C   1 
ATOM   828  O O   . ASP A 1 104 ? 12.575  -1.733  -3.287  1.00 6.05  ? 130 ASP A O   1 
ATOM   829  C CB  . ASP A 1 104 ? 14.574  -3.814  -4.733  1.00 7.34  ? 130 ASP A CB  1 
ATOM   830  C CG  . ASP A 1 104 ? 15.510  -4.918  -4.283  1.00 8.77  ? 130 ASP A CG  1 
ATOM   831  O OD1 . ASP A 1 104 ? 16.489  -5.204  -5.004  1.00 8.87  ? 130 ASP A OD1 1 
ATOM   832  O OD2 . ASP A 1 104 ? 15.266  -5.490  -3.200  1.00 10.15 ? 130 ASP A OD2 1 
ATOM   833  N N   . ASN A 1 105 ? 11.717  -2.417  -5.262  1.00 5.39  ? 131 ASN A N   1 
ATOM   834  C CA  . ASN A 1 105 ? 10.948  -1.196  -5.480  1.00 6.17  ? 131 ASN A CA  1 
ATOM   835  C C   . ASN A 1 105 ? 9.705   -1.454  -6.334  1.00 6.13  ? 131 ASN A C   1 
ATOM   836  O O   . ASN A 1 105 ? 9.738   -1.265  -7.550  1.00 5.46  ? 131 ASN A O   1 
ATOM   837  C CB  . ASN A 1 105 ? 11.830  -0.135  -6.152  1.00 6.71  ? 131 ASN A CB  1 
ATOM   838  C CG  . ASN A 1 105 ? 11.091  1.168   -6.399  1.00 7.52  ? 131 ASN A CG  1 
ATOM   839  O OD1 . ASN A 1 105 ? 10.400  1.673   -5.516  1.00 6.28  ? 131 ASN A OD1 1 
ATOM   840  N ND2 . ASN A 1 105 ? 11.239  1.723   -7.602  1.00 8.83  ? 131 ASN A ND2 1 
ATOM   841  N N   . PHE A 1 106 ? 8.611   -1.899  -5.713  1.00 6.18  ? 132 PHE A N   1 
ATOM   842  C CA  . PHE A 1 106 ? 7.389   -2.138  -6.482  1.00 5.87  ? 132 PHE A CA  1 
ATOM   843  C C   . PHE A 1 106 ? 6.940   -0.773  -7.004  1.00 6.50  ? 132 PHE A C   1 
ATOM   844  O O   . PHE A 1 106 ? 7.160   0.242   -6.344  1.00 7.49  ? 132 PHE A O   1 
ATOM   845  C CB  . PHE A 1 106 ? 6.311   -2.830  -5.615  1.00 4.85  ? 132 PHE A CB  1 
ATOM   846  C CG  . PHE A 1 106 ? 5.599   -1.925  -4.640  1.00 4.41  ? 132 PHE A CG  1 
ATOM   847  C CD1 . PHE A 1 106 ? 4.381   -1.340  -4.977  1.00 5.06  ? 132 PHE A CD1 1 
ATOM   848  C CD2 . PHE A 1 106 ? 6.123   -1.695  -3.370  1.00 5.44  ? 132 PHE A CD2 1 
ATOM   849  C CE1 . PHE A 1 106 ? 3.686   -0.538  -4.054  1.00 6.00  ? 132 PHE A CE1 1 
ATOM   850  C CE2 . PHE A 1 106 ? 5.441   -0.900  -2.443  1.00 5.65  ? 132 PHE A CE2 1 
ATOM   851  C CZ  . PHE A 1 106 ? 4.218   -0.321  -2.789  1.00 4.12  ? 132 PHE A CZ  1 
ATOM   852  N N   . ARG A 1 107 ? 6.331   -0.733  -8.188  1.00 5.57  ? 133 ARG A N   1 
ATOM   853  C CA  . ARG A 1 107 ? 5.951   0.551   -8.768  1.00 6.16  ? 133 ARG A CA  1 
ATOM   854  C C   . ARG A 1 107 ? 4.480   0.821   -9.078  1.00 7.25  ? 133 ARG A C   1 
ATOM   855  O O   . ARG A 1 107 ? 4.145   1.880   -9.613  1.00 6.87  ? 133 ARG A O   1 
ATOM   856  C CB  . ARG A 1 107 ? 6.798   0.800   -10.017 1.00 9.16  ? 133 ARG A CB  1 
ATOM   857  C CG  . ARG A 1 107 ? 8.299   0.845   -9.734  1.00 11.03 ? 133 ARG A CG  1 
ATOM   858  C CD  . ARG A 1 107 ? 9.069   1.152   -11.005 1.00 13.84 ? 133 ARG A CD  1 
ATOM   859  N NE  . ARG A 1 107 ? 8.637   2.427   -11.567 1.00 17.77 ? 133 ARG A NE  1 
ATOM   860  C CZ  . ARG A 1 107 ? 8.764   2.769   -12.843 1.00 20.76 ? 133 ARG A CZ  1 
ATOM   861  N NH1 . ARG A 1 107 ? 9.313   1.926   -13.708 1.00 23.62 ? 133 ARG A NH1 1 
ATOM   862  N NH2 . ARG A 1 107 ? 8.332   3.952   -13.256 1.00 19.75 ? 133 ARG A NH2 1 
ATOM   863  N N   . SER A 1 108 ? 3.605   -0.125  -8.760  1.00 5.03  ? 134 SER A N   1 
ATOM   864  C CA  . SER A 1 108 ? 2.173   0.065   -8.970  1.00 5.22  ? 134 SER A CA  1 
ATOM   865  C C   . SER A 1 108 ? 1.451   -0.947  -8.097  1.00 6.16  ? 134 SER A C   1 
ATOM   866  O O   . SER A 1 108 ? 2.064   -1.899  -7.613  1.00 6.43  ? 134 SER A O   1 
ATOM   867  C CB  . SER A 1 108 ? 1.786   -0.103  -10.447 1.00 5.90  ? 134 SER A CB  1 
ATOM   868  O OG  . SER A 1 108 ? 2.155   -1.367  -10.962 1.00 7.13  ? 134 SER A OG  1 
ATOM   869  N N   . MET A 1 109 ? 0.154   -0.756  -7.888  1.00 5.14  ? 135 MET A N   1 
ATOM   870  C CA  . MET A 1 109 ? -0.566  -1.677  -7.021  1.00 5.43  ? 135 MET A CA  1 
ATOM   871  C C   . MET A 1 109 ? -2.073  -1.612  -7.170  1.00 4.97  ? 135 MET A C   1 
ATOM   872  O O   . MET A 1 109 ? -2.619  -0.686  -7.769  1.00 6.63  ? 135 MET A O   1 
ATOM   873  C CB  . MET A 1 109 ? -0.232  -1.352  -5.568  1.00 4.76  ? 135 MET A CB  1 
ATOM   874  C CG  . MET A 1 109 ? -0.546  0.109   -5.238  1.00 6.28  ? 135 MET A CG  1 
ATOM   875  S SD  . MET A 1 109 ? -0.595  0.538   -3.489  1.00 8.06  ? 135 MET A SD  1 
ATOM   876  C CE  . MET A 1 109 ? -2.250  0.000   -3.069  1.00 7.85  ? 135 MET A CE  1 
ATOM   877  N N   . VAL A 1 110 ? -2.737  -2.613  -6.608  1.00 6.05  ? 136 VAL A N   1 
ATOM   878  C CA  . VAL A 1 110 ? -4.185  -2.654  -6.599  1.00 6.26  ? 136 VAL A CA  1 
ATOM   879  C C   . VAL A 1 110 ? -4.607  -3.144  -5.220  1.00 7.17  ? 136 VAL A C   1 
ATOM   880  O O   . VAL A 1 110 ? -4.116  -4.163  -4.723  1.00 6.93  ? 136 VAL A O   1 
ATOM   881  C CB  . VAL A 1 110 ? -4.761  -3.574  -7.705  1.00 8.15  ? 136 VAL A CB  1 
ATOM   882  C CG1 . VAL A 1 110 ? -4.261  -4.997  -7.536  1.00 9.69  ? 136 VAL A CG1 1 
ATOM   883  C CG2 . VAL A 1 110 ? -6.280  -3.530  -7.653  1.00 10.30 ? 136 VAL A CG2 1 
ATOM   884  N N   . LEU A 1 111 ? -5.493  -2.386  -4.588  1.00 5.79  ? 137 LEU A N   1 
ATOM   885  C CA  . LEU A 1 111 ? -5.997  -2.719  -3.265  1.00 5.94  ? 137 LEU A CA  1 
ATOM   886  C C   . LEU A 1 111 ? -7.463  -3.100  -3.389  1.00 6.90  ? 137 LEU A C   1 
ATOM   887  O O   . LEU A 1 111 ? -8.293  -2.275  -3.770  1.00 6.56  ? 137 LEU A O   1 
ATOM   888  C CB  . LEU A 1 111 ? -5.854  -1.514  -2.332  1.00 5.94  ? 137 LEU A CB  1 
ATOM   889  C CG  . LEU A 1 111 ? -6.533  -1.583  -0.962  1.00 6.97  ? 137 LEU A CG  1 
ATOM   890  C CD1 . LEU A 1 111 ? -6.012  -2.778  -0.176  1.00 9.70  ? 137 LEU A CD1 1 
ATOM   891  C CD2 . LEU A 1 111 ? -6.268  -0.286  -0.206  1.00 9.43  ? 137 LEU A CD2 1 
ATOM   892  N N   . ASN A 1 112 ? -7.775  -4.354  -3.080  1.00 6.57  ? 138 ASN A N   1 
ATOM   893  C CA  . ASN A 1 112 ? -9.148  -4.838  -3.156  1.00 8.95  ? 138 ASN A CA  1 
ATOM   894  C C   . ASN A 1 112 ? -9.720  -5.061  -1.765  1.00 9.93  ? 138 ASN A C   1 
ATOM   895  O O   . ASN A 1 112 ? -8.974  -5.224  -0.797  1.00 9.84  ? 138 ASN A O   1 
ATOM   896  C CB  . ASN A 1 112 ? -9.203  -6.155  -3.933  1.00 11.87 ? 138 ASN A CB  1 
ATOM   897  C CG  . ASN A 1 112 ? -8.863  -5.982  -5.397  1.00 15.51 ? 138 ASN A CG  1 
ATOM   898  O OD1 . ASN A 1 112 ? -9.606  -5.350  -6.144  1.00 18.65 ? 138 ASN A OD1 1 
ATOM   899  N ND2 . ASN A 1 112 ? -7.732  -6.539  -5.814  1.00 17.56 ? 138 ASN A ND2 1 
ATOM   900  N N   . CYS A 1 113 ? -11.045 -5.049  -1.669  1.00 9.44  ? 139 CYS A N   1 
ATOM   901  C CA  . CYS A 1 113 ? -11.721 -5.289  -0.399  1.00 10.54 ? 139 CYS A CA  1 
ATOM   902  C C   . CYS A 1 113 ? -12.386 -6.651  -0.541  1.00 11.17 ? 139 CYS A C   1 
ATOM   903  O O   . CYS A 1 113 ? -12.829 -7.016  -1.633  1.00 10.56 ? 139 CYS A O   1 
ATOM   904  C CB  . CYS A 1 113 ? -12.780 -4.217  -0.125  1.00 11.34 ? 139 CYS A CB  1 
ATOM   905  S SG  . CYS A 1 113 ? -12.159 -2.501  -0.117  1.00 14.41 ? 139 CYS A SG  1 
ATOM   906  N N   . ILE A 1 114 ? -12.452 -7.406  0.552   1.00 10.16 ? 140 ILE A N   1 
ATOM   907  C CA  . ILE A 1 114 ? -13.052 -8.733  0.506   1.00 11.56 ? 140 ILE A CA  1 
ATOM   908  C C   . ILE A 1 114 ? -14.307 -8.863  1.356   1.00 12.80 ? 140 ILE A C   1 
ATOM   909  O O   . ILE A 1 114 ? -14.745 -7.846  1.934   1.00 12.98 ? 140 ILE A O   1 
ATOM   910  C CB  . ILE A 1 114 ? -12.054 -9.806  0.964   1.00 12.48 ? 140 ILE A CB  1 
ATOM   911  C CG1 . ILE A 1 114 ? -11.666 -9.563  2.425   1.00 13.42 ? 140 ILE A CG1 1 
ATOM   912  C CG2 . ILE A 1 114 ? -10.829 -9.788  0.059   1.00 13.99 ? 140 ILE A CG2 1 
ATOM   913  C CD1 . ILE A 1 114 ? -10.774 -10.636 3.015   1.00 14.16 ? 140 ILE A CD1 1 
ATOM   914  O OXT . ILE A 1 114 ? -14.834 -9.994  1.428   1.00 11.69 ? 140 ILE A OXT 1 
HETATM 915  O O   . HOH B 2 .   ? 12.082  4.078   3.629   1.00 6.79  ? 141 HOH A O   1 
HETATM 916  O O   . HOH B 2 .   ? 10.444  -2.583  -9.390  1.00 4.26  ? 142 HOH A O   1 
HETATM 917  O O   . HOH B 2 .   ? 8.542   0.802   -3.931  1.00 6.37  ? 143 HOH A O   1 
HETATM 918  O O   . HOH B 2 .   ? 8.164   2.803   -2.087  1.00 5.71  ? 144 HOH A O   1 
HETATM 919  O O   . HOH B 2 .   ? -12.192 3.327   1.546   1.00 8.63  ? 145 HOH A O   1 
HETATM 920  O O   . HOH B 2 .   ? -17.395 -10.480 2.188   1.00 8.61  ? 146 HOH A O   1 
HETATM 921  O O   . HOH B 2 .   ? 6.649   17.778  -2.913  1.00 10.58 ? 147 HOH A O   1 
HETATM 922  O O   . HOH B 2 .   ? 7.948   13.098  -2.520  1.00 7.71  ? 148 HOH A O   1 
HETATM 923  O O   . HOH B 2 .   ? 9.646   -0.385  -1.730  1.00 7.91  ? 149 HOH A O   1 
HETATM 924  O O   . HOH B 2 .   ? 9.270   -2.883  -2.954  1.00 6.74  ? 150 HOH A O   1 
HETATM 925  O O   . HOH B 2 .   ? -0.710  7.993   7.330   1.00 12.12 ? 151 HOH A O   1 
HETATM 926  O O   . HOH B 2 .   ? -13.307 7.347   14.751  1.00 13.66 ? 152 HOH A O   1 
HETATM 927  O O   . HOH B 2 .   ? -11.572 0.698   5.130   1.00 7.46  ? 153 HOH A O   1 
HETATM 928  O O   . HOH B 2 .   ? 13.048  -6.229  -7.249  1.00 11.72 ? 154 HOH A O   1 
HETATM 929  O O   . HOH B 2 .   ? 9.737   -9.832  4.945   1.00 10.74 ? 155 HOH A O   1 
HETATM 930  O O   . HOH B 2 .   ? -14.635 -5.160  2.516   1.00 11.47 ? 156 HOH A O   1 
HETATM 931  O O   . HOH B 2 .   ? -0.264  -13.051 2.477   1.00 11.32 ? 157 HOH A O   1 
HETATM 932  O O   . HOH B 2 .   ? -14.117 0.929   3.876   1.00 11.65 ? 158 HOH A O   1 
HETATM 933  O O   . HOH B 2 .   ? 9.307   -7.898  -13.010 1.00 11.48 ? 159 HOH A O   1 
HETATM 934  O O   . HOH B 2 .   ? -2.029  -6.054  9.367   1.00 9.25  ? 160 HOH A O   1 
HETATM 935  O O   . HOH B 2 .   ? 3.173   -12.217 5.619   1.00 16.71 ? 161 HOH A O   1 
HETATM 936  O O   . HOH B 2 .   ? 5.061   -12.676 -10.952 1.00 9.44  ? 162 HOH A O   1 
HETATM 937  O O   . HOH B 2 .   ? -1.104  7.100   -9.297  1.00 10.66 ? 163 HOH A O   1 
HETATM 938  O O   . HOH B 2 .   ? -18.246 3.855   8.752   1.00 12.47 ? 164 HOH A O   1 
HETATM 939  O O   . HOH B 2 .   ? 14.491  0.040   7.903   1.00 14.91 ? 165 HOH A O   1 
HETATM 940  O O   . HOH B 2 .   ? -11.606 3.205   -5.977  1.00 13.82 ? 166 HOH A O   1 
HETATM 941  O O   . HOH B 2 .   ? -1.019  -3.409  -17.412 1.00 12.28 ? 167 HOH A O   1 
HETATM 942  O O   . HOH B 2 .   ? 5.448   4.226   -9.720  1.00 11.51 ? 168 HOH A O   1 
HETATM 943  O O   . HOH B 2 .   ? 7.491   -11.241 7.155   1.00 20.04 ? 169 HOH A O   1 
HETATM 944  O O   . HOH B 2 .   ? -1.783  9.144   -7.599  1.00 14.65 ? 170 HOH A O   1 
HETATM 945  O O   . HOH B 2 .   ? -13.984 -12.364 2.309   1.00 10.87 ? 171 HOH A O   1 
HETATM 946  O O   . HOH B 2 .   ? 2.827   16.746  -8.504  1.00 15.45 ? 172 HOH A O   1 
HETATM 947  O O   . HOH B 2 .   ? 5.416   -10.984 -15.384 1.00 19.61 ? 173 HOH A O   1 
HETATM 948  O O   . HOH B 2 .   ? 11.268  9.168   5.197   1.00 18.63 ? 174 HOH A O   1 
HETATM 949  O O   . HOH B 2 .   ? 7.247   -4.582  14.634  1.00 13.12 ? 175 HOH A O   1 
HETATM 950  O O   . HOH B 2 .   ? -14.270 -0.233  1.285   1.00 18.46 ? 176 HOH A O   1 
HETATM 951  O O   . HOH B 2 .   ? -14.717 3.382   2.666   1.00 18.99 ? 177 HOH A O   1 
HETATM 952  O O   . HOH B 2 .   ? 2.710   -13.628 -4.164  1.00 13.19 ? 178 HOH A O   1 
HETATM 953  O O   . HOH B 2 .   ? -4.650  12.563  -5.382  1.00 13.61 ? 179 HOH A O   1 
HETATM 954  O O   . HOH B 2 .   ? 12.335  -7.907  -9.301  1.00 15.55 ? 180 HOH A O   1 
HETATM 955  O O   . HOH B 2 .   ? -6.411  14.737  13.310  1.00 15.52 ? 181 HOH A O   1 
HETATM 956  O O   . HOH B 2 .   ? 13.012  -7.066  8.965   1.00 14.72 ? 182 HOH A O   1 
HETATM 957  O O   . HOH B 2 .   ? 12.113  0.709   -2.255  1.00 14.96 ? 183 HOH A O   1 
HETATM 958  O O   . HOH B 2 .   ? -15.314 -2.976  14.973  1.00 21.77 ? 184 HOH A O   1 
HETATM 959  O O   . HOH B 2 .   ? -5.272  2.965   -13.415 1.00 16.38 ? 185 HOH A O   1 
HETATM 960  O O   . HOH B 2 .   ? -16.219 -2.610  11.772  1.00 22.39 ? 186 HOH A O   1 
HETATM 961  O O   . HOH B 2 .   ? -9.636  2.215   14.451  1.00 20.59 ? 187 HOH A O   1 
HETATM 962  O O   . HOH B 2 .   ? 5.589   2.931   13.109  1.00 16.40 ? 188 HOH A O   1 
HETATM 963  O O   . HOH B 2 .   ? 6.726   -5.084  -19.803 1.00 24.38 ? 189 HOH A O   1 
HETATM 964  O O   . HOH B 2 .   ? -0.778  5.604   8.717   1.00 12.15 ? 190 HOH A O   1 
HETATM 965  O O   . HOH B 2 .   ? 14.313  4.044   -8.823  1.00 21.70 ? 191 HOH A O   1 
HETATM 966  O O   . HOH B 2 .   ? 11.644  -10.569 -8.718  1.00 18.79 ? 192 HOH A O   1 
HETATM 967  O O   . HOH B 2 .   ? 13.116  -0.996  11.785  1.00 18.61 ? 193 HOH A O   1 
HETATM 968  O O   . HOH B 2 .   ? 10.268  7.461   9.208   1.00 20.74 ? 194 HOH A O   1 
HETATM 969  O O   . HOH B 2 .   ? -15.889 5.379   4.311   1.00 18.57 ? 195 HOH A O   1 
HETATM 970  O O   . HOH B 2 .   ? 9.968   13.745  -4.145  1.00 28.70 ? 196 HOH A O   1 
HETATM 971  O O   . HOH B 2 .   ? -4.164  10.299  -6.873  1.00 13.18 ? 197 HOH A O   1 
HETATM 972  O O   . HOH B 2 .   ? -9.481  -6.062  -8.784  1.00 21.18 ? 198 HOH A O   1 
HETATM 973  O O   . HOH B 2 .   ? 11.854  -1.590  -11.039 1.00 21.45 ? 199 HOH A O   1 
HETATM 974  O O   . HOH B 2 .   ? 2.478   -14.362 -10.194 1.00 20.62 ? 200 HOH A O   1 
HETATM 975  O O   . HOH B 2 .   ? -1.217  8.177   -11.823 1.00 22.52 ? 201 HOH A O   1 
HETATM 976  O O   . HOH B 2 .   ? 2.792   8.194   10.373  1.00 23.18 ? 202 HOH A O   1 
HETATM 977  O O   . HOH B 2 .   ? 1.359   -13.827 -7.059  1.00 28.06 ? 203 HOH A O   1 
HETATM 978  O O   . HOH B 2 .   ? 6.210   -9.496  -17.669 1.00 31.81 ? 204 HOH A O   1 
HETATM 979  O O   . HOH B 2 .   ? 3.008   1.135   -19.820 1.00 34.62 ? 205 HOH A O   1 
HETATM 980  O O   . HOH B 2 .   ? 3.159   -12.368 0.565   1.00 29.25 ? 206 HOH A O   1 
HETATM 981  O O   . HOH B 2 .   ? 9.736   -5.117  -18.653 1.00 28.68 ? 207 HOH A O   1 
HETATM 982  O O   . HOH B 2 .   ? -16.685 -6.475  0.231   1.00 20.96 ? 208 HOH A O   1 
HETATM 983  O O   . HOH B 2 .   ? -9.358  6.129   -12.105 1.00 26.42 ? 209 HOH A O   1 
HETATM 984  O O   . HOH B 2 .   ? 7.758   -12.010 4.442   1.00 25.77 ? 210 HOH A O   1 
HETATM 985  O O   . HOH B 2 .   ? -2.863  5.213   10.559  1.00 24.96 ? 211 HOH A O   1 
HETATM 986  O O   . HOH B 2 .   ? -9.865  15.973  15.559  1.00 31.14 ? 212 HOH A O   1 
HETATM 987  O O   . HOH B 2 .   ? 10.502  -10.843 7.481   1.00 23.63 ? 213 HOH A O   1 
HETATM 988  O O   . HOH B 2 .   ? 4.892   13.443  -8.242  1.00 28.03 ? 214 HOH A O   1 
HETATM 989  O O   . HOH B 2 .   ? -7.148  10.904  -8.761  1.00 34.08 ? 215 HOH A O   1 
HETATM 990  O O   . HOH B 2 .   ? -16.501 1.174   1.688   1.00 35.01 ? 216 HOH A O   1 
HETATM 991  O O   . HOH B 2 .   ? -9.666  9.144   -9.398  1.00 25.66 ? 217 HOH A O   1 
HETATM 992  O O   . HOH B 2 .   ? -1.097  3.219   12.356  1.00 30.18 ? 218 HOH A O   1 
HETATM 993  O O   . HOH B 2 .   ? -11.822 -9.293  -3.533  1.00 31.80 ? 219 HOH A O   1 
HETATM 994  O O   . HOH B 2 .   ? 20.237  -6.891  -6.780  1.00 28.31 ? 220 HOH A O   1 
HETATM 995  O O   . HOH B 2 .   ? -8.458  -3.131  11.219  1.00 15.27 ? 221 HOH A O   1 
HETATM 996  O O   . HOH B 2 .   ? 10.844  -11.653 -6.268  1.00 19.66 ? 222 HOH A O   1 
HETATM 997  O O   . HOH B 2 .   ? -12.419 -4.610  -4.306  1.00 19.82 ? 223 HOH A O   1 
HETATM 998  O O   . HOH B 2 .   ? 16.600  -3.814  1.197   1.00 35.93 ? 224 HOH A O   1 
HETATM 999  O O   . HOH B 2 .   ? -15.868 3.269   -0.266  1.00 41.25 ? 225 HOH A O   1 
HETATM 1000 O O   . HOH B 2 .   ? -5.413  -6.951  -4.552  1.00 28.41 ? 226 HOH A O   1 
HETATM 1001 O O   . HOH B 2 .   ? 0.779   6.272   -15.955 1.00 33.72 ? 227 HOH A O   1 
HETATM 1002 O O   . HOH B 2 .   ? 15.763  -7.036  9.196   1.00 29.24 ? 228 HOH A O   1 
HETATM 1003 O O   . HOH B 2 .   ? 10.603  8.209   -9.196  1.00 25.20 ? 229 HOH A O   1 
HETATM 1004 O O   . HOH B 2 .   ? -12.488 -14.057 0.850   1.00 27.51 ? 230 HOH A O   1 
HETATM 1005 O O   . HOH B 2 .   ? -8.941  -13.155 -0.779  1.00 37.15 ? 231 HOH A O   1 
HETATM 1006 O O   . HOH B 2 .   ? 16.896  -7.164  -1.835  1.00 10.54 ? 232 HOH A O   1 
HETATM 1007 O O   . HOH B 2 .   ? -13.561 -9.656  8.604   1.00 21.53 ? 233 HOH A O   1 
HETATM 1008 O O   . HOH B 2 .   ? 6.179   -10.013 8.792   1.00 24.07 ? 234 HOH A O   1 
HETATM 1009 O O   . HOH B 2 .   ? 8.501   15.287  -7.463  1.00 27.18 ? 235 HOH A O   1 
HETATM 1010 O O   . HOH B 2 .   ? 5.914   -13.383 -14.169 1.00 28.38 ? 236 HOH A O   1 
HETATM 1011 O O   . HOH B 2 .   ? 0.409   9.008   9.489   1.00 25.56 ? 237 HOH A O   1 
HETATM 1012 O O   . HOH B 2 .   ? 10.973  14.131  -7.396  1.00 32.23 ? 238 HOH A O   1 
HETATM 1013 O O   . HOH B 2 .   ? -10.937 -3.751  11.232  1.00 27.25 ? 239 HOH A O   1 
HETATM 1014 O O   . HOH B 2 .   ? 13.935  -3.736  2.838   1.00 34.27 ? 240 HOH A O   1 
HETATM 1015 O O   . HOH B 2 .   ? 18.502  -6.801  -4.813  1.00 29.55 ? 241 HOH A O   1 
HETATM 1016 O O   . HOH B 2 .   ? -12.408 -6.039  11.842  1.00 32.02 ? 242 HOH A O   1 
HETATM 1017 O O   . HOH B 2 .   ? 11.683  1.926   16.208  1.00 27.64 ? 243 HOH A O   1 
HETATM 1018 O O   . HOH B 2 .   ? 13.664  6.380   6.394   1.00 22.23 ? 244 HOH A O   1 
HETATM 1019 O O   . HOH B 2 .   ? 9.224   1.004   -16.685 1.00 31.59 ? 245 HOH A O   1 
HETATM 1020 O O   . HOH B 2 .   ? -17.701 6.177   7.805   1.00 26.06 ? 246 HOH A O   1 
HETATM 1021 O O   . HOH B 2 .   ? -14.989 -11.485 -0.908  1.00 31.34 ? 247 HOH A O   1 
HETATM 1022 O O   . HOH B 2 .   ? -6.056  5.796   14.989  1.00 30.43 ? 248 HOH A O   1 
HETATM 1023 O O   . HOH B 2 .   ? 17.679  -4.536  4.857   1.00 32.90 ? 249 HOH A O   1 
HETATM 1024 O O   . HOH B 2 .   ? 7.887   -13.010 -8.894  1.00 34.90 ? 250 HOH A O   1 
HETATM 1025 O O   . HOH B 2 .   ? -1.325  12.459  -8.579  1.00 31.75 ? 251 HOH A O   1 
HETATM 1026 O O   . HOH B 2 .   ? 7.300   -14.415 -1.835  1.00 33.58 ? 252 HOH A O   1 
HETATM 1027 O O   . HOH B 2 .   ? -8.973  -0.803  13.620  1.00 34.39 ? 253 HOH A O   1 
HETATM 1028 O O   . HOH B 2 .   ? 12.542  -5.564  -12.086 1.00 27.93 ? 254 HOH A O   1 
HETATM 1029 O O   . HOH B 2 .   ? 3.533   11.056  -18.226 1.00 44.65 ? 255 HOH A O   1 
HETATM 1030 O O   . HOH B 2 .   ? 7.079   0.752   17.858  1.00 35.28 ? 256 HOH A O   1 
HETATM 1031 O O   . HOH B 2 .   ? -0.897  -15.411 0.679   1.00 33.55 ? 257 HOH A O   1 
HETATM 1032 O O   . HOH B 2 .   ? 7.569   7.786   -10.492 1.00 35.64 ? 258 HOH A O   1 
HETATM 1033 O O   . HOH B 2 .   ? 9.960   -5.348  -14.316 1.00 33.62 ? 259 HOH A O   1 
HETATM 1034 O O   . HOH B 2 .   ? 8.884   4.137   15.025  1.00 33.30 ? 260 HOH A O   1 
HETATM 1035 O O   . HOH B 2 .   ? -13.657 4.778   14.711  1.00 39.57 ? 261 HOH A O   1 
HETATM 1036 O O   . HOH B 2 .   ? 0.908   -14.687 -1.126  1.00 33.52 ? 262 HOH A O   1 
HETATM 1037 O O   . HOH B 2 .   ? -0.959  -0.466  12.206  1.00 36.24 ? 263 HOH A O   1 
HETATM 1038 O O   . HOH B 2 .   ? 18.738  -11.683 -7.269  1.00 44.64 ? 264 HOH A O   1 
HETATM 1039 O O   . HOH B 2 .   ? -11.503 7.552   17.051  1.00 40.29 ? 265 HOH A O   1 
# 
